data_1IUK
# 
_entry.id   1IUK 
# 
_audit_conform.dict_name       mmcif_pdbx.dic 
_audit_conform.dict_version    5.380 
_audit_conform.dict_location   http://mmcif.pdb.org/dictionaries/ascii/mmcif_pdbx.dic 
# 
loop_
_database_2.database_id 
_database_2.database_code 
_database_2.pdbx_database_accession 
_database_2.pdbx_DOI 
PDB   1IUK         pdb_00001iuk 10.2210/pdb1iuk/pdb 
RCSB  RCSB005292   ?            ?                   
WWPDB D_1000005292 ?            ?                   
# 
loop_
_pdbx_database_related.db_name 
_pdbx_database_related.db_id 
_pdbx_database_related.details 
_pdbx_database_related.content_type 
PDB      1IUL           '1IUL contains cell-free ID.343 from Thermus thermophilus' unspecified 
TargetDB ttk003001466.1 .                                                          unspecified 
# 
_pdbx_database_status.status_code                     REL 
_pdbx_database_status.entry_id                        1IUK 
_pdbx_database_status.recvd_initial_deposition_date   2002-03-05 
_pdbx_database_status.deposit_site                    PDBJ 
_pdbx_database_status.process_site                    PDBJ 
_pdbx_database_status.status_code_sf                  REL 
_pdbx_database_status.SG_entry                        Y 
_pdbx_database_status.status_code_mr                  ? 
_pdbx_database_status.status_code_cs                  ? 
_pdbx_database_status.methods_development_category    ? 
_pdbx_database_status.pdb_format_compatible           Y 
_pdbx_database_status.status_code_nmr_data            ? 
# 
loop_
_audit_author.name 
_audit_author.pdbx_ordinal 
'Wada, T.'                                               1 
'Shirouzu, M.'                                           2 
'Park, S.-Y.'                                            3 
'Tame, J.R.'                                             4 
'Kuramitsu, S.'                                          5 
'Yokoyama, S.'                                           6 
'RIKEN Structural Genomics/Proteomics Initiative (RSGI)' 7 
# 
_citation.id                        primary 
_citation.title                     'Structure of a conserved CoA-binding protein synthesized by a cell-free system.' 
_citation.journal_abbrev            'Acta Crystallogr.,Sect.D' 
_citation.journal_volume            59 
_citation.page_first                1213 
_citation.page_last                 1218 
_citation.year                      2003 
_citation.journal_id_ASTM           ABCRE6 
_citation.country                   DK 
_citation.journal_id_ISSN           0907-4449 
_citation.journal_id_CSD            0766 
_citation.book_publisher            ? 
_citation.pdbx_database_id_PubMed   12832765 
_citation.pdbx_database_id_DOI      10.1107/S0907444903010515 
# 
loop_
_citation_author.citation_id 
_citation_author.name 
_citation_author.ordinal 
_citation_author.identifier_ORCID 
primary 'Wada, T.'      1  ? 
primary 'Shirouzu, M.'  2  ? 
primary 'Terada, T.'    3  ? 
primary 'Ishizuka, Y.'  4  ? 
primary 'Matsuda, T.'   5  ? 
primary 'Kigawa, T.'    6  ? 
primary 'Kuramitsu, S.' 7  ? 
primary 'Park, S.Y.'    8  ? 
primary 'Tame, J.R.'    9  ? 
primary 'Yokoyama, S.'  10 ? 
# 
_cell.entry_id           1IUK 
_cell.length_a           27.908 
_cell.length_b           64.581 
_cell.length_c           67.858 
_cell.angle_alpha        90.00 
_cell.angle_beta         90.00 
_cell.angle_gamma        90.00 
_cell.Z_PDB              4 
_cell.pdbx_unique_axis   ? 
_cell.length_a_esd       ? 
_cell.length_b_esd       ? 
_cell.length_c_esd       ? 
_cell.angle_alpha_esd    ? 
_cell.angle_beta_esd     ? 
_cell.angle_gamma_esd    ? 
# 
_symmetry.entry_id                         1IUK 
_symmetry.space_group_name_H-M             'P 21 21 21' 
_symmetry.pdbx_full_space_group_name_H-M   ? 
_symmetry.cell_setting                     ? 
_symmetry.Int_Tables_number                19 
_symmetry.space_group_name_Hall            ? 
# 
loop_
_entity.id 
_entity.type 
_entity.src_method 
_entity.pdbx_description 
_entity.formula_weight 
_entity.pdbx_number_of_molecules 
_entity.pdbx_ec 
_entity.pdbx_mutation 
_entity.pdbx_fragment 
_entity.details 
1 polymer man 'hypothetical protein TT1466' 15889.452 1  ? ? ? ? 
2 water   nat water                         18.015    85 ? ? ? ? 
# 
_entity_poly.entity_id                      1 
_entity_poly.type                           'polypeptide(L)' 
_entity_poly.nstd_linkage                   no 
_entity_poly.nstd_monomer                   no 
_entity_poly.pdbx_seq_one_letter_code       
;MNDQELRAYLSQAKTIAVLGAHKDPSRPAHYVPRYLREQGYRVLPVNPRFQGEELFGEEAVASLLDLKEPVDILDVFRPP
SALMDHLPEVLALRPGLVWLQSGIRHPEFEKALKEAGIPVVADRCLMVEHKRLFRGPLPL
;
_entity_poly.pdbx_seq_one_letter_code_can   
;MNDQELRAYLSQAKTIAVLGAHKDPSRPAHYVPRYLREQGYRVLPVNPRFQGEELFGEEAVASLLDLKEPVDILDVFRPP
SALMDHLPEVLALRPGLVWLQSGIRHPEFEKALKEAGIPVVADRCLMVEHKRLFRGPLPL
;
_entity_poly.pdbx_strand_id                 A 
_entity_poly.pdbx_target_identifier         ttk003001466.1 
# 
loop_
_entity_poly_seq.entity_id 
_entity_poly_seq.num 
_entity_poly_seq.mon_id 
_entity_poly_seq.hetero 
1 1   MET n 
1 2   ASN n 
1 3   ASP n 
1 4   GLN n 
1 5   GLU n 
1 6   LEU n 
1 7   ARG n 
1 8   ALA n 
1 9   TYR n 
1 10  LEU n 
1 11  SER n 
1 12  GLN n 
1 13  ALA n 
1 14  LYS n 
1 15  THR n 
1 16  ILE n 
1 17  ALA n 
1 18  VAL n 
1 19  LEU n 
1 20  GLY n 
1 21  ALA n 
1 22  HIS n 
1 23  LYS n 
1 24  ASP n 
1 25  PRO n 
1 26  SER n 
1 27  ARG n 
1 28  PRO n 
1 29  ALA n 
1 30  HIS n 
1 31  TYR n 
1 32  VAL n 
1 33  PRO n 
1 34  ARG n 
1 35  TYR n 
1 36  LEU n 
1 37  ARG n 
1 38  GLU n 
1 39  GLN n 
1 40  GLY n 
1 41  TYR n 
1 42  ARG n 
1 43  VAL n 
1 44  LEU n 
1 45  PRO n 
1 46  VAL n 
1 47  ASN n 
1 48  PRO n 
1 49  ARG n 
1 50  PHE n 
1 51  GLN n 
1 52  GLY n 
1 53  GLU n 
1 54  GLU n 
1 55  LEU n 
1 56  PHE n 
1 57  GLY n 
1 58  GLU n 
1 59  GLU n 
1 60  ALA n 
1 61  VAL n 
1 62  ALA n 
1 63  SER n 
1 64  LEU n 
1 65  LEU n 
1 66  ASP n 
1 67  LEU n 
1 68  LYS n 
1 69  GLU n 
1 70  PRO n 
1 71  VAL n 
1 72  ASP n 
1 73  ILE n 
1 74  LEU n 
1 75  ASP n 
1 76  VAL n 
1 77  PHE n 
1 78  ARG n 
1 79  PRO n 
1 80  PRO n 
1 81  SER n 
1 82  ALA n 
1 83  LEU n 
1 84  MET n 
1 85  ASP n 
1 86  HIS n 
1 87  LEU n 
1 88  PRO n 
1 89  GLU n 
1 90  VAL n 
1 91  LEU n 
1 92  ALA n 
1 93  LEU n 
1 94  ARG n 
1 95  PRO n 
1 96  GLY n 
1 97  LEU n 
1 98  VAL n 
1 99  TRP n 
1 100 LEU n 
1 101 GLN n 
1 102 SER n 
1 103 GLY n 
1 104 ILE n 
1 105 ARG n 
1 106 HIS n 
1 107 PRO n 
1 108 GLU n 
1 109 PHE n 
1 110 GLU n 
1 111 LYS n 
1 112 ALA n 
1 113 LEU n 
1 114 LYS n 
1 115 GLU n 
1 116 ALA n 
1 117 GLY n 
1 118 ILE n 
1 119 PRO n 
1 120 VAL n 
1 121 VAL n 
1 122 ALA n 
1 123 ASP n 
1 124 ARG n 
1 125 CYS n 
1 126 LEU n 
1 127 MET n 
1 128 VAL n 
1 129 GLU n 
1 130 HIS n 
1 131 LYS n 
1 132 ARG n 
1 133 LEU n 
1 134 PHE n 
1 135 ARG n 
1 136 GLY n 
1 137 PRO n 
1 138 LEU n 
1 139 PRO n 
1 140 LEU n 
# 
_entity_src_gen.entity_id                          1 
_entity_src_gen.pdbx_src_id                        1 
_entity_src_gen.pdbx_alt_source_flag               sample 
_entity_src_gen.pdbx_seq_type                      ? 
_entity_src_gen.pdbx_beg_seq_num                   ? 
_entity_src_gen.pdbx_end_seq_num                   ? 
_entity_src_gen.gene_src_common_name               ? 
_entity_src_gen.gene_src_genus                     Thermus 
_entity_src_gen.pdbx_gene_src_gene                 ? 
_entity_src_gen.gene_src_species                   ? 
_entity_src_gen.gene_src_strain                    ? 
_entity_src_gen.gene_src_tissue                    ? 
_entity_src_gen.gene_src_tissue_fraction           ? 
_entity_src_gen.gene_src_details                   ? 
_entity_src_gen.pdbx_gene_src_fragment             ? 
_entity_src_gen.pdbx_gene_src_scientific_name      'Thermus thermophilus' 
_entity_src_gen.pdbx_gene_src_ncbi_taxonomy_id     274 
_entity_src_gen.pdbx_gene_src_variant              ? 
_entity_src_gen.pdbx_gene_src_cell_line            ? 
_entity_src_gen.pdbx_gene_src_atcc                 ? 
_entity_src_gen.pdbx_gene_src_organ                ? 
_entity_src_gen.pdbx_gene_src_organelle            ? 
_entity_src_gen.pdbx_gene_src_cell                 ? 
_entity_src_gen.pdbx_gene_src_cellular_location    ? 
_entity_src_gen.host_org_common_name               ? 
_entity_src_gen.pdbx_host_org_scientific_name      'Escherichia coli' 
_entity_src_gen.pdbx_host_org_ncbi_taxonomy_id     562 
_entity_src_gen.host_org_genus                     Escherichia 
_entity_src_gen.pdbx_host_org_gene                 ? 
_entity_src_gen.pdbx_host_org_organ                ? 
_entity_src_gen.host_org_species                   ? 
_entity_src_gen.pdbx_host_org_tissue               ? 
_entity_src_gen.pdbx_host_org_tissue_fraction      ? 
_entity_src_gen.pdbx_host_org_strain               ? 
_entity_src_gen.pdbx_host_org_variant              ? 
_entity_src_gen.pdbx_host_org_cell_line            ? 
_entity_src_gen.pdbx_host_org_atcc                 ? 
_entity_src_gen.pdbx_host_org_culture_collection   ? 
_entity_src_gen.pdbx_host_org_cell                 ? 
_entity_src_gen.pdbx_host_org_organelle            ? 
_entity_src_gen.pdbx_host_org_cellular_location    ? 
_entity_src_gen.pdbx_host_org_vector_type          plasmid 
_entity_src_gen.pdbx_host_org_vector               ? 
_entity_src_gen.host_org_details                   ? 
_entity_src_gen.expression_system_id               ? 
_entity_src_gen.plasmid_name                       pET11b 
_entity_src_gen.plasmid_details                    ? 
_entity_src_gen.pdbx_description                   ? 
# 
_struct_ref.id                         1 
_struct_ref.db_code                    Q8GHJ5_THETH 
_struct_ref.db_name                    UNP 
_struct_ref.entity_id                  1 
_struct_ref.pdbx_db_accession          Q8GHJ5 
_struct_ref.pdbx_align_begin           1 
_struct_ref.pdbx_seq_one_letter_code   
;MNDQELRAYLSQAKTIAVLGAHKDPSRPAHYVPRYLREQGYRVLPVNPRFQGEELFGEEAVASLLDLKEPVDILDVFRPP
SALMDHLPEVLALRPGLVWLQSGIRHPEFEKALKEAGIPVVADRCLMVEHKRLFRGPLPL
;
_struct_ref.pdbx_db_isoform            ? 
# 
_struct_ref_seq.align_id                      1 
_struct_ref_seq.ref_id                        1 
_struct_ref_seq.pdbx_PDB_id_code              1IUK 
_struct_ref_seq.pdbx_strand_id                A 
_struct_ref_seq.seq_align_beg                 1 
_struct_ref_seq.pdbx_seq_align_beg_ins_code   ? 
_struct_ref_seq.seq_align_end                 140 
_struct_ref_seq.pdbx_seq_align_end_ins_code   ? 
_struct_ref_seq.pdbx_db_accession             Q8GHJ5 
_struct_ref_seq.db_align_beg                  1 
_struct_ref_seq.pdbx_db_align_beg_ins_code    ? 
_struct_ref_seq.db_align_end                  140 
_struct_ref_seq.pdbx_db_align_end_ins_code    ? 
_struct_ref_seq.pdbx_auth_seq_align_beg       1 
_struct_ref_seq.pdbx_auth_seq_align_end       140 
# 
loop_
_chem_comp.id 
_chem_comp.type 
_chem_comp.mon_nstd_flag 
_chem_comp.name 
_chem_comp.pdbx_synonyms 
_chem_comp.formula 
_chem_comp.formula_weight 
ALA 'L-peptide linking' y ALANINE         ? 'C3 H7 N O2'     89.093  
ARG 'L-peptide linking' y ARGININE        ? 'C6 H15 N4 O2 1' 175.209 
ASN 'L-peptide linking' y ASPARAGINE      ? 'C4 H8 N2 O3'    132.118 
ASP 'L-peptide linking' y 'ASPARTIC ACID' ? 'C4 H7 N O4'     133.103 
CYS 'L-peptide linking' y CYSTEINE        ? 'C3 H7 N O2 S'   121.158 
GLN 'L-peptide linking' y GLUTAMINE       ? 'C5 H10 N2 O3'   146.144 
GLU 'L-peptide linking' y 'GLUTAMIC ACID' ? 'C5 H9 N O4'     147.129 
GLY 'peptide linking'   y GLYCINE         ? 'C2 H5 N O2'     75.067  
HIS 'L-peptide linking' y HISTIDINE       ? 'C6 H10 N3 O2 1' 156.162 
HOH non-polymer         . WATER           ? 'H2 O'           18.015  
ILE 'L-peptide linking' y ISOLEUCINE      ? 'C6 H13 N O2'    131.173 
LEU 'L-peptide linking' y LEUCINE         ? 'C6 H13 N O2'    131.173 
LYS 'L-peptide linking' y LYSINE          ? 'C6 H15 N2 O2 1' 147.195 
MET 'L-peptide linking' y METHIONINE      ? 'C5 H11 N O2 S'  149.211 
PHE 'L-peptide linking' y PHENYLALANINE   ? 'C9 H11 N O2'    165.189 
PRO 'L-peptide linking' y PROLINE         ? 'C5 H9 N O2'     115.130 
SER 'L-peptide linking' y SERINE          ? 'C3 H7 N O3'     105.093 
THR 'L-peptide linking' y THREONINE       ? 'C4 H9 N O3'     119.119 
TRP 'L-peptide linking' y TRYPTOPHAN      ? 'C11 H12 N2 O2'  204.225 
TYR 'L-peptide linking' y TYROSINE        ? 'C9 H11 N O3'    181.189 
VAL 'L-peptide linking' y VALINE          ? 'C5 H11 N O2'    117.146 
# 
_exptl.entry_id          1IUK 
_exptl.method            'X-RAY DIFFRACTION' 
_exptl.crystals_number   1 
# 
_exptl_crystal.id                    1 
_exptl_crystal.density_meas          ? 
_exptl_crystal.density_percent_sol   35.67 
_exptl_crystal.density_Matthews      1.93 
_exptl_crystal.description           ? 
_exptl_crystal.F_000                 ? 
_exptl_crystal.preparation           ? 
# 
_exptl_crystal_grow.crystal_id      1 
_exptl_crystal_grow.method          ? 
_exptl_crystal_grow.pH              ? 
_exptl_crystal_grow.temp            293 
_exptl_crystal_grow.temp_details    ? 
_exptl_crystal_grow.pdbx_details    'PEG400, temperature 293K' 
_exptl_crystal_grow.pdbx_pH_range   . 
# 
_diffrn.id                     1 
_diffrn.ambient_temp           100 
_diffrn.ambient_temp_details   ? 
_diffrn.crystal_id             1 
# 
_diffrn_detector.diffrn_id              1 
_diffrn_detector.detector               'IMAGE PLATE' 
_diffrn_detector.type                   'RIGAKU RAXIS V' 
_diffrn_detector.pdbx_collection_date   2001-10-04 
_diffrn_detector.details                ? 
# 
_diffrn_radiation.diffrn_id                        1 
_diffrn_radiation.wavelength_id                    1 
_diffrn_radiation.pdbx_monochromatic_or_laue_m_l   M 
_diffrn_radiation.monochromator                    DIAMOND 
_diffrn_radiation.pdbx_diffrn_protocol             'SINGLE WAVELENGTH' 
_diffrn_radiation.pdbx_scattering_type             x-ray 
# 
_diffrn_radiation_wavelength.id           1 
_diffrn_radiation_wavelength.wavelength   1.02 
_diffrn_radiation_wavelength.wt           1.0 
# 
_diffrn_source.diffrn_id                   1 
_diffrn_source.source                      SYNCHROTRON 
_diffrn_source.type                        'SPRING-8 BEAMLINE BL45XU' 
_diffrn_source.pdbx_synchrotron_site       SPring-8 
_diffrn_source.pdbx_synchrotron_beamline   BL45XU 
_diffrn_source.pdbx_wavelength             1.02 
_diffrn_source.pdbx_wavelength_list        ? 
# 
_reflns.entry_id                     1IUK 
_reflns.observed_criterion_sigma_I   0.0 
_reflns.observed_criterion_sigma_F   ? 
_reflns.d_resolution_low             50 
_reflns.d_resolution_high            1.7 
_reflns.number_obs                   13461 
_reflns.number_all                   ? 
_reflns.percent_possible_obs         92.4 
_reflns.pdbx_Rmerge_I_obs            0.06 
_reflns.pdbx_Rsym_value              ? 
_reflns.pdbx_netI_over_sigmaI        14.3 
_reflns.B_iso_Wilson_estimate        19.6 
_reflns.pdbx_redundancy              2.6 
_reflns.R_free_details               ? 
_reflns.limit_h_max                  ? 
_reflns.limit_h_min                  ? 
_reflns.limit_k_max                  ? 
_reflns.limit_k_min                  ? 
_reflns.limit_l_max                  ? 
_reflns.limit_l_min                  ? 
_reflns.observed_criterion_F_max     ? 
_reflns.observed_criterion_F_min     ? 
_reflns.pdbx_ordinal                 1 
_reflns.pdbx_diffrn_id               1 
_reflns.pdbx_chi_squared             ? 
_reflns.pdbx_scaling_rejects         ? 
# 
_reflns_shell.d_res_high             1.70 
_reflns_shell.d_res_low              1.76 
_reflns_shell.percent_possible_obs   ? 
_reflns_shell.percent_possible_all   80.1 
_reflns_shell.Rmerge_I_obs           0.122 
_reflns_shell.meanI_over_sigI_obs    ? 
_reflns_shell.pdbx_Rsym_value        ? 
_reflns_shell.pdbx_redundancy        ? 
_reflns_shell.number_unique_all      ? 
_reflns_shell.pdbx_ordinal           1 
_reflns_shell.pdbx_diffrn_id         1 
_reflns_shell.number_measured_all    ? 
_reflns_shell.number_measured_obs    ? 
_reflns_shell.number_unique_obs      ? 
_reflns_shell.pdbx_chi_squared       ? 
# 
_refine.entry_id                                 1IUK 
_refine.ls_number_reflns_obs                     13445 
_refine.ls_number_reflns_all                     ? 
_refine.pdbx_ls_sigma_I                          ? 
_refine.pdbx_ls_sigma_F                          0.0 
_refine.pdbx_data_cutoff_high_absF               10000000.00 
_refine.pdbx_data_cutoff_low_absF                0.001000 
_refine.ls_d_res_low                             50.00 
_refine.ls_d_res_high                            1.70 
_refine.ls_percent_reflns_obs                    95.3 
_refine.ls_R_factor_obs                          0.234 
_refine.ls_R_factor_all                          ? 
_refine.ls_R_factor_R_work                       0.22 
_refine.ls_R_factor_R_free                       0.284 
_refine.ls_R_factor_R_free_error                 0.011 
_refine.ls_R_factor_R_free_error_details         ? 
_refine.ls_percent_reflns_R_free                 5.1 
_refine.ls_number_reflns_R_free                  682 
_refine.ls_number_parameters                     ? 
_refine.ls_number_restraints                     ? 
_refine.occupancy_min                            ? 
_refine.occupancy_max                            ? 
_refine.correlation_coeff_Fo_to_Fc               ? 
_refine.correlation_coeff_Fo_to_Fc_free          ? 
_refine.B_iso_mean                               23.7 
_refine.aniso_B[1][1]                            0.00 
_refine.aniso_B[2][2]                            0.00 
_refine.aniso_B[3][3]                            0.00 
_refine.aniso_B[1][2]                            0.00 
_refine.aniso_B[1][3]                            0.00 
_refine.aniso_B[2][3]                            0.00 
_refine.solvent_model_details                    ? 
_refine.solvent_model_param_ksol                 ? 
_refine.solvent_model_param_bsol                 ? 
_refine.pdbx_solvent_vdw_probe_radii             ? 
_refine.pdbx_solvent_ion_probe_radii             ? 
_refine.pdbx_solvent_shrinkage_radii             ? 
_refine.pdbx_ls_cross_valid_method               THROUGHOUT 
_refine.details                                  'BULK SOLVENT MODEL USED' 
_refine.pdbx_starting_model                      'PDB ENTRY 1IUL' 
_refine.pdbx_method_to_determine_struct          'MOLECULAR REPLACEMENT' 
_refine.pdbx_isotropic_thermal_model             RESTRAINED 
_refine.pdbx_stereochemistry_target_values       ? 
_refine.pdbx_stereochem_target_val_spec_case     ? 
_refine.pdbx_R_Free_selection_details            RANDOM 
_refine.pdbx_overall_ESU_R_Free                  ? 
_refine.overall_SU_B                             ? 
_refine.ls_redundancy_reflns_obs                 ? 
_refine.B_iso_min                                ? 
_refine.B_iso_max                                ? 
_refine.overall_SU_R_Cruickshank_DPI             ? 
_refine.overall_SU_R_free                        ? 
_refine.overall_SU_ML                            ? 
_refine.pdbx_overall_ESU_R                       ? 
_refine.pdbx_data_cutoff_high_rms_absF           ? 
_refine.pdbx_refine_id                           'X-RAY DIFFRACTION' 
_refine.pdbx_diffrn_id                           1 
_refine.pdbx_overall_phase_error                 ? 
_refine.ls_wR_factor_R_free                      ? 
_refine.ls_wR_factor_R_work                      ? 
_refine.overall_FOM_free_R_set                   ? 
_refine.overall_FOM_work_R_set                   ? 
_refine.pdbx_TLS_residual_ADP_flag               ? 
_refine.pdbx_overall_SU_R_free_Cruickshank_DPI   ? 
_refine.pdbx_overall_SU_R_Blow_DPI               ? 
_refine.pdbx_overall_SU_R_free_Blow_DPI          ? 
# 
_refine_analyze.entry_id                        1IUK 
_refine_analyze.Luzzati_coordinate_error_obs    0.24 
_refine_analyze.Luzzati_sigma_a_obs             0.26 
_refine_analyze.Luzzati_d_res_low_obs           5.00 
_refine_analyze.Luzzati_coordinate_error_free   0.27 
_refine_analyze.Luzzati_sigma_a_free            0.21 
_refine_analyze.Luzzati_d_res_low_free          ? 
_refine_analyze.number_disordered_residues      ? 
_refine_analyze.occupancy_sum_hydrogen          ? 
_refine_analyze.occupancy_sum_non_hydrogen      ? 
_refine_analyze.pdbx_Luzzati_d_res_high_obs     ? 
_refine_analyze.pdbx_refine_id                  'X-RAY DIFFRACTION' 
# 
_refine_hist.pdbx_refine_id                   'X-RAY DIFFRACTION' 
_refine_hist.cycle_id                         LAST 
_refine_hist.pdbx_number_atoms_protein        1089 
_refine_hist.pdbx_number_atoms_nucleic_acid   0 
_refine_hist.pdbx_number_atoms_ligand         0 
_refine_hist.number_atoms_solvent             85 
_refine_hist.number_atoms_total               1174 
_refine_hist.d_res_high                       1.70 
_refine_hist.d_res_low                        50.00 
# 
loop_
_refine_ls_restr.type 
_refine_ls_restr.dev_ideal 
_refine_ls_restr.dev_ideal_target 
_refine_ls_restr.weight 
_refine_ls_restr.number 
_refine_ls_restr.pdbx_refine_id 
_refine_ls_restr.pdbx_restraint_function 
x_bond_d                0.007 ?    ? ? 'X-RAY DIFFRACTION' ? 
x_bond_d_na             ?     ?    ? ? 'X-RAY DIFFRACTION' ? 
x_bond_d_prot           ?     ?    ? ? 'X-RAY DIFFRACTION' ? 
x_angle_d               ?     ?    ? ? 'X-RAY DIFFRACTION' ? 
x_angle_d_na            ?     ?    ? ? 'X-RAY DIFFRACTION' ? 
x_angle_d_prot          ?     ?    ? ? 'X-RAY DIFFRACTION' ? 
x_angle_deg             1.2   ?    ? ? 'X-RAY DIFFRACTION' ? 
x_angle_deg_na          ?     ?    ? ? 'X-RAY DIFFRACTION' ? 
x_angle_deg_prot        ?     ?    ? ? 'X-RAY DIFFRACTION' ? 
x_dihedral_angle_d      26.1  ?    ? ? 'X-RAY DIFFRACTION' ? 
x_dihedral_angle_d_na   ?     ?    ? ? 'X-RAY DIFFRACTION' ? 
x_dihedral_angle_d_prot ?     ?    ? ? 'X-RAY DIFFRACTION' ? 
x_improper_angle_d      0.81  ?    ? ? 'X-RAY DIFFRACTION' ? 
x_improper_angle_d_na   ?     ?    ? ? 'X-RAY DIFFRACTION' ? 
x_improper_angle_d_prot ?     ?    ? ? 'X-RAY DIFFRACTION' ? 
x_mcbond_it             1.91  1.50 ? ? 'X-RAY DIFFRACTION' ? 
x_mcangle_it            2.84  2.00 ? ? 'X-RAY DIFFRACTION' ? 
x_scbond_it             3.39  2.00 ? ? 'X-RAY DIFFRACTION' ? 
x_scangle_it            5.14  2.50 ? ? 'X-RAY DIFFRACTION' ? 
# 
_refine_ls_shell.pdbx_total_number_of_bins_used   6 
_refine_ls_shell.d_res_high                       1.70 
_refine_ls_shell.d_res_low                        1.81 
_refine_ls_shell.number_reflns_R_work             1980 
_refine_ls_shell.R_factor_R_work                  0.33 
_refine_ls_shell.percent_reflns_obs               90.8 
_refine_ls_shell.R_factor_R_free                  0.319 
_refine_ls_shell.R_factor_R_free_error            0.032 
_refine_ls_shell.percent_reflns_R_free            4.8 
_refine_ls_shell.number_reflns_R_free             100 
_refine_ls_shell.number_reflns_obs                ? 
_refine_ls_shell.redundancy_reflns_obs            ? 
_refine_ls_shell.number_reflns_all                ? 
_refine_ls_shell.pdbx_refine_id                   'X-RAY DIFFRACTION' 
_refine_ls_shell.R_factor_all                     ? 
# 
_struct.entry_id                  1IUK 
_struct.title                     'The structure of native ID.343 from Thermus thermophilus' 
_struct.pdbx_model_details        ? 
_struct.pdbx_CASP_flag            ? 
_struct.pdbx_model_type_details   ? 
# 
_struct_keywords.entry_id        1IUK 
_struct_keywords.pdbx_keywords   'STRUCTURAL GENOMICS, UNKNOWN FUNCTION' 
_struct_keywords.text            'STRUCTURAL GENOMICS, RIKEN Structural Genomics/Proteomics Initiative, RSGI, UNKNOWN FUNCTION' 
# 
loop_
_struct_asym.id 
_struct_asym.pdbx_blank_PDB_chainid_flag 
_struct_asym.pdbx_modified 
_struct_asym.entity_id 
_struct_asym.details 
A N N 1 ? 
B N N 2 ? 
# 
_struct_biol.id                    1 
_struct_biol.pdbx_parent_biol_id   ? 
_struct_biol.details               ? 
# 
loop_
_struct_conf.conf_type_id 
_struct_conf.id 
_struct_conf.pdbx_PDB_helix_id 
_struct_conf.beg_label_comp_id 
_struct_conf.beg_label_asym_id 
_struct_conf.beg_label_seq_id 
_struct_conf.pdbx_beg_PDB_ins_code 
_struct_conf.end_label_comp_id 
_struct_conf.end_label_asym_id 
_struct_conf.end_label_seq_id 
_struct_conf.pdbx_end_PDB_ins_code 
_struct_conf.beg_auth_comp_id 
_struct_conf.beg_auth_asym_id 
_struct_conf.beg_auth_seq_id 
_struct_conf.end_auth_comp_id 
_struct_conf.end_auth_asym_id 
_struct_conf.end_auth_seq_id 
_struct_conf.pdbx_PDB_helix_class 
_struct_conf.details 
_struct_conf.pdbx_PDB_helix_length 
HELX_P HELX_P1 1 ASN A 2   ? ALA A 13  ? ASN A 2   ALA A 13  1 ? 12 
HELX_P HELX_P2 2 ARG A 27  ? GLN A 39  ? ARG A 27  GLN A 39  1 ? 13 
HELX_P HELX_P3 3 ASN A 47  ? GLN A 51  ? ASN A 47  GLN A 51  5 ? 5  
HELX_P HELX_P4 4 SER A 63  ? LEU A 67  ? SER A 63  LEU A 67  5 ? 5  
HELX_P HELX_P5 5 PRO A 79  ? MET A 84  ? PRO A 79  MET A 84  1 ? 6  
HELX_P HELX_P6 6 HIS A 86  ? ARG A 94  ? HIS A 86  ARG A 94  1 ? 9  
HELX_P HELX_P7 7 HIS A 106 ? ALA A 116 ? HIS A 106 ALA A 116 1 ? 11 
HELX_P HELX_P8 8 CYS A 125 ? ARG A 135 ? CYS A 125 ARG A 135 1 ? 11 
# 
_struct_conf_type.id          HELX_P 
_struct_conf_type.criteria    ? 
_struct_conf_type.reference   ? 
# 
loop_
_struct_sheet.id 
_struct_sheet.type 
_struct_sheet.number_strands 
_struct_sheet.details 
A ? 5 ? 
B ? 2 ? 
# 
loop_
_struct_sheet_order.sheet_id 
_struct_sheet_order.range_id_1 
_struct_sheet_order.range_id_2 
_struct_sheet_order.offset 
_struct_sheet_order.sense 
A 1 2 ? parallel      
A 2 3 ? parallel      
A 3 4 ? parallel      
A 4 5 ? parallel      
B 1 2 ? anti-parallel 
# 
loop_
_struct_sheet_range.sheet_id 
_struct_sheet_range.id 
_struct_sheet_range.beg_label_comp_id 
_struct_sheet_range.beg_label_asym_id 
_struct_sheet_range.beg_label_seq_id 
_struct_sheet_range.pdbx_beg_PDB_ins_code 
_struct_sheet_range.end_label_comp_id 
_struct_sheet_range.end_label_asym_id 
_struct_sheet_range.end_label_seq_id 
_struct_sheet_range.pdbx_end_PDB_ins_code 
_struct_sheet_range.beg_auth_comp_id 
_struct_sheet_range.beg_auth_asym_id 
_struct_sheet_range.beg_auth_seq_id 
_struct_sheet_range.end_auth_comp_id 
_struct_sheet_range.end_auth_asym_id 
_struct_sheet_range.end_auth_seq_id 
A 1 ARG A 42  ? VAL A 46  ? ARG A 42  VAL A 46  
A 2 THR A 15  ? LEU A 19  ? THR A 15  LEU A 19  
A 3 ILE A 73  ? VAL A 76  ? ILE A 73  VAL A 76  
A 4 VAL A 98  ? LEU A 100 ? VAL A 98  LEU A 100 
A 5 VAL A 120 ? VAL A 121 ? VAL A 120 VAL A 121 
B 1 GLU A 54  ? LEU A 55  ? GLU A 54  LEU A 55  
B 2 GLU A 58  ? GLU A 59  ? GLU A 58  GLU A 59  
# 
loop_
_pdbx_struct_sheet_hbond.sheet_id 
_pdbx_struct_sheet_hbond.range_id_1 
_pdbx_struct_sheet_hbond.range_id_2 
_pdbx_struct_sheet_hbond.range_1_label_atom_id 
_pdbx_struct_sheet_hbond.range_1_label_comp_id 
_pdbx_struct_sheet_hbond.range_1_label_asym_id 
_pdbx_struct_sheet_hbond.range_1_label_seq_id 
_pdbx_struct_sheet_hbond.range_1_PDB_ins_code 
_pdbx_struct_sheet_hbond.range_1_auth_atom_id 
_pdbx_struct_sheet_hbond.range_1_auth_comp_id 
_pdbx_struct_sheet_hbond.range_1_auth_asym_id 
_pdbx_struct_sheet_hbond.range_1_auth_seq_id 
_pdbx_struct_sheet_hbond.range_2_label_atom_id 
_pdbx_struct_sheet_hbond.range_2_label_comp_id 
_pdbx_struct_sheet_hbond.range_2_label_asym_id 
_pdbx_struct_sheet_hbond.range_2_label_seq_id 
_pdbx_struct_sheet_hbond.range_2_PDB_ins_code 
_pdbx_struct_sheet_hbond.range_2_auth_atom_id 
_pdbx_struct_sheet_hbond.range_2_auth_comp_id 
_pdbx_struct_sheet_hbond.range_2_auth_asym_id 
_pdbx_struct_sheet_hbond.range_2_auth_seq_id 
A 1 2 O ARG A 42 ? O ARG A 42 N ILE A 16  ? N ILE A 16  
A 2 3 N ALA A 17 ? N ALA A 17 O ASP A 75  ? O ASP A 75  
A 3 4 N VAL A 76 ? N VAL A 76 O TRP A 99  ? O TRP A 99  
A 4 5 N VAL A 98 ? N VAL A 98 O VAL A 121 ? O VAL A 121 
B 1 2 N LEU A 55 ? N LEU A 55 O GLU A 58  ? O GLU A 58  
# 
_atom_sites.entry_id                    1IUK 
_atom_sites.fract_transf_matrix[1][1]   -0.02751405 
_atom_sites.fract_transf_matrix[1][2]   0.02290720 
_atom_sites.fract_transf_matrix[1][3]   0.00147306 
_atom_sites.fract_transf_matrix[2][1]   0.00991109 
_atom_sites.fract_transf_matrix[2][2]   0.01189565 
_atom_sites.fract_transf_matrix[2][3]   0.00013466 
_atom_sites.fract_transf_matrix[3][1]   -0.00038351 
_atom_sites.fract_transf_matrix[3][2]   0.00048620 
_atom_sites.fract_transf_matrix[3][3]   -0.01472398 
_atom_sites.fract_transf_vector[1]      0.249843 
_atom_sites.fract_transf_vector[2]      0.002503 
_atom_sites.fract_transf_vector[3]      0.265991 
# 
loop_
_atom_type.symbol 
C 
N 
O 
S 
# 
loop_
_atom_site.group_PDB 
_atom_site.id 
_atom_site.type_symbol 
_atom_site.label_atom_id 
_atom_site.label_alt_id 
_atom_site.label_comp_id 
_atom_site.label_asym_id 
_atom_site.label_entity_id 
_atom_site.label_seq_id 
_atom_site.pdbx_PDB_ins_code 
_atom_site.Cartn_x 
_atom_site.Cartn_y 
_atom_site.Cartn_z 
_atom_site.occupancy 
_atom_site.B_iso_or_equiv 
_atom_site.pdbx_formal_charge 
_atom_site.auth_seq_id 
_atom_site.auth_comp_id 
_atom_site.auth_asym_id 
_atom_site.auth_atom_id 
_atom_site.pdbx_PDB_model_num 
ATOM   1    N N   . MET A 1 1   ? 6.611   -3.539  -13.755 1.00 32.19 ? 1   MET A N   1 
ATOM   2    C CA  . MET A 1 1   ? 7.339   -4.769  -13.337 1.00 30.70 ? 1   MET A CA  1 
ATOM   3    C C   . MET A 1 1   ? 6.782   -5.987  -14.060 1.00 29.97 ? 1   MET A C   1 
ATOM   4    O O   . MET A 1 1   ? 5.568   -6.190  -14.079 1.00 30.26 ? 1   MET A O   1 
ATOM   5    C CB  . MET A 1 1   ? 7.190   -4.971  -11.825 1.00 30.23 ? 1   MET A CB  1 
ATOM   6    C CG  . MET A 1 1   ? 8.417   -5.547  -11.168 1.00 29.02 ? 1   MET A CG  1 
ATOM   7    S SD  . MET A 1 1   ? 8.368   -5.468  -9.378  1.00 28.74 ? 1   MET A SD  1 
ATOM   8    C CE  . MET A 1 1   ? 7.899   -3.802  -9.106  1.00 32.53 ? 1   MET A CE  1 
ATOM   9    N N   . ASN A 1 2   ? 7.651   -6.800  -14.658 1.00 28.95 ? 2   ASN A N   1 
ATOM   10   C CA  . ASN A 1 2   ? 7.153   -7.992  -15.339 1.00 29.15 ? 2   ASN A CA  1 
ATOM   11   C C   . ASN A 1 2   ? 6.680   -8.979  -14.270 1.00 26.33 ? 2   ASN A C   1 
ATOM   12   O O   . ASN A 1 2   ? 7.068   -8.868  -13.104 1.00 25.39 ? 2   ASN A O   1 
ATOM   13   C CB  . ASN A 1 2   ? 8.216   -8.592  -16.304 1.00 31.07 ? 2   ASN A CB  1 
ATOM   14   C CG  . ASN A 1 2   ? 9.253   -9.466  -15.617 1.00 32.17 ? 2   ASN A CG  1 
ATOM   15   O OD1 . ASN A 1 2   ? 10.450  -9.257  -15.778 1.00 38.64 ? 2   ASN A OD1 1 
ATOM   16   N ND2 . ASN A 1 2   ? 8.802   -10.462 -14.872 1.00 37.15 ? 2   ASN A ND2 1 
ATOM   17   N N   . ASP A 1 3   ? 5.823   -9.917  -14.656 1.00 23.02 ? 3   ASP A N   1 
ATOM   18   C CA  . ASP A 1 3   ? 5.262   -10.892 -13.721 1.00 24.64 ? 3   ASP A CA  1 
ATOM   19   C C   . ASP A 1 3   ? 6.264   -11.687 -12.899 1.00 22.62 ? 3   ASP A C   1 
ATOM   20   O O   . ASP A 1 3   ? 6.082   -11.863 -11.697 1.00 21.35 ? 3   ASP A O   1 
ATOM   21   C CB  . ASP A 1 3   ? 4.345   -11.859 -14.469 1.00 27.08 ? 3   ASP A CB  1 
ATOM   22   C CG  . ASP A 1 3   ? 3.054   -11.205 -14.914 1.00 30.93 ? 3   ASP A CG  1 
ATOM   23   O OD1 . ASP A 1 3   ? 2.612   -11.465 -16.054 1.00 36.18 ? 3   ASP A OD1 1 
ATOM   24   O OD2 . ASP A 1 3   ? 2.485   -10.426 -14.120 1.00 31.14 ? 3   ASP A OD2 1 
ATOM   25   N N   . GLN A 1 4   ? 7.305   -12.183 -13.562 1.00 25.93 ? 4   GLN A N   1 
ATOM   26   C CA  . GLN A 1 4   ? 8.369   -12.970 -12.921 1.00 26.14 ? 4   GLN A CA  1 
ATOM   27   C C   . GLN A 1 4   ? 8.963   -12.175 -11.764 1.00 22.87 ? 4   GLN A C   1 
ATOM   28   O O   . GLN A 1 4   ? 9.090   -12.669 -10.642 1.00 21.62 ? 4   GLN A O   1 
ATOM   29   C CB  . GLN A 1 4   ? 9.466   -13.276 -13.950 1.00 30.93 ? 4   GLN A CB  1 
ATOM   30   C CG  . GLN A 1 4   ? 10.220  -14.583 -13.747 1.00 42.52 ? 4   GLN A CG  1 
ATOM   31   C CD  . GLN A 1 4   ? 11.591  -14.589 -14.439 1.00 48.78 ? 4   GLN A CD  1 
ATOM   32   O OE1 . GLN A 1 4   ? 12.189  -13.531 -14.684 1.00 51.58 ? 4   GLN A OE1 1 
ATOM   33   N NE2 . GLN A 1 4   ? 12.092  -15.787 -14.751 1.00 51.09 ? 4   GLN A NE2 1 
ATOM   34   N N   . GLU A 1 5   ? 9.333   -10.932 -12.061 1.00 21.69 ? 5   GLU A N   1 
ATOM   35   C CA  . GLU A 1 5   ? 9.909   -10.042 -11.063 1.00 20.73 ? 5   GLU A CA  1 
ATOM   36   C C   . GLU A 1 5   ? 8.892   -9.626  -10.006 1.00 18.21 ? 5   GLU A C   1 
ATOM   37   O O   . GLU A 1 5   ? 9.204   -9.637  -8.815  1.00 17.46 ? 5   GLU A O   1 
ATOM   38   C CB  . GLU A 1 5   ? 10.487  -8.797  -11.727 1.00 21.76 ? 5   GLU A CB  1 
ATOM   39   C CG  . GLU A 1 5   ? 11.086  -7.829  -10.718 1.00 26.47 ? 5   GLU A CG  1 
ATOM   40   C CD  . GLU A 1 5   ? 11.894  -6.725  -11.369 1.00 30.98 ? 5   GLU A CD  1 
ATOM   41   O OE1 . GLU A 1 5   ? 12.298  -5.782  -10.647 1.00 29.49 ? 5   GLU A OE1 1 
ATOM   42   O OE2 . GLU A 1 5   ? 12.122  -6.805  -12.597 1.00 29.96 ? 5   GLU A OE2 1 
ATOM   43   N N   . LEU A 1 6   ? 7.683   -9.258  -10.430 1.00 15.43 ? 6   LEU A N   1 
ATOM   44   C CA  . LEU A 1 6   ? 6.639   -8.857  -9.496  1.00 14.46 ? 6   LEU A CA  1 
ATOM   45   C C   . LEU A 1 6   ? 6.295   -10.020 -8.566  1.00 16.50 ? 6   LEU A C   1 
ATOM   46   O O   . LEU A 1 6   ? 5.996   -9.819  -7.390  1.00 16.70 ? 6   LEU A O   1 
ATOM   47   C CB  . LEU A 1 6   ? 5.389   -8.400  -10.249 1.00 16.72 ? 6   LEU A CB  1 
ATOM   48   C CG  . LEU A 1 6   ? 4.267   -7.852  -9.362  1.00 17.62 ? 6   LEU A CG  1 
ATOM   49   C CD1 . LEU A 1 6   ? 4.824   -6.856  -8.357  1.00 19.12 ? 6   LEU A CD1 1 
ATOM   50   C CD2 . LEU A 1 6   ? 3.211   -7.199  -10.229 1.00 19.09 ? 6   LEU A CD2 1 
ATOM   51   N N   . ARG A 1 7   ? 6.345   -11.244 -9.080  1.00 18.12 ? 7   ARG A N   1 
ATOM   52   C CA  . ARG A 1 7   ? 6.063   -12.401 -8.235  1.00 18.79 ? 7   ARG A CA  1 
ATOM   53   C C   . ARG A 1 7   ? 7.158   -12.534 -7.174  1.00 19.42 ? 7   ARG A C   1 
ATOM   54   O O   . ARG A 1 7   ? 6.873   -12.696 -5.982  1.00 18.04 ? 7   ARG A O   1 
ATOM   55   C CB  . ARG A 1 7   ? 6.001   -13.676 -9.079  1.00 23.11 ? 7   ARG A CB  1 
ATOM   56   C CG  . ARG A 1 7   ? 5.382   -14.865 -8.359  1.00 32.33 ? 7   ARG A CG  1 
ATOM   57   C CD  . ARG A 1 7   ? 5.488   -16.139 -9.190  1.00 35.04 ? 7   ARG A CD  1 
ATOM   58   N NE  . ARG A 1 7   ? 5.584   -15.830 -10.612 1.00 37.87 ? 7   ARG A NE  1 
ATOM   59   C CZ  . ARG A 1 7   ? 4.543   -15.760 -11.432 1.00 38.71 ? 7   ARG A CZ  1 
ATOM   60   N NH1 . ARG A 1 7   ? 3.317   -15.981 -10.970 1.00 39.10 ? 7   ARG A NH1 1 
ATOM   61   N NH2 . ARG A 1 7   ? 4.729   -15.447 -12.709 1.00 38.36 ? 7   ARG A NH2 1 
ATOM   62   N N   . ALA A 1 8   ? 8.416   -12.456 -7.613  1.00 18.97 ? 8   ALA A N   1 
ATOM   63   C CA  . ALA A 1 8   ? 9.553   -12.568 -6.696  1.00 19.50 ? 8   ALA A CA  1 
ATOM   64   C C   . ALA A 1 8   ? 9.436   -11.490 -5.631  1.00 19.30 ? 8   ALA A C   1 
ATOM   65   O O   . ALA A 1 8   ? 9.727   -11.717 -4.453  1.00 21.61 ? 8   ALA A O   1 
ATOM   66   C CB  . ALA A 1 8   ? 10.875  -12.415 -7.463  1.00 20.30 ? 8   ALA A CB  1 
ATOM   67   N N   . TYR A 1 9   ? 8.991   -10.310 -6.050  1.00 20.06 ? 9   TYR A N   1 
ATOM   68   C CA  . TYR A 1 9   ? 8.838   -9.201  -5.131  1.00 16.39 ? 9   TYR A CA  1 
ATOM   69   C C   . TYR A 1 9   ? 7.738   -9.433  -4.083  1.00 17.95 ? 9   TYR A C   1 
ATOM   70   O O   . TYR A 1 9   ? 7.953   -9.256  -2.880  1.00 17.66 ? 9   TYR A O   1 
ATOM   71   C CB  . TYR A 1 9   ? 8.553   -7.910  -5.912  1.00 18.23 ? 9   TYR A CB  1 
ATOM   72   C CG  . TYR A 1 9   ? 8.749   -6.694  -5.047  1.00 21.48 ? 9   TYR A CG  1 
ATOM   73   C CD1 . TYR A 1 9   ? 7.893   -6.454  -3.976  1.00 21.59 ? 9   TYR A CD1 1 
ATOM   74   C CD2 . TYR A 1 9   ? 9.864   -5.866  -5.199  1.00 17.00 ? 9   TYR A CD2 1 
ATOM   75   C CE1 . TYR A 1 9   ? 8.147   -5.440  -3.066  1.00 24.38 ? 9   TYR A CE1 1 
ATOM   76   C CE2 . TYR A 1 9   ? 10.124  -4.844  -4.290  1.00 17.41 ? 9   TYR A CE2 1 
ATOM   77   C CZ  . TYR A 1 9   ? 9.264   -4.644  -3.221  1.00 18.30 ? 9   TYR A CZ  1 
ATOM   78   O OH  . TYR A 1 9   ? 9.512   -3.697  -2.259  1.00 18.39 ? 9   TYR A OH  1 
ATOM   79   N N   . LEU A 1 10  ? 6.552   -9.821  -4.535  1.00 17.61 ? 10  LEU A N   1 
ATOM   80   C CA  . LEU A 1 10  ? 5.447   -10.047 -3.614  1.00 15.48 ? 10  LEU A CA  1 
ATOM   81   C C   . LEU A 1 10  ? 5.668   -11.234 -2.681  1.00 14.60 ? 10  LEU A C   1 
ATOM   82   O O   . LEU A 1 10  ? 5.299   -11.179 -1.511  1.00 13.98 ? 10  LEU A O   1 
ATOM   83   C CB  . LEU A 1 10  ? 4.150   -10.252 -4.403  1.00 15.48 ? 10  LEU A CB  1 
ATOM   84   C CG  . LEU A 1 10  ? 3.700   -9.046  -5.231  1.00 20.43 ? 10  LEU A CG  1 
ATOM   85   C CD1 . LEU A 1 10  ? 2.426   -9.400  -5.974  1.00 20.87 ? 10  LEU A CD1 1 
ATOM   86   C CD2 . LEU A 1 10  ? 3.457   -7.839  -4.328  1.00 17.21 ? 10  LEU A CD2 1 
ATOM   87   N N   . SER A 1 11  ? 6.278   -12.306 -3.187  1.00 18.26 ? 11  SER A N   1 
ATOM   88   C CA  . SER A 1 11  ? 6.495   -13.494 -2.358  1.00 20.34 ? 11  SER A CA  1 
ATOM   89   C C   . SER A 1 11  ? 7.525   -13.275 -1.263  1.00 20.68 ? 11  SER A C   1 
ATOM   90   O O   . SER A 1 11  ? 7.443   -13.874 -0.190  1.00 23.04 ? 11  SER A O   1 
ATOM   91   C CB  . SER A 1 11  ? 6.895   -14.702 -3.223  1.00 21.18 ? 11  SER A CB  1 
ATOM   92   O OG  . SER A 1 11  ? 8.101   -14.475 -3.924  1.00 23.18 ? 11  SER A OG  1 
ATOM   93   N N   . GLN A 1 12  ? 8.483   -12.396 -1.522  1.00 19.61 ? 12  GLN A N   1 
ATOM   94   C CA  . GLN A 1 12  ? 9.517   -12.117 -0.547  1.00 20.49 ? 12  GLN A CA  1 
ATOM   95   C C   . GLN A 1 12  ? 9.082   -11.071 0.493   1.00 18.86 ? 12  GLN A C   1 
ATOM   96   O O   . GLN A 1 12  ? 9.544   -11.087 1.638   1.00 20.27 ? 12  GLN A O   1 
ATOM   97   C CB  . GLN A 1 12  ? 10.791  -11.672 -1.282  1.00 20.77 ? 12  GLN A CB  1 
ATOM   98   C CG  . GLN A 1 12  ? 12.046  -11.927 -0.492  1.00 27.27 ? 12  GLN A CG  1 
ATOM   99   C CD  . GLN A 1 12  ? 12.350  -10.772 0.432   1.00 33.23 ? 12  GLN A CD  1 
ATOM   100  O OE1 . GLN A 1 12  ? 12.167  -9.602  0.063   1.00 33.53 ? 12  GLN A OE1 1 
ATOM   101  N NE2 . GLN A 1 12  ? 12.801  -11.083 1.643   1.00 35.30 ? 12  GLN A NE2 1 
ATOM   102  N N   . ALA A 1 13  ? 8.174   -10.181 0.099   1.00 16.78 ? 13  ALA A N   1 
ATOM   103  C CA  . ALA A 1 13  ? 7.665   -9.123  0.978   1.00 15.55 ? 13  ALA A CA  1 
ATOM   104  C C   . ALA A 1 13  ? 6.957   -9.626  2.228   1.00 18.06 ? 13  ALA A C   1 
ATOM   105  O O   . ALA A 1 13  ? 6.337   -10.689 2.224   1.00 19.01 ? 13  ALA A O   1 
ATOM   106  C CB  . ALA A 1 13  ? 6.717   -8.212  0.189   1.00 14.51 ? 13  ALA A CB  1 
ATOM   107  N N   . LYS A 1 14  ? 7.053   -8.846  3.301   1.00 16.35 ? 14  LYS A N   1 
ATOM   108  C CA  . LYS A 1 14  ? 6.414   -9.176  4.560   1.00 16.53 ? 14  LYS A CA  1 
ATOM   109  C C   . LYS A 1 14  ? 5.451   -8.079  5.008   1.00 19.27 ? 14  LYS A C   1 
ATOM   110  O O   . LYS A 1 14  ? 4.278   -8.343  5.262   1.00 18.77 ? 14  LYS A O   1 
ATOM   111  C CB  . LYS A 1 14  ? 7.445   -9.370  5.675   1.00 14.75 ? 14  LYS A CB  1 
ATOM   112  C CG  . LYS A 1 14  ? 6.829   -9.172  7.063   1.00 17.60 ? 14  LYS A CG  1 
ATOM   113  C CD  . LYS A 1 14  ? 7.832   -9.278  8.187   1.00 22.08 ? 14  LYS A CD  1 
ATOM   114  C CE  . LYS A 1 14  ? 7.134   -9.468  9.529   1.00 25.38 ? 14  LYS A CE  1 
ATOM   115  N NZ  . LYS A 1 14  ? 7.955   -8.973  10.669  1.00 26.17 ? 14  LYS A NZ  1 
ATOM   116  N N   . THR A 1 15  ? 5.960   -6.851  5.117   1.00 18.01 ? 15  THR A N   1 
ATOM   117  C CA  . THR A 1 15  ? 5.163   -5.720  5.594   1.00 17.49 ? 15  THR A CA  1 
ATOM   118  C C   . THR A 1 15  ? 4.477   -4.879  4.513   1.00 16.62 ? 15  THR A C   1 
ATOM   119  O O   . THR A 1 15  ? 5.119   -4.386  3.573   1.00 15.01 ? 15  THR A O   1 
ATOM   120  C CB  . THR A 1 15  ? 6.032   -4.802  6.467   1.00 18.67 ? 15  THR A CB  1 
ATOM   121  O OG1 . THR A 1 15  ? 7.113   -4.298  5.684   1.00 25.55 ? 15  THR A OG1 1 
ATOM   122  C CG2 . THR A 1 15  ? 6.636   -5.581  7.611   1.00 17.39 ? 15  THR A CG2 1 
ATOM   123  N N   . ILE A 1 16  ? 3.164   -4.729  4.642   1.00 13.74 ? 16  ILE A N   1 
ATOM   124  C CA  . ILE A 1 16  ? 2.409   -3.928  3.690   1.00 13.34 ? 16  ILE A CA  1 
ATOM   125  C C   . ILE A 1 16  ? 1.678   -2.820  4.448   1.00 15.24 ? 16  ILE A C   1 
ATOM   126  O O   . ILE A 1 16  ? 0.801   -3.094  5.265   1.00 16.42 ? 16  ILE A O   1 
ATOM   127  C CB  . ILE A 1 16  ? 1.358   -4.772  2.925   1.00 15.34 ? 16  ILE A CB  1 
ATOM   128  C CG1 . ILE A 1 16  ? 2.037   -5.944  2.212   1.00 13.78 ? 16  ILE A CG1 1 
ATOM   129  C CG2 . ILE A 1 16  ? 0.614   -3.888  1.914   1.00 11.54 ? 16  ILE A CG2 1 
ATOM   130  C CD1 . ILE A 1 16  ? 1.100   -6.761  1.341   1.00 13.10 ? 16  ILE A CD1 1 
ATOM   131  N N   . ALA A 1 17  ? 2.059   -1.570  4.205   1.00 12.65 ? 17  ALA A N   1 
ATOM   132  C CA  . ALA A 1 17  ? 1.390   -0.453  4.856   1.00 12.36 ? 17  ALA A CA  1 
ATOM   133  C C   . ALA A 1 17  ? 0.239   -0.057  3.936   1.00 9.76  ? 17  ALA A C   1 
ATOM   134  O O   . ALA A 1 17  ? 0.416   0.059   2.734   1.00 11.82 ? 17  ALA A O   1 
ATOM   135  C CB  . ALA A 1 17  ? 2.365   0.734   5.043   1.00 11.65 ? 17  ALA A CB  1 
ATOM   136  N N   . VAL A 1 18  ? -0.947  0.130   4.506   1.00 12.28 ? 18  VAL A N   1 
ATOM   137  C CA  . VAL A 1 18  ? -2.118  0.505   3.724   1.00 11.35 ? 18  VAL A CA  1 
ATOM   138  C C   . VAL A 1 18  ? -2.445  1.971   3.983   1.00 10.06 ? 18  VAL A C   1 
ATOM   139  O O   . VAL A 1 18  ? -2.907  2.347   5.067   1.00 14.86 ? 18  VAL A O   1 
ATOM   140  C CB  . VAL A 1 18  ? -3.341  -0.382  4.099   1.00 13.84 ? 18  VAL A CB  1 
ATOM   141  C CG1 . VAL A 1 18  ? -4.568  0.047   3.302   1.00 13.39 ? 18  VAL A CG1 1 
ATOM   142  C CG2 . VAL A 1 18  ? -3.004  -1.866  3.842   1.00 12.19 ? 18  VAL A CG2 1 
ATOM   143  N N   . LEU A 1 19  ? -2.182  2.797   2.985   1.00 9.85  ? 19  LEU A N   1 
ATOM   144  C CA  . LEU A 1 19  ? -2.428  4.218   3.113   1.00 10.63 ? 19  LEU A CA  1 
ATOM   145  C C   . LEU A 1 19  ? -3.881  4.483   2.756   1.00 9.27  ? 19  LEU A C   1 
ATOM   146  O O   . LEU A 1 19  ? -4.292  4.316   1.602   1.00 11.42 ? 19  LEU A O   1 
ATOM   147  C CB  . LEU A 1 19  ? -1.489  4.993   2.186   1.00 9.98  ? 19  LEU A CB  1 
ATOM   148  C CG  . LEU A 1 19  ? -1.456  6.493   2.442   1.00 10.56 ? 19  LEU A CG  1 
ATOM   149  C CD1 . LEU A 1 19  ? -0.769  6.757   3.768   1.00 14.22 ? 19  LEU A CD1 1 
ATOM   150  C CD2 . LEU A 1 19  ? -0.752  7.179   1.293   1.00 12.53 ? 19  LEU A CD2 1 
ATOM   151  N N   . GLY A 1 20  ? -4.650  4.911   3.753   1.00 12.29 ? 20  GLY A N   1 
ATOM   152  C CA  . GLY A 1 20  ? -6.063  5.174   3.537   1.00 12.91 ? 20  GLY A CA  1 
ATOM   153  C C   . GLY A 1 20  ? -6.899  4.001   4.035   1.00 14.05 ? 20  GLY A C   1 
ATOM   154  O O   . GLY A 1 20  ? -8.049  3.842   3.620   1.00 16.33 ? 20  GLY A O   1 
ATOM   155  N N   . ALA A 1 21  ? -6.308  3.192   4.923   1.00 13.60 ? 21  ALA A N   1 
ATOM   156  C CA  . ALA A 1 21  ? -6.947  2.013   5.524   1.00 13.22 ? 21  ALA A CA  1 
ATOM   157  C C   . ALA A 1 21  ? -8.308  2.394   6.079   1.00 16.71 ? 21  ALA A C   1 
ATOM   158  O O   . ALA A 1 21  ? -8.432  3.418   6.748   1.00 14.49 ? 21  ALA A O   1 
ATOM   159  C CB  . ALA A 1 21  ? -6.082  1.469   6.642   1.00 12.29 ? 21  ALA A CB  1 
ATOM   160  N N   . HIS A 1 22  ? -9.319  1.560   5.829   1.00 16.92 ? 22  HIS A N   1 
ATOM   161  C CA  . HIS A 1 22  ? -10.674 1.865   6.281   1.00 16.97 ? 22  HIS A CA  1 
ATOM   162  C C   . HIS A 1 22  ? -11.271 0.836   7.238   1.00 18.76 ? 22  HIS A C   1 
ATOM   163  O O   . HIS A 1 22  ? -10.937 -0.341  7.185   1.00 18.40 ? 22  HIS A O   1 
ATOM   164  C CB  . HIS A 1 22  ? -11.592 2.031   5.073   1.00 13.34 ? 22  HIS A CB  1 
ATOM   165  C CG  . HIS A 1 22  ? -12.772 2.913   5.339   1.00 19.52 ? 22  HIS A CG  1 
ATOM   166  N ND1 . HIS A 1 22  ? -12.900 4.172   4.794   1.00 21.05 ? 22  HIS A ND1 1 
ATOM   167  C CD2 . HIS A 1 22  ? -13.858 2.732   6.125   1.00 15.28 ? 22  HIS A CD2 1 
ATOM   168  C CE1 . HIS A 1 22  ? -14.014 4.730   5.232   1.00 16.87 ? 22  HIS A CE1 1 
ATOM   169  N NE2 . HIS A 1 22  ? -14.614 3.876   6.042   1.00 22.17 ? 22  HIS A NE2 1 
ATOM   170  N N   . LYS A 1 23  ? -12.157 1.302   8.112   1.00 21.28 ? 23  LYS A N   1 
ATOM   171  C CA  . LYS A 1 23  ? -12.818 0.452   9.096   1.00 22.15 ? 23  LYS A CA  1 
ATOM   172  C C   . LYS A 1 23  ? -14.065 -0.238  8.512   1.00 22.93 ? 23  LYS A C   1 
ATOM   173  O O   . LYS A 1 23  ? -14.398 -1.363  8.891   1.00 23.50 ? 23  LYS A O   1 
ATOM   174  C CB  . LYS A 1 23  ? -13.222 1.298   10.308  1.00 25.62 ? 23  LYS A CB  1 
ATOM   175  C CG  . LYS A 1 23  ? -13.008 0.622   11.640  1.00 32.41 ? 23  LYS A CG  1 
ATOM   176  C CD  . LYS A 1 23  ? -13.983 -0.528  11.822  1.00 40.48 ? 23  LYS A CD  1 
ATOM   177  C CE  . LYS A 1 23  ? -13.302 -1.886  11.622  1.00 43.62 ? 23  LYS A CE  1 
ATOM   178  N NZ  . LYS A 1 23  ? -14.147 -2.845  10.843  1.00 41.55 ? 23  LYS A NZ  1 
ATOM   179  N N   . ASP A 1 24  ? -14.758 0.436   7.600   1.00 20.67 ? 24  ASP A N   1 
ATOM   180  C CA  . ASP A 1 24  ? -15.965 -0.132  6.992   1.00 21.74 ? 24  ASP A CA  1 
ATOM   181  C C   . ASP A 1 24  ? -15.610 -1.369  6.172   1.00 20.16 ? 24  ASP A C   1 
ATOM   182  O O   . ASP A 1 24  ? -14.834 -1.294  5.223   1.00 18.87 ? 24  ASP A O   1 
ATOM   183  C CB  . ASP A 1 24  ? -16.662 0.922   6.112   1.00 23.81 ? 24  ASP A CB  1 
ATOM   184  C CG  . ASP A 1 24  ? -17.954 0.410   5.478   1.00 30.96 ? 24  ASP A CG  1 
ATOM   185  O OD1 . ASP A 1 24  ? -18.673 1.219   4.847   1.00 31.93 ? 24  ASP A OD1 1 
ATOM   186  O OD2 . ASP A 1 24  ? -18.250 -0.800  5.603   1.00 34.10 ? 24  ASP A OD2 1 
ATOM   187  N N   . PRO A 1 25  ? -16.200 -2.526  6.518   1.00 19.89 ? 25  PRO A N   1 
ATOM   188  C CA  . PRO A 1 25  ? -15.943 -3.791  5.819   1.00 19.51 ? 25  PRO A CA  1 
ATOM   189  C C   . PRO A 1 25  ? -16.175 -3.819  4.311   1.00 19.58 ? 25  PRO A C   1 
ATOM   190  O O   . PRO A 1 25  ? -15.501 -4.554  3.578   1.00 20.69 ? 25  PRO A O   1 
ATOM   191  C CB  . PRO A 1 25  ? -16.842 -4.789  6.548   1.00 20.17 ? 25  PRO A CB  1 
ATOM   192  C CG  . PRO A 1 25  ? -17.139 -4.175  7.855   1.00 17.63 ? 25  PRO A CG  1 
ATOM   193  C CD  . PRO A 1 25  ? -17.155 -2.698  7.627   1.00 19.18 ? 25  PRO A CD  1 
ATOM   194  N N   . SER A 1 26  ? -17.126 -3.028  3.837   1.00 17.54 ? 26  SER A N   1 
ATOM   195  C CA  . SER A 1 26  ? -17.436 -3.018  2.417   1.00 20.00 ? 26  SER A CA  1 
ATOM   196  C C   . SER A 1 26  ? -16.432 -2.280  1.540   1.00 20.87 ? 26  SER A C   1 
ATOM   197  O O   . SER A 1 26  ? -16.466 -2.438  0.320   1.00 19.85 ? 26  SER A O   1 
ATOM   198  C CB  . SER A 1 26  ? -18.807 -2.402  2.200   1.00 22.94 ? 26  SER A CB  1 
ATOM   199  O OG  . SER A 1 26  ? -18.745 -1.012  2.452   1.00 26.25 ? 26  SER A OG  1 
ATOM   200  N N   . ARG A 1 27  ? -15.559 -1.470  2.146   1.00 20.21 ? 27  ARG A N   1 
ATOM   201  C CA  . ARG A 1 27  ? -14.575 -0.708  1.377   1.00 18.98 ? 27  ARG A CA  1 
ATOM   202  C C   . ARG A 1 27  ? -13.329 -1.507  1.001   1.00 16.76 ? 27  ARG A C   1 
ATOM   203  O O   . ARG A 1 27  ? -12.788 -2.255  1.822   1.00 15.95 ? 27  ARG A O   1 
ATOM   204  C CB  . ARG A 1 27  ? -14.125 0.546   2.148   1.00 20.42 ? 27  ARG A CB  1 
ATOM   205  C CG  . ARG A 1 27  ? -15.225 1.246   2.929   1.00 21.28 ? 27  ARG A CG  1 
ATOM   206  C CD  . ARG A 1 27  ? -16.232 1.900   2.000   1.00 21.19 ? 27  ARG A CD  1 
ATOM   207  N NE  . ARG A 1 27  ? -17.249 2.640   2.736   1.00 18.39 ? 27  ARG A NE  1 
ATOM   208  C CZ  . ARG A 1 27  ? -17.215 3.951   2.932   1.00 19.75 ? 27  ARG A CZ  1 
ATOM   209  N NH1 . ARG A 1 27  ? -18.182 4.549   3.615   1.00 16.93 ? 27  ARG A NH1 1 
ATOM   210  N NH2 . ARG A 1 27  ? -16.210 4.657   2.446   1.00 17.52 ? 27  ARG A NH2 1 
ATOM   211  N N   . PRO A 1 28  ? -12.872 -1.363  -0.254  1.00 15.01 ? 28  PRO A N   1 
ATOM   212  C CA  . PRO A 1 28  ? -11.681 -2.062  -0.748  1.00 16.27 ? 28  PRO A CA  1 
ATOM   213  C C   . PRO A 1 28  ? -10.499 -1.821  0.179   1.00 18.44 ? 28  PRO A C   1 
ATOM   214  O O   . PRO A 1 28  ? -9.651  -2.692  0.358   1.00 16.25 ? 28  PRO A O   1 
ATOM   215  C CB  . PRO A 1 28  ? -11.458 -1.458  -2.125  1.00 17.79 ? 28  PRO A CB  1 
ATOM   216  C CG  . PRO A 1 28  ? -12.812 -1.016  -2.551  1.00 15.55 ? 28  PRO A CG  1 
ATOM   217  C CD  . PRO A 1 28  ? -13.495 -0.546  -1.305  1.00 13.60 ? 28  PRO A CD  1 
ATOM   218  N N   . ALA A 1 29  ? -10.461 -0.622  0.761   1.00 21.13 ? 29  ALA A N   1 
ATOM   219  C CA  . ALA A 1 29  ? -9.411  -0.216  1.687   1.00 18.56 ? 29  ALA A CA  1 
ATOM   220  C C   . ALA A 1 29  ? -9.522  -1.007  2.980   1.00 19.67 ? 29  ALA A C   1 
ATOM   221  O O   . ALA A 1 29  ? -8.732  -0.823  3.908   1.00 15.79 ? 29  ALA A O   1 
ATOM   222  C CB  . ALA A 1 29  ? -9.506  1.287   1.978   1.00 19.13 ? 29  ALA A CB  1 
ATOM   223  N N   . HIS A 1 30  ? -10.531 -1.869  3.068   1.00 18.10 ? 30  HIS A N   1 
ATOM   224  C CA  . HIS A 1 30  ? -10.652 -2.693  4.251   1.00 16.09 ? 30  HIS A CA  1 
ATOM   225  C C   . HIS A 1 30  ? -10.547 -4.152  3.848   1.00 17.29 ? 30  HIS A C   1 
ATOM   226  O O   . HIS A 1 30  ? -9.749  -4.899  4.416   1.00 18.46 ? 30  HIS A O   1 
ATOM   227  C CB  . HIS A 1 30  ? -11.977 -2.486  4.976   1.00 15.56 ? 30  HIS A CB  1 
ATOM   228  C CG  . HIS A 1 30  ? -12.072 -3.272  6.242   1.00 15.35 ? 30  HIS A CG  1 
ATOM   229  N ND1 . HIS A 1 30  ? -11.786 -2.731  7.475   1.00 18.59 ? 30  HIS A ND1 1 
ATOM   230  C CD2 . HIS A 1 30  ? -12.316 -4.586  6.456   1.00 18.61 ? 30  HIS A CD2 1 
ATOM   231  C CE1 . HIS A 1 30  ? -11.848 -3.677  8.396   1.00 22.88 ? 30  HIS A CE1 1 
ATOM   232  N NE2 . HIS A 1 30  ? -12.168 -4.812  7.803   1.00 20.04 ? 30  HIS A NE2 1 
ATOM   233  N N   . TYR A 1 31  ? -11.324 -4.558  2.851   1.00 18.31 ? 31  TYR A N   1 
ATOM   234  C CA  . TYR A 1 31  ? -11.290 -5.961  2.456   1.00 18.62 ? 31  TYR A CA  1 
ATOM   235  C C   . TYR A 1 31  ? -10.048 -6.419  1.695   1.00 19.31 ? 31  TYR A C   1 
ATOM   236  O O   . TYR A 1 31  ? -9.695  -7.598  1.774   1.00 19.80 ? 31  TYR A O   1 
ATOM   237  C CB  . TYR A 1 31  ? -12.590 -6.360  1.724   1.00 16.70 ? 31  TYR A CB  1 
ATOM   238  C CG  . TYR A 1 31  ? -12.834 -5.789  0.351   1.00 14.21 ? 31  TYR A CG  1 
ATOM   239  C CD1 . TYR A 1 31  ? -12.117 -6.243  -0.754  1.00 10.16 ? 31  TYR A CD1 1 
ATOM   240  C CD2 . TYR A 1 31  ? -13.844 -4.839  0.142   1.00 13.00 ? 31  TYR A CD2 1 
ATOM   241  C CE1 . TYR A 1 31  ? -12.398 -5.770  -2.037  1.00 14.60 ? 31  TYR A CE1 1 
ATOM   242  C CE2 . TYR A 1 31  ? -14.132 -4.362  -1.136  1.00 15.15 ? 31  TYR A CE2 1 
ATOM   243  C CZ  . TYR A 1 31  ? -13.406 -4.829  -2.221  1.00 16.00 ? 31  TYR A CZ  1 
ATOM   244  O OH  . TYR A 1 31  ? -13.671 -4.350  -3.485  1.00 19.57 ? 31  TYR A OH  1 
ATOM   245  N N   . VAL A 1 32  ? -9.364  -5.519  0.985   1.00 17.15 ? 32  VAL A N   1 
ATOM   246  C CA  . VAL A 1 32  ? -8.144  -5.929  0.278   1.00 16.17 ? 32  VAL A CA  1 
ATOM   247  C C   . VAL A 1 32  ? -7.082  -6.206  1.356   1.00 18.33 ? 32  VAL A C   1 
ATOM   248  O O   . VAL A 1 32  ? -6.402  -7.243  1.336   1.00 21.74 ? 32  VAL A O   1 
ATOM   249  C CB  . VAL A 1 32  ? -7.674  -4.854  -0.728  1.00 14.33 ? 32  VAL A CB  1 
ATOM   250  C CG1 . VAL A 1 32  ? -6.254  -5.145  -1.184  1.00 10.82 ? 32  VAL A CG1 1 
ATOM   251  C CG2 . VAL A 1 32  ? -8.609  -4.831  -1.930  1.00 11.67 ? 32  VAL A CG2 1 
ATOM   252  N N   . PRO A 1 33  ? -6.913  -5.281  2.309   1.00 17.89 ? 33  PRO A N   1 
ATOM   253  C CA  . PRO A 1 33  ? -5.926  -5.511  3.373   1.00 18.19 ? 33  PRO A CA  1 
ATOM   254  C C   . PRO A 1 33  ? -6.243  -6.799  4.165   1.00 19.92 ? 33  PRO A C   1 
ATOM   255  O O   . PRO A 1 33  ? -5.346  -7.495  4.660   1.00 15.02 ? 33  PRO A O   1 
ATOM   256  C CB  . PRO A 1 33  ? -6.049  -4.260  4.246   1.00 17.63 ? 33  PRO A CB  1 
ATOM   257  C CG  . PRO A 1 33  ? -6.626  -3.228  3.342   1.00 18.76 ? 33  PRO A CG  1 
ATOM   258  C CD  . PRO A 1 33  ? -7.539  -3.951  2.418   1.00 15.57 ? 33  PRO A CD  1 
ATOM   259  N N   . ARG A 1 34  ? -7.533  -7.090  4.292   1.00 18.63 ? 34  ARG A N   1 
ATOM   260  C CA  . ARG A 1 34  ? -7.997  -8.274  5.000   1.00 21.01 ? 34  ARG A CA  1 
ATOM   261  C C   . ARG A 1 34  ? -7.471  -9.524  4.292   1.00 18.05 ? 34  ARG A C   1 
ATOM   262  O O   . ARG A 1 34  ? -6.932  -10.439 4.924   1.00 18.48 ? 34  ARG A O   1 
ATOM   263  C CB  . ARG A 1 34  ? -9.524  -8.292  5.019   1.00 22.77 ? 34  ARG A CB  1 
ATOM   264  C CG  . ARG A 1 34  ? -10.121 -8.626  6.361   1.00 28.58 ? 34  ARG A CG  1 
ATOM   265  C CD  . ARG A 1 34  ? -11.520 -9.197  6.195   1.00 28.01 ? 34  ARG A CD  1 
ATOM   266  N NE  . ARG A 1 34  ? -11.798 -10.214 7.200   1.00 30.95 ? 34  ARG A NE  1 
ATOM   267  C CZ  . ARG A 1 34  ? -12.156 -11.461 6.918   1.00 31.53 ? 34  ARG A CZ  1 
ATOM   268  N NH1 . ARG A 1 34  ? -12.281 -11.846 5.651   1.00 30.24 ? 34  ARG A NH1 1 
ATOM   269  N NH2 . ARG A 1 34  ? -12.384 -12.325 7.905   1.00 33.82 ? 34  ARG A NH2 1 
ATOM   270  N N   . TYR A 1 35  ? -7.638  -9.555  2.977   1.00 15.97 ? 35  TYR A N   1 
ATOM   271  C CA  . TYR A 1 35  ? -7.167  -10.670 2.170   1.00 19.34 ? 35  TYR A CA  1 
ATOM   272  C C   . TYR A 1 35  ? -5.655  -10.847 2.323   1.00 22.58 ? 35  TYR A C   1 
ATOM   273  O O   . TYR A 1 35  ? -5.154  -11.967 2.484   1.00 21.72 ? 35  TYR A O   1 
ATOM   274  C CB  . TYR A 1 35  ? -7.482  -10.420 0.699   1.00 20.32 ? 35  TYR A CB  1 
ATOM   275  C CG  . TYR A 1 35  ? -6.737  -11.339 -0.249  1.00 25.37 ? 35  TYR A CG  1 
ATOM   276  C CD1 . TYR A 1 35  ? -5.503  -10.974 -0.775  1.00 24.10 ? 35  TYR A CD1 1 
ATOM   277  C CD2 . TYR A 1 35  ? -7.274  -12.577 -0.622  1.00 26.44 ? 35  TYR A CD2 1 
ATOM   278  C CE1 . TYR A 1 35  ? -4.818  -11.815 -1.650  1.00 28.59 ? 35  TYR A CE1 1 
ATOM   279  C CE2 . TYR A 1 35  ? -6.597  -13.427 -1.495  1.00 26.30 ? 35  TYR A CE2 1 
ATOM   280  C CZ  . TYR A 1 35  ? -5.371  -13.042 -2.008  1.00 29.07 ? 35  TYR A CZ  1 
ATOM   281  O OH  . TYR A 1 35  ? -4.699  -13.861 -2.891  1.00 25.83 ? 35  TYR A OH  1 
ATOM   282  N N   . LEU A 1 36  ? -4.938  -9.725  2.259   1.00 19.96 ? 36  LEU A N   1 
ATOM   283  C CA  . LEU A 1 36  ? -3.482  -9.719  2.354   1.00 18.37 ? 36  LEU A CA  1 
ATOM   284  C C   . LEU A 1 36  ? -2.977  -10.302 3.658   1.00 18.90 ? 36  LEU A C   1 
ATOM   285  O O   . LEU A 1 36  ? -2.005  -11.056 3.665   1.00 21.08 ? 36  LEU A O   1 
ATOM   286  C CB  . LEU A 1 36  ? -2.962  -8.288  2.201   1.00 16.50 ? 36  LEU A CB  1 
ATOM   287  C CG  . LEU A 1 36  ? -2.476  -7.787  0.836   1.00 20.56 ? 36  LEU A CG  1 
ATOM   288  C CD1 . LEU A 1 36  ? -2.839  -8.715  -0.299  1.00 22.80 ? 36  LEU A CD1 1 
ATOM   289  C CD2 . LEU A 1 36  ? -3.049  -6.406  0.607   1.00 17.21 ? 36  LEU A CD2 1 
ATOM   290  N N   . ARG A 1 37  ? -3.625  -9.951  4.763   1.00 17.07 ? 37  ARG A N   1 
ATOM   291  C CA  . ARG A 1 37  ? -3.226  -10.467 6.064   1.00 19.81 ? 37  ARG A CA  1 
ATOM   292  C C   . ARG A 1 37  ? -3.366  -11.991 6.081   1.00 22.77 ? 37  ARG A C   1 
ATOM   293  O O   . ARG A 1 37  ? -2.570  -12.694 6.699   1.00 22.36 ? 37  ARG A O   1 
ATOM   294  C CB  . ARG A 1 37  ? -4.088  -9.853  7.157   1.00 16.99 ? 37  ARG A CB  1 
ATOM   295  C CG  . ARG A 1 37  ? -3.686  -10.231 8.564   1.00 22.86 ? 37  ARG A CG  1 
ATOM   296  C CD  . ARG A 1 37  ? -4.824  -9.909  9.525   1.00 26.90 ? 37  ARG A CD  1 
ATOM   297  N NE  . ARG A 1 37  ? -4.420  -9.957  10.928  1.00 31.52 ? 37  ARG A NE  1 
ATOM   298  C CZ  . ARG A 1 37  ? -5.239  -9.716  11.950  1.00 29.07 ? 37  ARG A CZ  1 
ATOM   299  N NH1 . ARG A 1 37  ? -6.513  -9.410  11.725  1.00 28.16 ? 37  ARG A NH1 1 
ATOM   300  N NH2 . ARG A 1 37  ? -4.783  -9.782  13.198  1.00 26.60 ? 37  ARG A NH2 1 
ATOM   301  N N   . GLU A 1 38  ? -4.390  -12.488 5.394   1.00 26.58 ? 38  GLU A N   1 
ATOM   302  C CA  . GLU A 1 38  ? -4.638  -13.922 5.309   1.00 27.77 ? 38  GLU A CA  1 
ATOM   303  C C   . GLU A 1 38  ? -3.494  -14.595 4.563   1.00 28.75 ? 38  GLU A C   1 
ATOM   304  O O   . GLU A 1 38  ? -3.081  -15.706 4.911   1.00 29.79 ? 38  GLU A O   1 
ATOM   305  C CB  . GLU A 1 38  ? -5.939  -14.182 4.562   1.00 26.63 ? 38  GLU A CB  1 
ATOM   306  C CG  . GLU A 1 38  ? -7.168  -13.688 5.280   1.00 29.05 ? 38  GLU A CG  1 
ATOM   307  C CD  . GLU A 1 38  ? -8.441  -14.092 4.565   1.00 29.34 ? 38  GLU A CD  1 
ATOM   308  O OE1 . GLU A 1 38  ? -9.512  -14.091 5.206   1.00 33.55 ? 38  GLU A OE1 1 
ATOM   309  O OE2 . GLU A 1 38  ? -8.378  -14.415 3.359   1.00 32.85 ? 38  GLU A OE2 1 
ATOM   310  N N   . GLN A 1 39  ? -2.986  -13.917 3.536   1.00 25.73 ? 39  GLN A N   1 
ATOM   311  C CA  . GLN A 1 39  ? -1.895  -14.453 2.735   1.00 23.33 ? 39  GLN A CA  1 
ATOM   312  C C   . GLN A 1 39  ? -0.537  -14.373 3.426   1.00 22.52 ? 39  GLN A C   1 
ATOM   313  O O   . GLN A 1 39  ? 0.503   -14.530 2.782   1.00 25.58 ? 39  GLN A O   1 
ATOM   314  C CB  . GLN A 1 39  ? -1.842  -13.741 1.388   1.00 23.63 ? 39  GLN A CB  1 
ATOM   315  C CG  . GLN A 1 39  ? -3.185  -13.674 0.686   1.00 29.68 ? 39  GLN A CG  1 
ATOM   316  C CD  . GLN A 1 39  ? -3.994  -14.941 0.862   1.00 35.65 ? 39  GLN A CD  1 
ATOM   317  O OE1 . GLN A 1 39  ? -3.677  -15.974 0.276   1.00 35.91 ? 39  GLN A OE1 1 
ATOM   318  N NE2 . GLN A 1 39  ? -5.046  -14.868 1.677   1.00 38.74 ? 39  GLN A NE2 1 
ATOM   319  N N   . GLY A 1 40  ? -0.543  -14.115 4.729   1.00 20.19 ? 40  GLY A N   1 
ATOM   320  C CA  . GLY A 1 40  ? 0.699   -14.069 5.482   1.00 24.45 ? 40  GLY A CA  1 
ATOM   321  C C   . GLY A 1 40  ? 1.496   -12.777 5.557   1.00 23.81 ? 40  GLY A C   1 
ATOM   322  O O   . GLY A 1 40  ? 2.656   -12.797 5.964   1.00 27.96 ? 40  GLY A O   1 
ATOM   323  N N   . TYR A 1 41  ? 0.898   -11.658 5.166   1.00 21.86 ? 41  TYR A N   1 
ATOM   324  C CA  . TYR A 1 41  ? 1.591   -10.372 5.219   1.00 19.39 ? 41  TYR A CA  1 
ATOM   325  C C   . TYR A 1 41  ? 1.272   -9.667  6.531   1.00 20.64 ? 41  TYR A C   1 
ATOM   326  O O   . TYR A 1 41  ? 0.247   -9.942  7.156   1.00 18.57 ? 41  TYR A O   1 
ATOM   327  C CB  . TYR A 1 41  ? 1.126   -9.462  4.080   1.00 15.87 ? 41  TYR A CB  1 
ATOM   328  C CG  . TYR A 1 41  ? 1.518   -9.919  2.704   1.00 15.59 ? 41  TYR A CG  1 
ATOM   329  C CD1 . TYR A 1 41  ? 0.564   -10.422 1.824   1.00 15.20 ? 41  TYR A CD1 1 
ATOM   330  C CD2 . TYR A 1 41  ? 2.846   -9.854  2.273   1.00 17.16 ? 41  TYR A CD2 1 
ATOM   331  C CE1 . TYR A 1 41  ? 0.914   -10.850 0.561   1.00 14.27 ? 41  TYR A CE1 1 
ATOM   332  C CE2 . TYR A 1 41  ? 3.209   -10.281 1.000   1.00 13.95 ? 41  TYR A CE2 1 
ATOM   333  C CZ  . TYR A 1 41  ? 2.236   -10.780 0.148   1.00 15.32 ? 41  TYR A CZ  1 
ATOM   334  O OH  . TYR A 1 41  ? 2.570   -11.212 -1.113  1.00 14.52 ? 41  TYR A OH  1 
ATOM   335  N N   . ARG A 1 42  ? 2.154   -8.765  6.951   1.00 18.27 ? 42  ARG A N   1 
ATOM   336  C CA  . ARG A 1 42  ? 1.901   -7.986  8.145   1.00 16.79 ? 42  ARG A CA  1 
ATOM   337  C C   . ARG A 1 42  ? 1.374   -6.684  7.568   1.00 18.86 ? 42  ARG A C   1 
ATOM   338  O O   . ARG A 1 42  ? 2.107   -5.951  6.905   1.00 20.43 ? 42  ARG A O   1 
ATOM   339  C CB  . ARG A 1 42  ? 3.180   -7.717  8.930   1.00 19.99 ? 42  ARG A CB  1 
ATOM   340  C CG  . ARG A 1 42  ? 2.961   -6.712  10.054  1.00 28.85 ? 42  ARG A CG  1 
ATOM   341  C CD  . ARG A 1 42  ? 4.205   -6.514  10.904  1.00 36.51 ? 42  ARG A CD  1 
ATOM   342  N NE  . ARG A 1 42  ? 3.836   -6.308  12.300  1.00 43.94 ? 42  ARG A NE  1 
ATOM   343  C CZ  . ARG A 1 42  ? 3.849   -7.269  13.215  1.00 48.11 ? 42  ARG A CZ  1 
ATOM   344  N NH1 . ARG A 1 42  ? 4.219   -8.500  12.870  1.00 48.36 ? 42  ARG A NH1 1 
ATOM   345  N NH2 . ARG A 1 42  ? 3.473   -7.009  14.465  1.00 49.80 ? 42  ARG A NH2 1 
ATOM   346  N N   . VAL A 1 43  ? 0.091   -6.417  7.778   1.00 19.71 ? 43  VAL A N   1 
ATOM   347  C CA  . VAL A 1 43  ? -0.525  -5.210  7.246   1.00 17.77 ? 43  VAL A CA  1 
ATOM   348  C C   . VAL A 1 43  ? -0.567  -4.146  8.332   1.00 18.59 ? 43  VAL A C   1 
ATOM   349  O O   . VAL A 1 43  ? -1.037  -4.382  9.454   1.00 17.44 ? 43  VAL A O   1 
ATOM   350  C CB  . VAL A 1 43  ? -1.951  -5.497  6.714   1.00 19.22 ? 43  VAL A CB  1 
ATOM   351  C CG1 . VAL A 1 43  ? -1.895  -6.553  5.628   1.00 17.84 ? 43  VAL A CG1 1 
ATOM   352  C CG2 . VAL A 1 43  ? -2.844  -5.966  7.836   1.00 24.63 ? 43  VAL A CG2 1 
ATOM   353  N N   . LEU A 1 44  ? -0.045  -2.972  7.986   1.00 18.20 ? 44  LEU A N   1 
ATOM   354  C CA  . LEU A 1 44  ? 0.022   -1.843  8.901   1.00 15.71 ? 44  LEU A CA  1 
ATOM   355  C C   . LEU A 1 44  ? -0.911  -0.751  8.410   1.00 15.13 ? 44  LEU A C   1 
ATOM   356  O O   . LEU A 1 44  ? -0.631  -0.084  7.410   1.00 14.50 ? 44  LEU A O   1 
ATOM   357  C CB  . LEU A 1 44  ? 1.459   -1.327  8.965   1.00 18.67 ? 44  LEU A CB  1 
ATOM   358  C CG  . LEU A 1 44  ? 2.506   -2.402  9.259   1.00 16.81 ? 44  LEU A CG  1 
ATOM   359  C CD1 . LEU A 1 44  ? 3.911   -1.814  9.130   1.00 20.55 ? 44  LEU A CD1 1 
ATOM   360  C CD2 . LEU A 1 44  ? 2.269   -2.968  10.653  1.00 19.31 ? 44  LEU A CD2 1 
ATOM   361  N N   . PRO A 1 45  ? -2.051  -0.566  9.097   1.00 17.13 ? 45  PRO A N   1 
ATOM   362  C CA  . PRO A 1 45  ? -3.015  0.464   8.692   1.00 15.09 ? 45  PRO A CA  1 
ATOM   363  C C   . PRO A 1 45  ? -2.577  1.909   8.988   1.00 12.40 ? 45  PRO A C   1 
ATOM   364  O O   . PRO A 1 45  ? -2.146  2.226   10.099  1.00 10.81 ? 45  PRO A O   1 
ATOM   365  C CB  . PRO A 1 45  ? -4.280  0.076   9.459   1.00 17.09 ? 45  PRO A CB  1 
ATOM   366  C CG  . PRO A 1 45  ? -3.743  -0.537  10.738  1.00 16.60 ? 45  PRO A CG  1 
ATOM   367  C CD  . PRO A 1 45  ? -2.515  -1.315  10.284  1.00 17.29 ? 45  PRO A CD  1 
ATOM   368  N N   . VAL A 1 46  ? -2.686  2.771   7.983   1.00 11.81 ? 46  VAL A N   1 
ATOM   369  C CA  . VAL A 1 46  ? -2.342  4.183   8.152   1.00 13.50 ? 46  VAL A CA  1 
ATOM   370  C C   . VAL A 1 46  ? -3.497  5.046   7.631   1.00 10.72 ? 46  VAL A C   1 
ATOM   371  O O   . VAL A 1 46  ? -3.837  5.003   6.458   1.00 11.85 ? 46  VAL A O   1 
ATOM   372  C CB  . VAL A 1 46  ? -1.038  4.567   7.393   1.00 15.65 ? 46  VAL A CB  1 
ATOM   373  C CG1 . VAL A 1 46  ? -0.679  6.027   7.685   1.00 13.65 ? 46  VAL A CG1 1 
ATOM   374  C CG2 . VAL A 1 46  ? 0.114   3.669   7.822   1.00 14.16 ? 46  VAL A CG2 1 
ATOM   375  N N   . ASN A 1 47  ? -4.102  5.817   8.523   1.00 13.83 ? 47  ASN A N   1 
ATOM   376  C CA  . ASN A 1 47  ? -5.208  6.696   8.163   1.00 14.62 ? 47  ASN A CA  1 
ATOM   377  C C   . ASN A 1 47  ? -5.529  7.547   9.371   1.00 13.45 ? 47  ASN A C   1 
ATOM   378  O O   . ASN A 1 47  ? -5.963  7.040   10.406  1.00 15.70 ? 47  ASN A O   1 
ATOM   379  C CB  . ASN A 1 47  ? -6.455  5.896   7.763   1.00 12.85 ? 47  ASN A CB  1 
ATOM   380  C CG  . ASN A 1 47  ? -7.471  6.740   7.008   1.00 17.24 ? 47  ASN A CG  1 
ATOM   381  O OD1 . ASN A 1 47  ? -7.462  7.968   7.100   1.00 15.51 ? 47  ASN A OD1 1 
ATOM   382  N ND2 . ASN A 1 47  ? -8.354  6.084   6.264   1.00 12.91 ? 47  ASN A ND2 1 
ATOM   383  N N   . PRO A 1 48  ? -5.324  8.861   9.256   1.00 14.17 ? 48  PRO A N   1 
ATOM   384  C CA  . PRO A 1 48  ? -5.610  9.744   10.385  1.00 15.05 ? 48  PRO A CA  1 
ATOM   385  C C   . PRO A 1 48  ? -7.078  9.635   10.785  1.00 16.86 ? 48  PRO A C   1 
ATOM   386  O O   . PRO A 1 48  ? -7.421  9.820   11.955  1.00 18.41 ? 48  PRO A O   1 
ATOM   387  C CB  . PRO A 1 48  ? -5.256  11.133  9.856   1.00 15.84 ? 48  PRO A CB  1 
ATOM   388  C CG  . PRO A 1 48  ? -5.249  11.005  8.380   1.00 16.92 ? 48  PRO A CG  1 
ATOM   389  C CD  . PRO A 1 48  ? -4.839  9.599   8.079   1.00 15.68 ? 48  PRO A CD  1 
ATOM   390  N N   . ARG A 1 49  ? -7.932  9.320   9.808   1.00 18.01 ? 49  ARG A N   1 
ATOM   391  C CA  . ARG A 1 49  ? -9.374  9.178   10.034  1.00 18.91 ? 49  ARG A CA  1 
ATOM   392  C C   . ARG A 1 49  ? -9.728  8.078   11.032  1.00 20.09 ? 49  ARG A C   1 
ATOM   393  O O   . ARG A 1 49  ? -10.821 8.085   11.594  1.00 21.13 ? 49  ARG A O   1 
ATOM   394  C CB  . ARG A 1 49  ? -10.095 8.886   8.714   1.00 21.15 ? 49  ARG A CB  1 
ATOM   395  C CG  . ARG A 1 49  ? -9.938  9.951   7.644   1.00 21.54 ? 49  ARG A CG  1 
ATOM   396  C CD  . ARG A 1 49  ? -10.673 11.238  7.995   1.00 23.62 ? 49  ARG A CD  1 
ATOM   397  N NE  . ARG A 1 49  ? -10.589 12.181  6.886   1.00 28.24 ? 49  ARG A NE  1 
ATOM   398  C CZ  . ARG A 1 49  ? -9.529  12.946  6.639   1.00 29.75 ? 49  ARG A CZ  1 
ATOM   399  N NH1 . ARG A 1 49  ? -8.460  12.881  7.430   1.00 24.43 ? 49  ARG A NH1 1 
ATOM   400  N NH2 . ARG A 1 49  ? -9.529  13.762  5.589   1.00 33.59 ? 49  ARG A NH2 1 
ATOM   401  N N   . PHE A 1 50  ? -8.817  7.123   11.236  1.00 21.32 ? 50  PHE A N   1 
ATOM   402  C CA  . PHE A 1 50  ? -9.045  6.027   12.182  1.00 19.29 ? 50  PHE A CA  1 
ATOM   403  C C   . PHE A 1 50  ? -7.878  5.867   13.126  1.00 19.29 ? 50  PHE A C   1 
ATOM   404  O O   . PHE A 1 50  ? -7.643  4.785   13.659  1.00 20.77 ? 50  PHE A O   1 
ATOM   405  C CB  . PHE A 1 50  ? -9.265  4.709   11.446  1.00 14.73 ? 50  PHE A CB  1 
ATOM   406  C CG  . PHE A 1 50  ? -10.418 4.742   10.512  1.00 15.50 ? 50  PHE A CG  1 
ATOM   407  C CD1 . PHE A 1 50  ? -10.215 4.928   9.151   1.00 12.70 ? 50  PHE A CD1 1 
ATOM   408  C CD2 . PHE A 1 50  ? -11.718 4.651   10.997  1.00 16.97 ? 50  PHE A CD2 1 
ATOM   409  C CE1 . PHE A 1 50  ? -11.286 5.031   8.271   1.00 15.59 ? 50  PHE A CE1 1 
ATOM   410  C CE2 . PHE A 1 50  ? -12.808 4.751   10.126  1.00 15.52 ? 50  PHE A CE2 1 
ATOM   411  C CZ  . PHE A 1 50  ? -12.591 4.943   8.760   1.00 16.02 ? 50  PHE A CZ  1 
ATOM   412  N N   . GLN A 1 51  ? -7.140  6.948   13.339  1.00 20.49 ? 51  GLN A N   1 
ATOM   413  C CA  . GLN A 1 51  ? -5.992  6.892   14.227  1.00 20.88 ? 51  GLN A CA  1 
ATOM   414  C C   . GLN A 1 51  ? -6.354  6.275   15.580  1.00 21.68 ? 51  GLN A C   1 
ATOM   415  O O   . GLN A 1 51  ? -7.311  6.693   16.233  1.00 21.27 ? 51  GLN A O   1 
ATOM   416  C CB  . GLN A 1 51  ? -5.413  8.299   14.423  1.00 20.49 ? 51  GLN A CB  1 
ATOM   417  C CG  . GLN A 1 51  ? -4.127  8.316   15.225  1.00 18.47 ? 51  GLN A CG  1 
ATOM   418  C CD  . GLN A 1 51  ? -4.365  8.369   16.729  1.00 22.87 ? 51  GLN A CD  1 
ATOM   419  O OE1 . GLN A 1 51  ? -3.729  7.630   17.499  1.00 25.59 ? 51  GLN A OE1 1 
ATOM   420  N NE2 . GLN A 1 51  ? -5.274  9.242   17.157  1.00 15.66 ? 51  GLN A NE2 1 
ATOM   421  N N   . GLY A 1 52  ? -5.588  5.267   15.985  1.00 22.25 ? 52  GLY A N   1 
ATOM   422  C CA  . GLY A 1 52  ? -5.817  4.613   17.262  1.00 23.99 ? 52  GLY A CA  1 
ATOM   423  C C   . GLY A 1 52  ? -6.744  3.409   17.210  1.00 25.72 ? 52  GLY A C   1 
ATOM   424  O O   . GLY A 1 52  ? -6.718  2.562   18.095  1.00 27.26 ? 52  GLY A O   1 
ATOM   425  N N   . GLU A 1 53  ? -7.575  3.328   16.184  1.00 26.73 ? 53  GLU A N   1 
ATOM   426  C CA  . GLU A 1 53  ? -8.499  2.210   16.072  1.00 30.71 ? 53  GLU A CA  1 
ATOM   427  C C   . GLU A 1 53  ? -7.779  0.966   15.575  1.00 29.51 ? 53  GLU A C   1 
ATOM   428  O O   . GLU A 1 53  ? -6.922  1.042   14.692  1.00 30.15 ? 53  GLU A O   1 
ATOM   429  C CB  . GLU A 1 53  ? -9.634  2.566   15.115  1.00 36.16 ? 53  GLU A CB  1 
ATOM   430  C CG  . GLU A 1 53  ? -10.797 3.296   15.764  1.00 44.42 ? 53  GLU A CG  1 
ATOM   431  C CD  . GLU A 1 53  ? -11.977 3.437   14.815  1.00 50.84 ? 53  GLU A CD  1 
ATOM   432  O OE1 . GLU A 1 53  ? -12.254 4.582   14.380  1.00 53.64 ? 53  GLU A OE1 1 
ATOM   433  O OE2 . GLU A 1 53  ? -12.621 2.405   14.503  1.00 52.52 ? 53  GLU A OE2 1 
ATOM   434  N N   . GLU A 1 54  ? -8.119  -0.189  16.134  1.00 29.25 ? 54  GLU A N   1 
ATOM   435  C CA  . GLU A 1 54  ? -7.472  -1.420  15.703  1.00 28.14 ? 54  GLU A CA  1 
ATOM   436  C C   . GLU A 1 54  ? -8.014  -1.891  14.360  1.00 26.69 ? 54  GLU A C   1 
ATOM   437  O O   . GLU A 1 54  ? -9.209  -2.184  14.221  1.00 26.54 ? 54  GLU A O   1 
ATOM   438  C CB  . GLU A 1 54  ? -7.661  -2.513  16.749  1.00 32.45 ? 54  GLU A CB  1 
ATOM   439  C CG  . GLU A 1 54  ? -6.640  -3.633  16.670  1.00 39.37 ? 54  GLU A CG  1 
ATOM   440  C CD  . GLU A 1 54  ? -7.206  -4.964  17.139  1.00 45.87 ? 54  GLU A CD  1 
ATOM   441  O OE1 . GLU A 1 54  ? -7.029  -5.974  16.425  1.00 49.00 ? 54  GLU A OE1 1 
ATOM   442  O OE2 . GLU A 1 54  ? -7.831  -5.003  18.224  1.00 48.51 ? 54  GLU A OE2 1 
ATOM   443  N N   . LEU A 1 55  ? -7.137  -1.948  13.363  1.00 21.23 ? 55  LEU A N   1 
ATOM   444  C CA  . LEU A 1 55  ? -7.530  -2.401  12.042  1.00 20.68 ? 55  LEU A CA  1 
ATOM   445  C C   . LEU A 1 55  ? -6.564  -3.493  11.639  1.00 21.31 ? 55  LEU A C   1 
ATOM   446  O O   . LEU A 1 55  ? -5.354  -3.332  11.765  1.00 23.64 ? 55  LEU A O   1 
ATOM   447  C CB  . LEU A 1 55  ? -7.473  -1.254  11.023  1.00 21.72 ? 55  LEU A CB  1 
ATOM   448  C CG  . LEU A 1 55  ? -8.578  -0.184  11.029  1.00 19.93 ? 55  LEU A CG  1 
ATOM   449  C CD1 . LEU A 1 55  ? -8.442  0.682   9.803   1.00 21.46 ? 55  LEU A CD1 1 
ATOM   450  C CD2 . LEU A 1 55  ? -9.943  -0.825  11.038  1.00 23.68 ? 55  LEU A CD2 1 
ATOM   451  N N   . PHE A 1 56  ? -7.099  -4.615  11.178  1.00 23.00 ? 56  PHE A N   1 
ATOM   452  C CA  . PHE A 1 56  ? -6.270  -5.733  10.747  1.00 22.72 ? 56  PHE A CA  1 
ATOM   453  C C   . PHE A 1 56  ? -5.340  -6.233  11.843  1.00 22.97 ? 56  PHE A C   1 
ATOM   454  O O   . PHE A 1 56  ? -4.217  -6.655  11.568  1.00 24.85 ? 56  PHE A O   1 
ATOM   455  C CB  . PHE A 1 56  ? -5.469  -5.326  9.510   1.00 20.38 ? 56  PHE A CB  1 
ATOM   456  C CG  . PHE A 1 56  ? -6.263  -4.517  8.533   1.00 22.77 ? 56  PHE A CG  1 
ATOM   457  C CD1 . PHE A 1 56  ? -7.513  -4.960  8.102   1.00 19.54 ? 56  PHE A CD1 1 
ATOM   458  C CD2 . PHE A 1 56  ? -5.803  -3.280  8.096   1.00 20.83 ? 56  PHE A CD2 1 
ATOM   459  C CE1 . PHE A 1 56  ? -8.294  -4.186  7.263   1.00 19.22 ? 56  PHE A CE1 1 
ATOM   460  C CE2 . PHE A 1 56  ? -6.577  -2.492  7.254   1.00 19.82 ? 56  PHE A CE2 1 
ATOM   461  C CZ  . PHE A 1 56  ? -7.828  -2.943  6.836   1.00 22.14 ? 56  PHE A CZ  1 
ATOM   462  N N   . GLY A 1 57  ? -5.817  -6.183  13.085  1.00 22.89 ? 57  GLY A N   1 
ATOM   463  C CA  . GLY A 1 57  ? -5.022  -6.650  14.210  1.00 26.82 ? 57  GLY A CA  1 
ATOM   464  C C   . GLY A 1 57  ? -3.975  -5.664  14.688  1.00 29.06 ? 57  GLY A C   1 
ATOM   465  O O   . GLY A 1 57  ? -3.256  -5.929  15.651  1.00 29.07 ? 57  GLY A O   1 
ATOM   466  N N   . GLU A 1 58  ? -3.893  -4.518  14.019  1.00 28.94 ? 58  GLU A N   1 
ATOM   467  C CA  . GLU A 1 58  ? -2.918  -3.493  14.375  1.00 27.66 ? 58  GLU A CA  1 
ATOM   468  C C   . GLU A 1 58  ? -3.584  -2.143  14.627  1.00 27.75 ? 58  GLU A C   1 
ATOM   469  O O   . GLU A 1 58  ? -4.649  -1.853  14.075  1.00 29.92 ? 58  GLU A O   1 
ATOM   470  C CB  . GLU A 1 58  ? -1.893  -3.341  13.248  1.00 26.87 ? 58  GLU A CB  1 
ATOM   471  C CG  . GLU A 1 58  ? -0.995  -4.547  13.057  1.00 32.72 ? 58  GLU A CG  1 
ATOM   472  C CD  . GLU A 1 58  ? -0.132  -4.846  14.281  1.00 34.28 ? 58  GLU A CD  1 
ATOM   473  O OE1 . GLU A 1 58  ? -0.217  -4.113  15.289  1.00 37.36 ? 58  GLU A OE1 1 
ATOM   474  O OE2 . GLU A 1 58  ? 0.635   -5.825  14.240  1.00 39.28 ? 58  GLU A OE2 1 
ATOM   475  N N   . GLU A 1 59  ? -2.960  -1.317  15.458  1.00 25.88 ? 59  GLU A N   1 
ATOM   476  C CA  . GLU A 1 59  ? -3.507  0.007   15.727  1.00 27.75 ? 59  GLU A CA  1 
ATOM   477  C C   . GLU A 1 59  ? -3.152  0.915   14.554  1.00 25.73 ? 59  GLU A C   1 
ATOM   478  O O   . GLU A 1 59  ? -1.991  0.993   14.150  1.00 23.37 ? 59  GLU A O   1 
ATOM   479  C CB  . GLU A 1 59  ? -2.922  0.582   17.017  1.00 32.88 ? 59  GLU A CB  1 
ATOM   480  C CG  . GLU A 1 59  ? -3.451  1.963   17.394  1.00 39.55 ? 59  GLU A CG  1 
ATOM   481  C CD  . GLU A 1 59  ? -3.225  2.299   18.865  1.00 43.84 ? 59  GLU A CD  1 
ATOM   482  O OE1 . GLU A 1 59  ? -3.866  1.655   19.731  1.00 46.10 ? 59  GLU A OE1 1 
ATOM   483  O OE2 . GLU A 1 59  ? -2.410  3.206   19.152  1.00 43.77 ? 59  GLU A OE2 1 
ATOM   484  N N   . ALA A 1 60  ? -4.156  1.586   13.998  1.00 22.84 ? 60  ALA A N   1 
ATOM   485  C CA  . ALA A 1 60  ? -3.930  2.487   12.875  1.00 20.04 ? 60  ALA A CA  1 
ATOM   486  C C   . ALA A 1 60  ? -3.182  3.719   13.364  1.00 17.15 ? 60  ALA A C   1 
ATOM   487  O O   . ALA A 1 60  ? -3.414  4.196   14.474  1.00 16.75 ? 60  ALA A O   1 
ATOM   488  C CB  . ALA A 1 60  ? -5.270  2.903   12.242  1.00 19.16 ? 60  ALA A CB  1 
ATOM   489  N N   . VAL A 1 61  ? -2.275  4.220   12.540  1.00 15.51 ? 61  VAL A N   1 
ATOM   490  C CA  . VAL A 1 61  ? -1.508  5.415   12.885  1.00 15.76 ? 61  VAL A CA  1 
ATOM   491  C C   . VAL A 1 61  ? -1.902  6.522   11.897  1.00 14.85 ? 61  VAL A C   1 
ATOM   492  O O   . VAL A 1 61  ? -2.400  6.242   10.809  1.00 13.70 ? 61  VAL A O   1 
ATOM   493  C CB  . VAL A 1 61  ? 0.034   5.144   12.839  1.00 11.65 ? 61  VAL A CB  1 
ATOM   494  C CG1 . VAL A 1 61  ? 0.413   4.125   13.906  1.00 12.28 ? 61  VAL A CG1 1 
ATOM   495  C CG2 . VAL A 1 61  ? 0.457   4.646   11.470  1.00 14.73 ? 61  VAL A CG2 1 
ATOM   496  N N   . ALA A 1 62  ? -1.681  7.779   12.269  1.00 16.96 ? 62  ALA A N   1 
ATOM   497  C CA  . ALA A 1 62  ? -2.063  8.881   11.402  1.00 16.71 ? 62  ALA A CA  1 
ATOM   498  C C   . ALA A 1 62  ? -1.117  9.158   10.243  1.00 17.87 ? 62  ALA A C   1 
ATOM   499  O O   . ALA A 1 62  ? -1.566  9.572   9.175   1.00 18.71 ? 62  ALA A O   1 
ATOM   500  C CB  . ALA A 1 62  ? -2.254  10.144  12.224  1.00 19.51 ? 62  ALA A CB  1 
ATOM   501  N N   . SER A 1 63  ? 0.182   8.921   10.442  1.00 19.21 ? 63  SER A N   1 
ATOM   502  C CA  . SER A 1 63  ? 1.174   9.192   9.404   1.00 16.83 ? 63  SER A CA  1 
ATOM   503  C C   . SER A 1 63  ? 2.118   8.042   9.142   1.00 15.98 ? 63  SER A C   1 
ATOM   504  O O   . SER A 1 63  ? 2.437   7.270   10.042  1.00 18.39 ? 63  SER A O   1 
ATOM   505  C CB  . SER A 1 63  ? 2.011   10.410  9.790   1.00 21.66 ? 63  SER A CB  1 
ATOM   506  O OG  . SER A 1 63  ? 3.351   10.275  9.332   1.00 27.22 ? 63  SER A OG  1 
ATOM   507  N N   . LEU A 1 64  ? 2.591   7.956   7.907   1.00 15.14 ? 64  LEU A N   1 
ATOM   508  C CA  . LEU A 1 64  ? 3.515   6.905   7.516   1.00 17.50 ? 64  LEU A CA  1 
ATOM   509  C C   . LEU A 1 64  ? 4.754   6.932   8.395   1.00 18.88 ? 64  LEU A C   1 
ATOM   510  O O   . LEU A 1 64  ? 5.327   5.894   8.698   1.00 20.10 ? 64  LEU A O   1 
ATOM   511  C CB  . LEU A 1 64  ? 3.917   7.074   6.051   1.00 16.61 ? 64  LEU A CB  1 
ATOM   512  C CG  . LEU A 1 64  ? 2.871   6.736   4.985   1.00 16.48 ? 64  LEU A CG  1 
ATOM   513  C CD1 . LEU A 1 64  ? 3.440   7.041   3.611   1.00 14.22 ? 64  LEU A CD1 1 
ATOM   514  C CD2 . LEU A 1 64  ? 2.468   5.257   5.095   1.00 15.67 ? 64  LEU A CD2 1 
ATOM   515  N N   . LEU A 1 65  ? 5.159   8.123   8.811   1.00 22.49 ? 65  LEU A N   1 
ATOM   516  C CA  . LEU A 1 65  ? 6.346   8.273   9.642   1.00 23.07 ? 65  LEU A CA  1 
ATOM   517  C C   . LEU A 1 65  ? 6.136   7.748   11.054  1.00 22.84 ? 65  LEU A C   1 
ATOM   518  O O   . LEU A 1 65  ? 7.082   7.654   11.830  1.00 22.24 ? 65  LEU A O   1 
ATOM   519  C CB  . LEU A 1 65  ? 6.773   9.742   9.691   1.00 29.25 ? 65  LEU A CB  1 
ATOM   520  C CG  . LEU A 1 65  ? 7.099   10.438  8.360   1.00 29.19 ? 65  LEU A CG  1 
ATOM   521  C CD1 . LEU A 1 65  ? 7.952   9.535   7.493   1.00 31.61 ? 65  LEU A CD1 1 
ATOM   522  C CD2 . LEU A 1 65  ? 5.801   10.800  7.647   1.00 33.02 ? 65  LEU A CD2 1 
ATOM   523  N N   . ASP A 1 66  ? 4.896   7.406   11.394  1.00 21.48 ? 66  ASP A N   1 
ATOM   524  C CA  . ASP A 1 66  ? 4.608   6.864   12.720  1.00 21.01 ? 66  ASP A CA  1 
ATOM   525  C C   . ASP A 1 66  ? 4.896   5.359   12.745  1.00 21.69 ? 66  ASP A C   1 
ATOM   526  O O   . ASP A 1 66  ? 4.981   4.757   13.811  1.00 22.80 ? 66  ASP A O   1 
ATOM   527  C CB  . ASP A 1 66  ? 3.144   7.089   13.095  1.00 23.59 ? 66  ASP A CB  1 
ATOM   528  C CG  . ASP A 1 66  ? 2.849   8.513   13.534  1.00 29.39 ? 66  ASP A CG  1 
ATOM   529  O OD1 . ASP A 1 66  ? 1.738   8.992   13.215  1.00 28.39 ? 66  ASP A OD1 1 
ATOM   530  O OD2 . ASP A 1 66  ? 3.708   9.145   14.199  1.00 31.00 ? 66  ASP A OD2 1 
ATOM   531  N N   . LEU A 1 67  ? 5.035   4.751   11.570  1.00 21.37 ? 67  LEU A N   1 
ATOM   532  C CA  . LEU A 1 67  ? 5.304   3.320   11.487  1.00 20.95 ? 67  LEU A CA  1 
ATOM   533  C C   . LEU A 1 67  ? 6.656   3.066   12.121  1.00 27.46 ? 67  LEU A C   1 
ATOM   534  O O   . LEU A 1 67  ? 7.600   3.838   11.933  1.00 28.70 ? 67  LEU A O   1 
ATOM   535  C CB  . LEU A 1 67  ? 5.295   2.849   10.026  1.00 18.42 ? 67  LEU A CB  1 
ATOM   536  C CG  . LEU A 1 67  ? 3.905   2.818   9.368   1.00 17.85 ? 67  LEU A CG  1 
ATOM   537  C CD1 . LEU A 1 67  ? 3.973   2.323   7.921   1.00 14.45 ? 67  LEU A CD1 1 
ATOM   538  C CD2 . LEU A 1 67  ? 3.012   1.925   10.198  1.00 19.54 ? 67  LEU A CD2 1 
ATOM   539  N N   . LYS A 1 68  ? 6.755   1.976   12.867  1.00 29.50 ? 68  LYS A N   1 
ATOM   540  C CA  . LYS A 1 68  ? 7.992   1.658   13.560  1.00 34.01 ? 68  LYS A CA  1 
ATOM   541  C C   . LYS A 1 68  ? 8.822   0.543   12.916  1.00 31.92 ? 68  LYS A C   1 
ATOM   542  O O   . LYS A 1 68  ? 9.665   -0.067  13.578  1.00 32.56 ? 68  LYS A O   1 
ATOM   543  C CB  . LYS A 1 68  ? 7.679   1.317   15.029  1.00 38.15 ? 68  LYS A CB  1 
ATOM   544  C CG  . LYS A 1 68  ? 7.220   2.516   15.877  1.00 41.59 ? 68  LYS A CG  1 
ATOM   545  C CD  . LYS A 1 68  ? 8.225   3.680   15.800  1.00 46.67 ? 68  LYS A CD  1 
ATOM   546  C CE  . LYS A 1 68  ? 7.965   4.742   16.874  1.00 49.07 ? 68  LYS A CE  1 
ATOM   547  N NZ  . LYS A 1 68  ? 7.967   6.135   16.325  1.00 49.36 ? 68  LYS A NZ  1 
ATOM   548  N N   . GLU A 1 69  ? 8.597   0.288   11.629  1.00 28.04 ? 69  GLU A N   1 
ATOM   549  C CA  . GLU A 1 69  ? 9.350   -0.744  10.923  1.00 25.87 ? 69  GLU A CA  1 
ATOM   550  C C   . GLU A 1 69  ? 9.338   -0.512  9.414   1.00 22.15 ? 69  GLU A C   1 
ATOM   551  O O   . GLU A 1 69  ? 8.454   0.161   8.891   1.00 22.95 ? 69  GLU A O   1 
ATOM   552  C CB  . GLU A 1 69  ? 8.789   -2.127  11.258  1.00 30.02 ? 69  GLU A CB  1 
ATOM   553  C CG  . GLU A 1 69  ? 7.559   -2.528  10.467  1.00 37.30 ? 69  GLU A CG  1 
ATOM   554  C CD  . GLU A 1 69  ? 7.198   -3.986  10.667  1.00 40.50 ? 69  GLU A CD  1 
ATOM   555  O OE1 . GLU A 1 69  ? 7.986   -4.866  10.252  1.00 43.22 ? 69  GLU A OE1 1 
ATOM   556  O OE2 . GLU A 1 69  ? 6.125   -4.251  11.240  1.00 44.29 ? 69  GLU A OE2 1 
ATOM   557  N N   . PRO A 1 70  ? 10.336  -1.055  8.695   1.00 19.82 ? 70  PRO A N   1 
ATOM   558  C CA  . PRO A 1 70  ? 10.426  -0.893  7.240   1.00 18.45 ? 70  PRO A CA  1 
ATOM   559  C C   . PRO A 1 70  ? 9.200   -1.425  6.535   1.00 18.71 ? 70  PRO A C   1 
ATOM   560  O O   . PRO A 1 70  ? 8.604   -2.396  6.981   1.00 20.16 ? 70  PRO A O   1 
ATOM   561  C CB  . PRO A 1 70  ? 11.684  -1.663  6.864   1.00 19.45 ? 70  PRO A CB  1 
ATOM   562  C CG  . PRO A 1 70  ? 12.474  -1.695  8.130   1.00 18.99 ? 70  PRO A CG  1 
ATOM   563  C CD  . PRO A 1 70  ? 11.461  -1.847  9.214   1.00 19.26 ? 70  PRO A CD  1 
ATOM   564  N N   . VAL A 1 71  ? 8.839   -0.782  5.430   1.00 18.17 ? 71  VAL A N   1 
ATOM   565  C CA  . VAL A 1 71  ? 7.664   -1.157  4.655   1.00 15.39 ? 71  VAL A CA  1 
ATOM   566  C C   . VAL A 1 71  ? 8.089   -1.693  3.303   1.00 16.92 ? 71  VAL A C   1 
ATOM   567  O O   . VAL A 1 71  ? 8.763   -1.009  2.531   1.00 17.32 ? 71  VAL A O   1 
ATOM   568  C CB  . VAL A 1 71  ? 6.744   0.062   4.467   1.00 15.40 ? 71  VAL A CB  1 
ATOM   569  C CG1 . VAL A 1 71  ? 5.689   -0.223  3.412   1.00 15.55 ? 71  VAL A CG1 1 
ATOM   570  C CG2 . VAL A 1 71  ? 6.115   0.428   5.806   1.00 14.83 ? 71  VAL A CG2 1 
ATOM   571  N N   . ASP A 1 72  ? 7.699   -2.931  3.018   1.00 17.00 ? 72  ASP A N   1 
ATOM   572  C CA  . ASP A 1 72  ? 8.047   -3.569  1.753   1.00 15.44 ? 72  ASP A CA  1 
ATOM   573  C C   . ASP A 1 72  ? 7.144   -3.097  0.639   1.00 12.26 ? 72  ASP A C   1 
ATOM   574  O O   . ASP A 1 72  ? 7.593   -2.883  -0.482  1.00 14.37 ? 72  ASP A O   1 
ATOM   575  C CB  . ASP A 1 72  ? 7.965   -5.092  1.890   1.00 14.45 ? 72  ASP A CB  1 
ATOM   576  C CG  . ASP A 1 72  ? 9.025   -5.648  2.828   1.00 17.54 ? 72  ASP A CG  1 
ATOM   577  O OD1 . ASP A 1 72  ? 8.672   -6.377  3.768   1.00 17.26 ? 72  ASP A OD1 1 
ATOM   578  O OD2 . ASP A 1 72  ? 10.219  -5.350  2.632   1.00 22.64 ? 72  ASP A OD2 1 
ATOM   579  N N   . ILE A 1 73  ? 5.862   -2.929  0.957   1.00 13.59 ? 73  ILE A N   1 
ATOM   580  C CA  . ILE A 1 73  ? 4.880   -2.473  -0.020  1.00 11.76 ? 73  ILE A CA  1 
ATOM   581  C C   . ILE A 1 73  ? 3.967   -1.425  0.593   1.00 11.60 ? 73  ILE A C   1 
ATOM   582  O O   . ILE A 1 73  ? 3.447   -1.618  1.697   1.00 9.46  ? 73  ILE A O   1 
ATOM   583  C CB  . ILE A 1 73  ? 3.972   -3.634  -0.510  1.00 10.47 ? 73  ILE A CB  1 
ATOM   584  C CG1 . ILE A 1 73  ? 4.836   -4.749  -1.111  1.00 11.65 ? 73  ILE A CG1 1 
ATOM   585  C CG2 . ILE A 1 73  ? 2.945   -3.105  -1.529  1.00 8.58  ? 73  ILE A CG2 1 
ATOM   586  C CD1 . ILE A 1 73  ? 4.036   -5.917  -1.655  1.00 14.65 ? 73  ILE A CD1 1 
ATOM   587  N N   . LEU A 1 74  ? 3.794   -0.307  -0.106  1.00 11.36 ? 74  LEU A N   1 
ATOM   588  C CA  . LEU A 1 74  ? 2.880   0.725   0.369   1.00 12.61 ? 74  LEU A CA  1 
ATOM   589  C C   . LEU A 1 74  ? 1.666   0.620   -0.556  1.00 10.62 ? 74  LEU A C   1 
ATOM   590  O O   . LEU A 1 74  ? 1.732   1.005   -1.726  1.00 11.73 ? 74  LEU A O   1 
ATOM   591  C CB  . LEU A 1 74  ? 3.499   2.130   0.277   1.00 11.87 ? 74  LEU A CB  1 
ATOM   592  C CG  . LEU A 1 74  ? 2.551   3.250   0.739   1.00 11.84 ? 74  LEU A CG  1 
ATOM   593  C CD1 . LEU A 1 74  ? 2.322   3.148   2.230   1.00 9.80  ? 74  LEU A CD1 1 
ATOM   594  C CD2 . LEU A 1 74  ? 3.124   4.606   0.373   1.00 13.25 ? 74  LEU A CD2 1 
ATOM   595  N N   . ASP A 1 75  ? 0.577   0.045   -0.040  1.00 13.15 ? 75  ASP A N   1 
ATOM   596  C CA  . ASP A 1 75  ? -0.666  -0.128  -0.807  1.00 10.34 ? 75  ASP A CA  1 
ATOM   597  C C   . ASP A 1 75  ? -1.467  1.148   -0.575  1.00 10.38 ? 75  ASP A C   1 
ATOM   598  O O   . ASP A 1 75  ? -1.957  1.386   0.527   1.00 11.47 ? 75  ASP A O   1 
ATOM   599  C CB  . ASP A 1 75  ? -1.424  -1.344  -0.271  1.00 12.46 ? 75  ASP A CB  1 
ATOM   600  C CG  . ASP A 1 75  ? -2.460  -1.886  -1.246  1.00 12.54 ? 75  ASP A CG  1 
ATOM   601  O OD1 . ASP A 1 75  ? -2.450  -1.536  -2.449  1.00 11.76 ? 75  ASP A OD1 1 
ATOM   602  O OD2 . ASP A 1 75  ? -3.294  -2.691  -0.783  1.00 16.84 ? 75  ASP A OD2 1 
ATOM   603  N N   . VAL A 1 76  ? -1.573  1.958   -1.625  1.00 11.48 ? 76  VAL A N   1 
ATOM   604  C CA  . VAL A 1 76  ? -2.236  3.250   -1.567  1.00 12.29 ? 76  VAL A CA  1 
ATOM   605  C C   . VAL A 1 76  ? -3.675  3.278   -2.058  1.00 11.28 ? 76  VAL A C   1 
ATOM   606  O O   . VAL A 1 76  ? -3.960  2.986   -3.223  1.00 11.92 ? 76  VAL A O   1 
ATOM   607  C CB  . VAL A 1 76  ? -1.418  4.307   -2.375  1.00 13.78 ? 76  VAL A CB  1 
ATOM   608  C CG1 . VAL A 1 76  ? -2.002  5.702   -2.175  1.00 14.22 ? 76  VAL A CG1 1 
ATOM   609  C CG2 . VAL A 1 76  ? 0.045   4.280   -1.930  1.00 13.67 ? 76  VAL A CG2 1 
ATOM   610  N N   . PHE A 1 77  ? -4.573  3.666   -1.161  1.00 14.06 ? 77  PHE A N   1 
ATOM   611  C CA  . PHE A 1 77  ? -5.986  3.770   -1.489  1.00 14.65 ? 77  PHE A CA  1 
ATOM   612  C C   . PHE A 1 77  ? -6.442  5.233   -1.548  1.00 16.06 ? 77  PHE A C   1 
ATOM   613  O O   . PHE A 1 77  ? -7.600  5.508   -1.881  1.00 14.79 ? 77  PHE A O   1 
ATOM   614  C CB  . PHE A 1 77  ? -6.825  3.008   -0.452  1.00 16.20 ? 77  PHE A CB  1 
ATOM   615  C CG  . PHE A 1 77  ? -6.744  1.503   -0.587  1.00 14.40 ? 77  PHE A CG  1 
ATOM   616  C CD1 . PHE A 1 77  ? -7.649  0.809   -1.396  1.00 15.13 ? 77  PHE A CD1 1 
ATOM   617  C CD2 . PHE A 1 77  ? -5.762  0.786   0.087   1.00 15.26 ? 77  PHE A CD2 1 
ATOM   618  C CE1 . PHE A 1 77  ? -7.570  -0.586  -1.528  1.00 14.00 ? 77  PHE A CE1 1 
ATOM   619  C CE2 . PHE A 1 77  ? -5.675  -0.608  -0.039  1.00 16.52 ? 77  PHE A CE2 1 
ATOM   620  C CZ  . PHE A 1 77  ? -6.585  -1.290  -0.850  1.00 12.54 ? 77  PHE A CZ  1 
ATOM   621  N N   . ARG A 1 78  ? -5.548  6.173   -1.225  1.00 15.72 ? 78  ARG A N   1 
ATOM   622  C CA  . ARG A 1 78  ? -5.917  7.599   -1.258  1.00 13.50 ? 78  ARG A CA  1 
ATOM   623  C C   . ARG A 1 78  ? -6.051  8.066   -2.705  1.00 12.08 ? 78  ARG A C   1 
ATOM   624  O O   . ARG A 1 78  ? -5.271  7.666   -3.565  1.00 15.37 ? 78  ARG A O   1 
ATOM   625  C CB  . ARG A 1 78  ? -4.897  8.427   -0.487  1.00 15.30 ? 78  ARG A CB  1 
ATOM   626  C CG  . ARG A 1 78  ? -4.643  7.879   0.918   1.00 19.25 ? 78  ARG A CG  1 
ATOM   627  C CD  . ARG A 1 78  ? -5.265  8.723   2.017   1.00 23.74 ? 78  ARG A CD  1 
ATOM   628  N NE  . ARG A 1 78  ? -6.542  9.300   1.632   1.00 30.24 ? 78  ARG A NE  1 
ATOM   629  C CZ  . ARG A 1 78  ? -6.816  10.603  1.662   1.00 35.11 ? 78  ARG A CZ  1 
ATOM   630  N NH1 . ARG A 1 78  ? -5.901  11.480  2.060   1.00 37.03 ? 78  ARG A NH1 1 
ATOM   631  N NH2 . ARG A 1 78  ? -8.014  11.034  1.293   1.00 33.57 ? 78  ARG A NH2 1 
ATOM   632  N N   . PRO A 1 79  ? -7.062  8.913   -2.994  1.00 13.94 ? 79  PRO A N   1 
ATOM   633  C CA  . PRO A 1 79  ? -7.336  9.438   -4.339  1.00 17.05 ? 79  PRO A CA  1 
ATOM   634  C C   . PRO A 1 79  ? -6.230  10.294  -4.893  1.00 15.14 ? 79  PRO A C   1 
ATOM   635  O O   . PRO A 1 79  ? -5.451  10.838  -4.129  1.00 17.09 ? 79  PRO A O   1 
ATOM   636  C CB  . PRO A 1 79  ? -8.646  10.212  -4.181  1.00 17.02 ? 79  PRO A CB  1 
ATOM   637  C CG  . PRO A 1 79  ? -8.746  10.509  -2.739  1.00 17.84 ? 79  PRO A CG  1 
ATOM   638  C CD  . PRO A 1 79  ? -7.999  9.445   -1.991  1.00 14.56 ? 79  PRO A CD  1 
ATOM   639  N N   . PRO A 1 80  ? -6.156  10.436  -6.236  1.00 18.96 ? 80  PRO A N   1 
ATOM   640  C CA  . PRO A 1 80  ? -5.115  11.238  -6.896  1.00 20.59 ? 80  PRO A CA  1 
ATOM   641  C C   . PRO A 1 80  ? -4.997  12.677  -6.396  1.00 21.12 ? 80  PRO A C   1 
ATOM   642  O O   . PRO A 1 80  ? -3.895  13.210  -6.289  1.00 21.71 ? 80  PRO A O   1 
ATOM   643  C CB  . PRO A 1 80  ? -5.486  11.164  -8.377  1.00 19.37 ? 80  PRO A CB  1 
ATOM   644  C CG  . PRO A 1 80  ? -6.284  9.914   -8.495  1.00 20.59 ? 80  PRO A CG  1 
ATOM   645  C CD  . PRO A 1 80  ? -7.079  9.851   -7.224  1.00 18.22 ? 80  PRO A CD  1 
ATOM   646  N N   . SER A 1 81  ? -6.127  13.298  -6.079  1.00 21.36 ? 81  SER A N   1 
ATOM   647  C CA  . SER A 1 81  ? -6.124  14.675  -5.593  1.00 21.70 ? 81  SER A CA  1 
ATOM   648  C C   . SER A 1 81  ? -5.570  14.825  -4.168  1.00 22.86 ? 81  SER A C   1 
ATOM   649  O O   . SER A 1 81  ? -5.511  15.930  -3.631  1.00 24.07 ? 81  SER A O   1 
ATOM   650  C CB  . SER A 1 81  ? -7.544  15.256  -5.665  1.00 22.12 ? 81  SER A CB  1 
ATOM   651  O OG  . SER A 1 81  ? -8.469  14.496  -4.899  1.00 20.92 ? 81  SER A OG  1 
ATOM   652  N N   . ALA A 1 82  ? -5.156  13.719  -3.554  1.00 22.91 ? 82  ALA A N   1 
ATOM   653  C CA  . ALA A 1 82  ? -4.619  13.766  -2.193  1.00 19.19 ? 82  ALA A CA  1 
ATOM   654  C C   . ALA A 1 82  ? -3.178  13.262  -2.140  1.00 15.99 ? 82  ALA A C   1 
ATOM   655  O O   . ALA A 1 82  ? -2.500  13.375  -1.125  1.00 18.63 ? 82  ALA A O   1 
ATOM   656  C CB  . ALA A 1 82  ? -5.498  12.907  -1.257  1.00 18.77 ? 82  ALA A CB  1 
ATOM   657  N N   . LEU A 1 83  ? -2.710  12.714  -3.246  1.00 16.25 ? 83  LEU A N   1 
ATOM   658  C CA  . LEU A 1 83  ? -1.386  12.126  -3.273  1.00 17.05 ? 83  LEU A CA  1 
ATOM   659  C C   . LEU A 1 83  ? -0.213  13.077  -3.099  1.00 17.83 ? 83  LEU A C   1 
ATOM   660  O O   . LEU A 1 83  ? 0.710   12.777  -2.350  1.00 18.16 ? 83  LEU A O   1 
ATOM   661  C CB  . LEU A 1 83  ? -1.219  11.304  -4.557  1.00 17.73 ? 83  LEU A CB  1 
ATOM   662  C CG  . LEU A 1 83  ? -2.200  10.125  -4.723  1.00 18.22 ? 83  LEU A CG  1 
ATOM   663  C CD1 . LEU A 1 83  ? -1.896  9.372   -6.009  1.00 20.86 ? 83  LEU A CD1 1 
ATOM   664  C CD2 . LEU A 1 83  ? -2.093  9.195   -3.526  1.00 17.90 ? 83  LEU A CD2 1 
ATOM   665  N N   . MET A 1 84  ? -0.241  14.221  -3.773  1.00 21.52 ? 84  MET A N   1 
ATOM   666  C CA  . MET A 1 84  ? 0.873   15.161  -3.656  1.00 21.83 ? 84  MET A CA  1 
ATOM   667  C C   . MET A 1 84  ? 1.141   15.617  -2.220  1.00 22.42 ? 84  MET A C   1 
ATOM   668  O O   . MET A 1 84  ? 2.288   15.800  -1.832  1.00 25.79 ? 84  MET A O   1 
ATOM   669  C CB  . MET A 1 84  ? 0.645   16.359  -4.570  1.00 22.48 ? 84  MET A CB  1 
ATOM   670  C CG  . MET A 1 84  ? 0.954   16.082  -6.039  1.00 21.23 ? 84  MET A CG  1 
ATOM   671  S SD  . MET A 1 84  ? 2.507   15.176  -6.391  1.00 28.41 ? 84  MET A SD  1 
ATOM   672  C CE  . MET A 1 84  ? 3.735   16.426  -6.176  1.00 26.51 ? 84  MET A CE  1 
ATOM   673  N N   . ASP A 1 85  ? 0.100   15.778  -1.415  1.00 23.53 ? 85  ASP A N   1 
ATOM   674  C CA  . ASP A 1 85  ? 0.297   16.203  -0.029  1.00 24.00 ? 85  ASP A CA  1 
ATOM   675  C C   . ASP A 1 85  ? 0.892   15.084  0.818   1.00 24.87 ? 85  ASP A C   1 
ATOM   676  O O   . ASP A 1 85  ? 1.307   15.310  1.958   1.00 24.93 ? 85  ASP A O   1 
ATOM   677  C CB  . ASP A 1 85  ? -1.028  16.655  0.586   1.00 28.56 ? 85  ASP A CB  1 
ATOM   678  C CG  . ASP A 1 85  ? -1.570  17.919  -0.066  1.00 35.39 ? 85  ASP A CG  1 
ATOM   679  O OD1 . ASP A 1 85  ? -0.761  18.720  -0.586  1.00 39.22 ? 85  ASP A OD1 1 
ATOM   680  O OD2 . ASP A 1 85  ? -2.805  18.112  -0.063  1.00 36.72 ? 85  ASP A OD2 1 
ATOM   681  N N   . HIS A 1 86  ? 0.922   13.872  0.268   1.00 24.47 ? 86  HIS A N   1 
ATOM   682  C CA  . HIS A 1 86  ? 1.473   12.723  0.990   1.00 24.15 ? 86  HIS A CA  1 
ATOM   683  C C   . HIS A 1 86  ? 2.915   12.465  0.530   1.00 20.18 ? 86  HIS A C   1 
ATOM   684  O O   . HIS A 1 86  ? 3.682   11.797  1.222   1.00 18.89 ? 86  HIS A O   1 
ATOM   685  C CB  . HIS A 1 86  ? 0.647   11.442  0.713   1.00 25.10 ? 86  HIS A CB  1 
ATOM   686  C CG  . HIS A 1 86  ? -0.631  11.331  1.499   1.00 26.29 ? 86  HIS A CG  1 
ATOM   687  N ND1 . HIS A 1 86  ? -0.658  11.095  2.857   1.00 26.60 ? 86  HIS A ND1 1 
ATOM   688  C CD2 . HIS A 1 86  ? -1.927  11.357  1.099   1.00 26.12 ? 86  HIS A CD2 1 
ATOM   689  C CE1 . HIS A 1 86  ? -1.913  10.979  3.258   1.00 28.76 ? 86  HIS A CE1 1 
ATOM   690  N NE2 . HIS A 1 86  ? -2.703  11.134  2.211   1.00 28.07 ? 86  HIS A NE2 1 
ATOM   691  N N   . LEU A 1 87  ? 3.266   12.991  -0.641  1.00 19.42 ? 87  LEU A N   1 
ATOM   692  C CA  . LEU A 1 87  ? 4.593   12.777  -1.210  1.00 19.17 ? 87  LEU A CA  1 
ATOM   693  C C   . LEU A 1 87  ? 5.746   12.886  -0.227  1.00 17.09 ? 87  LEU A C   1 
ATOM   694  O O   . LEU A 1 87  ? 6.627   12.029  -0.212  1.00 18.18 ? 87  LEU A O   1 
ATOM   695  C CB  . LEU A 1 87  ? 4.839   13.715  -2.392  1.00 21.26 ? 87  LEU A CB  1 
ATOM   696  C CG  . LEU A 1 87  ? 5.302   13.061  -3.703  1.00 25.73 ? 87  LEU A CG  1 
ATOM   697  C CD1 . LEU A 1 87  ? 5.885   14.117  -4.624  1.00 22.48 ? 87  LEU A CD1 1 
ATOM   698  C CD2 . LEU A 1 87  ? 6.324   11.970  -3.436  1.00 20.39 ? 87  LEU A CD2 1 
ATOM   699  N N   . PRO A 1 88  ? 5.781   13.951  0.584   1.00 18.68 ? 88  PRO A N   1 
ATOM   700  C CA  . PRO A 1 88  ? 6.874   14.101  1.555   1.00 18.67 ? 88  PRO A CA  1 
ATOM   701  C C   . PRO A 1 88  ? 7.029   12.914  2.507   1.00 20.74 ? 88  PRO A C   1 
ATOM   702  O O   . PRO A 1 88  ? 8.140   12.418  2.709   1.00 18.12 ? 88  PRO A O   1 
ATOM   703  C CB  . PRO A 1 88  ? 6.521   15.384  2.303   1.00 18.17 ? 88  PRO A CB  1 
ATOM   704  C CG  . PRO A 1 88  ? 5.641   16.134  1.372   1.00 17.30 ? 88  PRO A CG  1 
ATOM   705  C CD  . PRO A 1 88  ? 4.862   15.103  0.609   1.00 19.40 ? 88  PRO A CD  1 
ATOM   706  N N   . GLU A 1 89  ? 5.923   12.466  3.102   1.00 21.64 ? 89  GLU A N   1 
ATOM   707  C CA  . GLU A 1 89  ? 5.988   11.329  4.023   1.00 22.48 ? 89  GLU A CA  1 
ATOM   708  C C   . GLU A 1 89  ? 6.270   10.011  3.279   1.00 19.53 ? 89  GLU A C   1 
ATOM   709  O O   . GLU A 1 89  ? 6.866   9.088   3.838   1.00 17.40 ? 89  GLU A O   1 
ATOM   710  C CB  . GLU A 1 89  ? 4.692   11.228  4.836   1.00 23.19 ? 89  GLU A CB  1 
ATOM   711  C CG  . GLU A 1 89  ? 3.459   10.888  4.029   1.00 34.40 ? 89  GLU A CG  1 
ATOM   712  C CD  . GLU A 1 89  ? 2.311   10.369  4.892   1.00 40.79 ? 89  GLU A CD  1 
ATOM   713  O OE1 . GLU A 1 89  ? 2.500   10.193  6.118   1.00 43.64 ? 89  GLU A OE1 1 
ATOM   714  O OE2 . GLU A 1 89  ? 1.214   10.133  4.346   1.00 42.94 ? 89  GLU A OE2 1 
ATOM   715  N N   . VAL A 1 90  ? 5.846   9.934   2.022   1.00 20.08 ? 90  VAL A N   1 
ATOM   716  C CA  . VAL A 1 90  ? 6.084   8.736   1.214   1.00 20.94 ? 90  VAL A CA  1 
ATOM   717  C C   . VAL A 1 90  ? 7.582   8.638   0.922   1.00 20.86 ? 90  VAL A C   1 
ATOM   718  O O   . VAL A 1 90  ? 8.216   7.616   1.183   1.00 19.78 ? 90  VAL A O   1 
ATOM   719  C CB  . VAL A 1 90  ? 5.282   8.785   -0.128  1.00 23.20 ? 90  VAL A CB  1 
ATOM   720  C CG1 . VAL A 1 90  ? 5.785   7.719   -1.093  1.00 23.23 ? 90  VAL A CG1 1 
ATOM   721  C CG2 . VAL A 1 90  ? 3.788   8.567   0.149   1.00 18.64 ? 90  VAL A CG2 1 
ATOM   722  N N   . LEU A 1 91  ? 8.151   9.717   0.397   1.00 20.60 ? 91  LEU A N   1 
ATOM   723  C CA  . LEU A 1 91  ? 9.576   9.740   0.089   1.00 17.68 ? 91  LEU A CA  1 
ATOM   724  C C   . LEU A 1 91  ? 10.424  9.519   1.336   1.00 17.30 ? 91  LEU A C   1 
ATOM   725  O O   . LEU A 1 91  ? 11.477  8.897   1.267   1.00 18.25 ? 91  LEU A O   1 
ATOM   726  C CB  . LEU A 1 91  ? 9.934   11.064  -0.579  1.00 18.13 ? 91  LEU A CB  1 
ATOM   727  C CG  . LEU A 1 91  ? 9.338   11.226  -1.985  1.00 17.02 ? 91  LEU A CG  1 
ATOM   728  C CD1 . LEU A 1 91  ? 9.530   12.658  -2.449  1.00 18.09 ? 91  LEU A CD1 1 
ATOM   729  C CD2 . LEU A 1 91  ? 9.997   10.254  -2.958  1.00 17.94 ? 91  LEU A CD2 1 
ATOM   730  N N   . ALA A 1 92  ? 9.958   10.008  2.482   1.00 16.73 ? 92  ALA A N   1 
ATOM   731  C CA  . ALA A 1 92  ? 10.689  9.850   3.739   1.00 18.82 ? 92  ALA A CA  1 
ATOM   732  C C   . ALA A 1 92  ? 10.698  8.406   4.232   1.00 21.54 ? 92  ALA A C   1 
ATOM   733  O O   . ALA A 1 92  ? 11.713  7.905   4.720   1.00 19.88 ? 92  ALA A O   1 
ATOM   734  C CB  . ALA A 1 92  ? 10.082  10.741  4.800   1.00 20.14 ? 92  ALA A CB  1 
ATOM   735  N N   . LEU A 1 93  ? 9.550   7.745   4.115   1.00 21.38 ? 93  LEU A N   1 
ATOM   736  C CA  . LEU A 1 93  ? 9.428   6.360   4.543   1.00 19.03 ? 93  LEU A CA  1 
ATOM   737  C C   . LEU A 1 93  ? 10.231  5.454   3.617   1.00 20.10 ? 93  LEU A C   1 
ATOM   738  O O   . LEU A 1 93  ? 10.803  4.449   4.060   1.00 19.67 ? 93  LEU A O   1 
ATOM   739  C CB  . LEU A 1 93  ? 7.956   5.933   4.516   1.00 21.83 ? 93  LEU A CB  1 
ATOM   740  C CG  . LEU A 1 93  ? 7.637   4.439   4.673   1.00 20.55 ? 93  LEU A CG  1 
ATOM   741  C CD1 . LEU A 1 93  ? 7.521   4.100   6.152   1.00 20.01 ? 93  LEU A CD1 1 
ATOM   742  C CD2 . LEU A 1 93  ? 6.338   4.112   3.940   1.00 17.86 ? 93  LEU A CD2 1 
ATOM   743  N N   . ARG A 1 94  ? 10.276  5.832   2.337   1.00 16.72 ? 94  ARG A N   1 
ATOM   744  C CA  . ARG A 1 94  ? 10.961  5.072   1.299   1.00 18.15 ? 94  ARG A CA  1 
ATOM   745  C C   . ARG A 1 94  ? 10.573  3.579   1.334   1.00 18.58 ? 94  ARG A C   1 
ATOM   746  O O   . ARG A 1 94  ? 11.395  2.713   1.663   1.00 16.14 ? 94  ARG A O   1 
ATOM   747  C CB  . ARG A 1 94  ? 12.483  5.227   1.416   1.00 19.48 ? 94  ARG A CB  1 
ATOM   748  C CG  . ARG A 1 94  ? 13.129  5.682   0.104   1.00 26.15 ? 94  ARG A CG  1 
ATOM   749  C CD  . ARG A 1 94  ? 14.671  5.673   0.149   1.00 26.36 ? 94  ARG A CD  1 
ATOM   750  N NE  . ARG A 1 94  ? 15.257  5.143   -1.088  1.00 22.85 ? 94  ARG A NE  1 
ATOM   751  C CZ  . ARG A 1 94  ? 15.100  5.689   -2.291  1.00 22.21 ? 94  ARG A CZ  1 
ATOM   752  N NH1 . ARG A 1 94  ? 14.374  6.791   -2.441  1.00 25.51 ? 94  ARG A NH1 1 
ATOM   753  N NH2 . ARG A 1 94  ? 15.658  5.130   -3.356  1.00 24.57 ? 94  ARG A NH2 1 
ATOM   754  N N   . PRO A 1 95  ? 9.311   3.263   0.981   1.00 16.31 ? 95  PRO A N   1 
ATOM   755  C CA  . PRO A 1 95  ? 8.869   1.866   0.991   1.00 16.14 ? 95  PRO A CA  1 
ATOM   756  C C   . PRO A 1 95  ? 9.561   1.179   -0.177  1.00 16.24 ? 95  PRO A C   1 
ATOM   757  O O   . PRO A 1 95  ? 10.001  1.856   -1.111  1.00 15.40 ? 95  PRO A O   1 
ATOM   758  C CB  . PRO A 1 95  ? 7.360   1.974   0.778   1.00 11.76 ? 95  PRO A CB  1 
ATOM   759  C CG  . PRO A 1 95  ? 7.214   3.184   -0.054  1.00 14.04 ? 95  PRO A CG  1 
ATOM   760  C CD  . PRO A 1 95  ? 8.244   4.152   0.494   1.00 13.68 ? 95  PRO A CD  1 
ATOM   761  N N   . GLY A 1 96  ? 9.654   -0.150  -0.132  1.00 14.55 ? 96  GLY A N   1 
ATOM   762  C CA  . GLY A 1 96  ? 10.307  -0.878  -1.205  1.00 12.27 ? 96  GLY A CA  1 
ATOM   763  C C   . GLY A 1 96  ? 9.575   -0.795  -2.528  1.00 12.53 ? 96  GLY A C   1 
ATOM   764  O O   . GLY A 1 96  ? 10.181  -0.900  -3.595  1.00 12.33 ? 96  GLY A O   1 
ATOM   765  N N   . LEU A 1 97  ? 8.260   -0.613  -2.466  1.00 15.62 ? 97  LEU A N   1 
ATOM   766  C CA  . LEU A 1 97  ? 7.429   -0.542  -3.666  1.00 14.52 ? 97  LEU A CA  1 
ATOM   767  C C   . LEU A 1 97  ? 6.145   0.223   -3.345  1.00 13.36 ? 97  LEU A C   1 
ATOM   768  O O   . LEU A 1 97  ? 5.590   0.053   -2.256  1.00 14.81 ? 97  LEU A O   1 
ATOM   769  C CB  . LEU A 1 97  ? 7.080   -1.963  -4.118  1.00 19.43 ? 97  LEU A CB  1 
ATOM   770  C CG  . LEU A 1 97  ? 6.068   -2.171  -5.250  1.00 19.71 ? 97  LEU A CG  1 
ATOM   771  C CD1 . LEU A 1 97  ? 6.643   -1.674  -6.555  1.00 21.80 ? 97  LEU A CD1 1 
ATOM   772  C CD2 . LEU A 1 97  ? 5.752   -3.652  -5.370  1.00 21.98 ? 97  LEU A CD2 1 
ATOM   773  N N   . VAL A 1 98  ? 5.693   1.074   -4.270  1.00 12.86 ? 98  VAL A N   1 
ATOM   774  C CA  . VAL A 1 98  ? 4.453   1.824   -4.072  1.00 12.61 ? 98  VAL A CA  1 
ATOM   775  C C   . VAL A 1 98  ? 3.413   1.271   -5.033  1.00 12.04 ? 98  VAL A C   1 
ATOM   776  O O   . VAL A 1 98  ? 3.633   1.187   -6.240  1.00 12.98 ? 98  VAL A O   1 
ATOM   777  C CB  . VAL A 1 98  ? 4.636   3.342   -4.313  1.00 12.91 ? 98  VAL A CB  1 
ATOM   778  C CG1 . VAL A 1 98  ? 3.277   4.040   -4.366  1.00 8.41  ? 98  VAL A CG1 1 
ATOM   779  C CG2 . VAL A 1 98  ? 5.468   3.922   -3.185  1.00 11.95 ? 98  VAL A CG2 1 
ATOM   780  N N   . TRP A 1 99  ? 2.276   0.885   -4.469  1.00 13.05 ? 99  TRP A N   1 
ATOM   781  C CA  . TRP A 1 99  ? 1.185   0.285   -5.232  1.00 12.88 ? 99  TRP A CA  1 
ATOM   782  C C   . TRP A 1 99  ? -0.050  1.179   -5.203  1.00 12.09 ? 99  TRP A C   1 
ATOM   783  O O   . TRP A 1 99  ? -0.698  1.299   -4.161  1.00 13.65 ? 99  TRP A O   1 
ATOM   784  C CB  . TRP A 1 99  ? 0.839   -1.079  -4.607  1.00 14.56 ? 99  TRP A CB  1 
ATOM   785  C CG  . TRP A 1 99  ? -0.092  -1.942  -5.418  1.00 15.43 ? 99  TRP A CG  1 
ATOM   786  C CD1 . TRP A 1 99  ? -1.438  -1.759  -5.605  1.00 16.90 ? 99  TRP A CD1 1 
ATOM   787  C CD2 . TRP A 1 99  ? 0.267   -3.101  -6.181  1.00 16.98 ? 99  TRP A CD2 1 
ATOM   788  N NE1 . TRP A 1 99  ? -1.934  -2.729  -6.441  1.00 16.20 ? 99  TRP A NE1 1 
ATOM   789  C CE2 . TRP A 1 99  ? -0.911  -3.566  -6.811  1.00 17.82 ? 99  TRP A CE2 1 
ATOM   790  C CE3 . TRP A 1 99  ? 1.471   -3.793  -6.396  1.00 15.37 ? 99  TRP A CE3 1 
ATOM   791  C CZ2 . TRP A 1 99  ? -0.919  -4.694  -7.646  1.00 17.18 ? 99  TRP A CZ2 1 
ATOM   792  C CZ3 . TRP A 1 99  ? 1.462   -4.916  -7.228  1.00 19.67 ? 99  TRP A CZ3 1 
ATOM   793  C CH2 . TRP A 1 99  ? 0.272   -5.352  -7.842  1.00 16.00 ? 99  TRP A CH2 1 
ATOM   794  N N   . LEU A 1 100 ? -0.372  1.808   -6.327  1.00 11.71 ? 100 LEU A N   1 
ATOM   795  C CA  . LEU A 1 100 ? -1.559  2.657   -6.374  1.00 13.46 ? 100 LEU A CA  1 
ATOM   796  C C   . LEU A 1 100 ? -2.750  1.777   -6.745  1.00 14.11 ? 100 LEU A C   1 
ATOM   797  O O   . LEU A 1 100 ? -2.761  1.145   -7.810  1.00 13.17 ? 100 LEU A O   1 
ATOM   798  C CB  . LEU A 1 100 ? -1.391  3.761   -7.416  1.00 15.00 ? 100 LEU A CB  1 
ATOM   799  C CG  . LEU A 1 100 ? -0.176  4.674   -7.215  1.00 14.34 ? 100 LEU A CG  1 
ATOM   800  C CD1 . LEU A 1 100 ? -0.227  5.797   -8.260  1.00 17.13 ? 100 LEU A CD1 1 
ATOM   801  C CD2 . LEU A 1 100 ? -0.155  5.231   -5.779  1.00 13.22 ? 100 LEU A CD2 1 
ATOM   802  N N   . GLN A 1 101 ? -3.747  1.740   -5.866  1.00 14.84 ? 101 GLN A N   1 
ATOM   803  C CA  . GLN A 1 101 ? -4.928  0.917   -6.100  1.00 15.34 ? 101 GLN A CA  1 
ATOM   804  C C   . GLN A 1 101 ? -5.773  1.353   -7.303  1.00 17.19 ? 101 GLN A C   1 
ATOM   805  O O   . GLN A 1 101 ? -5.517  2.382   -7.922  1.00 16.11 ? 101 GLN A O   1 
ATOM   806  C CB  . GLN A 1 101 ? -5.764  0.868   -4.823  1.00 12.50 ? 101 GLN A CB  1 
ATOM   807  C CG  . GLN A 1 101 ? -5.164  -0.054  -3.766  1.00 12.89 ? 101 GLN A CG  1 
ATOM   808  C CD  . GLN A 1 101 ? -5.376  -1.530  -4.098  1.00 16.10 ? 101 GLN A CD  1 
ATOM   809  O OE1 . GLN A 1 101 ? -6.471  -1.937  -4.501  1.00 20.15 ? 101 GLN A OE1 1 
ATOM   810  N NE2 . GLN A 1 101 ? -4.334  -2.334  -3.930  1.00 10.28 ? 101 GLN A NE2 1 
ATOM   811  N N   . SER A 1 102 ? -6.771  0.540   -7.642  1.00 20.05 ? 102 SER A N   1 
ATOM   812  C CA  . SER A 1 102 ? -7.658  0.805   -8.774  1.00 20.18 ? 102 SER A CA  1 
ATOM   813  C C   . SER A 1 102 ? -8.222  2.226   -8.848  1.00 16.61 ? 102 SER A C   1 
ATOM   814  O O   . SER A 1 102 ? -8.669  2.788   -7.846  1.00 17.03 ? 102 SER A O   1 
ATOM   815  C CB  . SER A 1 102 ? -8.817  -0.195  -8.755  1.00 24.92 ? 102 SER A CB  1 
ATOM   816  O OG  . SER A 1 102 ? -8.329  -1.523  -8.861  1.00 31.66 ? 102 SER A OG  1 
ATOM   817  N N   . GLY A 1 103 ? -8.199  2.793   -10.049 1.00 18.24 ? 103 GLY A N   1 
ATOM   818  C CA  . GLY A 1 103 ? -8.714  4.138   -10.254 1.00 20.40 ? 103 GLY A CA  1 
ATOM   819  C C   . GLY A 1 103 ? -7.827  5.252   -9.718  1.00 22.80 ? 103 GLY A C   1 
ATOM   820  O O   . GLY A 1 103 ? -8.274  6.392   -9.575  1.00 22.17 ? 103 GLY A O   1 
ATOM   821  N N   . ILE A 1 104 ? -6.572  4.928   -9.426  1.00 18.74 ? 104 ILE A N   1 
ATOM   822  C CA  . ILE A 1 104 ? -5.659  5.917   -8.902  1.00 18.74 ? 104 ILE A CA  1 
ATOM   823  C C   . ILE A 1 104 ? -4.385  6.053   -9.734  1.00 21.16 ? 104 ILE A C   1 
ATOM   824  O O   . ILE A 1 104 ? -3.549  5.150   -9.757  1.00 17.39 ? 104 ILE A O   1 
ATOM   825  C CB  . ILE A 1 104 ? -5.271  5.597   -7.432  1.00 19.20 ? 104 ILE A CB  1 
ATOM   826  C CG1 . ILE A 1 104 ? -6.525  5.622   -6.543  1.00 16.64 ? 104 ILE A CG1 1 
ATOM   827  C CG2 . ILE A 1 104 ? -4.239  6.611   -6.923  1.00 17.66 ? 104 ILE A CG2 1 
ATOM   828  C CD1 . ILE A 1 104 ? -6.355  4.935   -5.197  1.00 13.16 ? 104 ILE A CD1 1 
ATOM   829  N N   . ARG A 1 105 ? -4.265  7.191   -10.423 1.00 24.77 ? 105 ARG A N   1 
ATOM   830  C CA  . ARG A 1 105 ? -3.088  7.523   -11.231 1.00 26.37 ? 105 ARG A CA  1 
ATOM   831  C C   . ARG A 1 105 ? -2.751  8.987   -10.938 1.00 28.13 ? 105 ARG A C   1 
ATOM   832  O O   . ARG A 1 105 ? -3.632  9.793   -10.628 1.00 28.02 ? 105 ARG A O   1 
ATOM   833  C CB  . ARG A 1 105 ? -3.359  7.382   -12.738 1.00 25.40 ? 105 ARG A CB  1 
ATOM   834  C CG  . ARG A 1 105 ? -3.594  5.966   -13.243 1.00 27.66 ? 105 ARG A CG  1 
ATOM   835  C CD  . ARG A 1 105 ? -2.433  5.028   -12.946 1.00 29.20 ? 105 ARG A CD  1 
ATOM   836  N NE  . ARG A 1 105 ? -1.127  5.508   -13.411 1.00 30.04 ? 105 ARG A NE  1 
ATOM   837  C CZ  . ARG A 1 105 ? -0.718  5.501   -14.677 1.00 29.52 ? 105 ARG A CZ  1 
ATOM   838  N NH1 . ARG A 1 105 ? -1.511  5.043   -15.632 1.00 35.96 ? 105 ARG A NH1 1 
ATOM   839  N NH2 . ARG A 1 105 ? 0.504   5.915   -14.990 1.00 26.41 ? 105 ARG A NH2 1 
ATOM   840  N N   . HIS A 1 106 ? -1.474  9.325   -11.019 1.00 27.25 ? 106 HIS A N   1 
ATOM   841  C CA  . HIS A 1 106 ? -1.042  10.698  -10.800 1.00 27.85 ? 106 HIS A CA  1 
ATOM   842  C C   . HIS A 1 106 ? 0.373   10.862  -11.305 1.00 28.23 ? 106 HIS A C   1 
ATOM   843  O O   . HIS A 1 106 ? 1.339   10.593  -10.587 1.00 26.58 ? 106 HIS A O   1 
ATOM   844  C CB  . HIS A 1 106 ? -1.101  11.092  -9.332  1.00 27.39 ? 106 HIS A CB  1 
ATOM   845  C CG  . HIS A 1 106 ? -1.024  12.571  -9.115  1.00 29.87 ? 106 HIS A CG  1 
ATOM   846  N ND1 . HIS A 1 106 ? 0.167   13.266  -9.133  1.00 28.29 ? 106 HIS A ND1 1 
ATOM   847  C CD2 . HIS A 1 106 ? -1.995  13.494  -8.906  1.00 27.65 ? 106 HIS A CD2 1 
ATOM   848  C CE1 . HIS A 1 106 ? -0.075  14.551  -8.943  1.00 28.20 ? 106 HIS A CE1 1 
ATOM   849  N NE2 . HIS A 1 106 ? -1.377  14.716  -8.802  1.00 27.29 ? 106 HIS A NE2 1 
ATOM   850  N N   . PRO A 1 107 ? 0.501   11.303  -12.568 1.00 30.46 ? 107 PRO A N   1 
ATOM   851  C CA  . PRO A 1 107 ? 1.740   11.548  -13.308 1.00 31.51 ? 107 PRO A CA  1 
ATOM   852  C C   . PRO A 1 107 ? 2.883   12.151  -12.499 1.00 29.69 ? 107 PRO A C   1 
ATOM   853  O O   . PRO A 1 107 ? 3.970   11.573  -12.428 1.00 27.49 ? 107 PRO A O   1 
ATOM   854  C CB  . PRO A 1 107 ? 1.292   12.465  -14.435 1.00 33.78 ? 107 PRO A CB  1 
ATOM   855  C CG  . PRO A 1 107 ? -0.093  12.005  -14.717 1.00 33.44 ? 107 PRO A CG  1 
ATOM   856  C CD  . PRO A 1 107 ? -0.682  11.604  -13.394 1.00 30.77 ? 107 PRO A CD  1 
ATOM   857  N N   . GLU A 1 108 ? 2.643   13.312  -11.896 1.00 29.56 ? 108 GLU A N   1 
ATOM   858  C CA  . GLU A 1 108 ? 3.690   13.956  -11.125 1.00 29.47 ? 108 GLU A CA  1 
ATOM   859  C C   . GLU A 1 108 ? 4.095   13.097  -9.940  1.00 29.04 ? 108 GLU A C   1 
ATOM   860  O O   . GLU A 1 108 ? 5.283   12.887  -9.693  1.00 30.37 ? 108 GLU A O   1 
ATOM   861  C CB  . GLU A 1 108 ? 3.241   15.339  -10.634 1.00 32.09 ? 108 GLU A CB  1 
ATOM   862  C CG  . GLU A 1 108 ? 4.067   15.858  -9.455  1.00 36.01 ? 108 GLU A CG  1 
ATOM   863  C CD  . GLU A 1 108 ? 4.163   17.371  -9.396  1.00 38.96 ? 108 GLU A CD  1 
ATOM   864  O OE1 . GLU A 1 108 ? 3.203   18.047  -9.825  1.00 39.34 ? 108 GLU A OE1 1 
ATOM   865  O OE2 . GLU A 1 108 ? 5.199   17.884  -8.915  1.00 39.93 ? 108 GLU A OE2 1 
ATOM   866  N N   . PHE A 1 109 ? 3.107   12.603  -9.200  1.00 26.85 ? 109 PHE A N   1 
ATOM   867  C CA  . PHE A 1 109 ? 3.384   11.774  -8.034  1.00 23.10 ? 109 PHE A CA  1 
ATOM   868  C C   . PHE A 1 109 ? 4.180   10.541  -8.437  1.00 21.35 ? 109 PHE A C   1 
ATOM   869  O O   . PHE A 1 109 ? 5.130   10.153  -7.759  1.00 21.37 ? 109 PHE A O   1 
ATOM   870  C CB  . PHE A 1 109 ? 2.067   11.355  -7.374  1.00 22.27 ? 109 PHE A CB  1 
ATOM   871  C CG  . PHE A 1 109 ? 2.239   10.539  -6.128  1.00 20.29 ? 109 PHE A CG  1 
ATOM   872  C CD1 . PHE A 1 109 ? 2.475   11.158  -4.901  1.00 18.25 ? 109 PHE A CD1 1 
ATOM   873  C CD2 . PHE A 1 109 ? 2.153   9.142   -6.175  1.00 18.37 ? 109 PHE A CD2 1 
ATOM   874  C CE1 . PHE A 1 109 ? 2.625   10.402  -3.732  1.00 19.81 ? 109 PHE A CE1 1 
ATOM   875  C CE2 . PHE A 1 109 ? 2.303   8.378   -5.013  1.00 11.94 ? 109 PHE A CE2 1 
ATOM   876  C CZ  . PHE A 1 109 ? 2.539   9.006   -3.789  1.00 17.97 ? 109 PHE A CZ  1 
ATOM   877  N N   . GLU A 1 110 ? 3.791   9.935   -9.552  1.00 21.92 ? 110 GLU A N   1 
ATOM   878  C CA  . GLU A 1 110 ? 4.462   8.737   -10.036 1.00 22.80 ? 110 GLU A CA  1 
ATOM   879  C C   . GLU A 1 110 ? 5.864   9.051   -10.522 1.00 24.73 ? 110 GLU A C   1 
ATOM   880  O O   . GLU A 1 110 ? 6.797   8.280   -10.292 1.00 26.44 ? 110 GLU A O   1 
ATOM   881  C CB  . GLU A 1 110 ? 3.640   8.103   -11.153 1.00 23.01 ? 110 GLU A CB  1 
ATOM   882  C CG  . GLU A 1 110 ? 2.313   7.519   -10.654 1.00 25.24 ? 110 GLU A CG  1 
ATOM   883  C CD  . GLU A 1 110 ? 1.421   7.055   -11.780 1.00 23.35 ? 110 GLU A CD  1 
ATOM   884  O OE1 . GLU A 1 110 ? 1.928   6.337   -12.668 1.00 28.69 ? 110 GLU A OE1 1 
ATOM   885  O OE2 . GLU A 1 110 ? 0.223   7.409   -11.787 1.00 22.92 ? 110 GLU A OE2 1 
ATOM   886  N N   . LYS A 1 111 ? 6.011   10.193  -11.189 1.00 27.42 ? 111 LYS A N   1 
ATOM   887  C CA  . LYS A 1 111 ? 7.311   10.607  -11.691 1.00 27.76 ? 111 LYS A CA  1 
ATOM   888  C C   . LYS A 1 111 ? 8.256   10.891  -10.533 1.00 26.33 ? 111 LYS A C   1 
ATOM   889  O O   . LYS A 1 111 ? 9.431   10.546  -10.600 1.00 27.30 ? 111 LYS A O   1 
ATOM   890  C CB  . LYS A 1 111 ? 7.188   11.854  -12.571 1.00 31.41 ? 111 LYS A CB  1 
ATOM   891  C CG  . LYS A 1 111 ? 8.529   12.357  -13.124 1.00 39.19 ? 111 LYS A CG  1 
ATOM   892  C CD  . LYS A 1 111 ? 8.552   13.886  -13.282 1.00 42.73 ? 111 LYS A CD  1 
ATOM   893  C CE  . LYS A 1 111 ? 9.774   14.363  -14.072 1.00 45.48 ? 111 LYS A CE  1 
ATOM   894  N NZ  . LYS A 1 111 ? 10.114  13.447  -15.208 1.00 45.36 ? 111 LYS A NZ  1 
ATOM   895  N N   . ALA A 1 112 ? 7.749   11.509  -9.468  1.00 23.26 ? 112 ALA A N   1 
ATOM   896  C CA  . ALA A 1 112 ? 8.592   11.817  -8.314  1.00 22.70 ? 112 ALA A CA  1 
ATOM   897  C C   . ALA A 1 112 ? 9.122   10.556  -7.650  1.00 22.60 ? 112 ALA A C   1 
ATOM   898  O O   . ALA A 1 112 ? 10.264  10.520  -7.181  1.00 21.57 ? 112 ALA A O   1 
ATOM   899  C CB  . ALA A 1 112 ? 7.828   12.653  -7.297  1.00 21.81 ? 112 ALA A CB  1 
ATOM   900  N N   . LEU A 1 113 ? 8.292   9.517   -7.599  1.00 22.01 ? 113 LEU A N   1 
ATOM   901  C CA  . LEU A 1 113 ? 8.716   8.261   -6.985  1.00 20.23 ? 113 LEU A CA  1 
ATOM   902  C C   . LEU A 1 113 ? 9.770   7.569   -7.854  1.00 19.47 ? 113 LEU A C   1 
ATOM   903  O O   . LEU A 1 113 ? 10.756  7.019   -7.345  1.00 15.68 ? 113 LEU A O   1 
ATOM   904  C CB  . LEU A 1 113 ? 7.507   7.341   -6.769  1.00 19.85 ? 113 LEU A CB  1 
ATOM   905  C CG  . LEU A 1 113 ? 6.559   7.723   -5.623  1.00 17.53 ? 113 LEU A CG  1 
ATOM   906  C CD1 . LEU A 1 113 ? 5.448   6.652   -5.532  1.00 17.69 ? 113 LEU A CD1 1 
ATOM   907  C CD2 . LEU A 1 113 ? 7.309   7.835   -4.292  1.00 16.55 ? 113 LEU A CD2 1 
ATOM   908  N N   . LYS A 1 114 ? 9.558   7.608   -9.166  1.00 21.59 ? 114 LYS A N   1 
ATOM   909  C CA  . LYS A 1 114 ? 10.506  7.009   -10.105 1.00 28.20 ? 114 LYS A CA  1 
ATOM   910  C C   . LYS A 1 114 ? 11.869  7.689   -9.928  1.00 28.31 ? 114 LYS A C   1 
ATOM   911  O O   . LYS A 1 114 ? 12.903  7.041   -9.754  1.00 27.64 ? 114 LYS A O   1 
ATOM   912  C CB  . LYS A 1 114 ? 10.021  7.209   -11.546 1.00 30.70 ? 114 LYS A CB  1 
ATOM   913  C CG  . LYS A 1 114 ? 11.105  6.979   -12.605 1.00 39.74 ? 114 LYS A CG  1 
ATOM   914  C CD  . LYS A 1 114 ? 10.740  7.611   -13.951 1.00 43.33 ? 114 LYS A CD  1 
ATOM   915  C CE  . LYS A 1 114 ? 11.977  8.135   -14.668 1.00 47.43 ? 114 LYS A CE  1 
ATOM   916  N NZ  . LYS A 1 114 ? 12.241  9.575   -14.357 1.00 47.66 ? 114 LYS A NZ  1 
ATOM   917  N N   . GLU A 1 115 ? 11.860  9.012   -9.964  1.00 30.15 ? 115 GLU A N   1 
ATOM   918  C CA  . GLU A 1 115 ? 13.089  9.759   -9.804  1.00 31.26 ? 115 GLU A CA  1 
ATOM   919  C C   . GLU A 1 115 ? 13.801  9.411   -8.490  1.00 29.07 ? 115 GLU A C   1 
ATOM   920  O O   . GLU A 1 115 ? 15.031  9.367   -8.444  1.00 31.66 ? 115 GLU A O   1 
ATOM   921  C CB  . GLU A 1 115 ? 12.783  11.252  -9.942  1.00 33.32 ? 115 GLU A CB  1 
ATOM   922  C CG  . GLU A 1 115 ? 12.410  11.590  -11.384 1.00 39.14 ? 115 GLU A CG  1 
ATOM   923  C CD  . GLU A 1 115 ? 11.999  13.032  -11.596 1.00 45.60 ? 115 GLU A CD  1 
ATOM   924  O OE1 . GLU A 1 115 ? 12.273  13.558  -12.696 1.00 48.58 ? 115 GLU A OE1 1 
ATOM   925  O OE2 . GLU A 1 115 ? 11.402  13.636  -10.678 1.00 49.93 ? 115 GLU A OE2 1 
ATOM   926  N N   . ALA A 1 116 ? 13.048  9.123   -7.432  1.00 23.02 ? 116 ALA A N   1 
ATOM   927  C CA  . ALA A 1 116 ? 13.666  8.751   -6.162  1.00 22.36 ? 116 ALA A CA  1 
ATOM   928  C C   . ALA A 1 116 ? 14.121  7.278   -6.133  1.00 22.38 ? 116 ALA A C   1 
ATOM   929  O O   . ALA A 1 116 ? 14.585  6.777   -5.104  1.00 22.92 ? 116 ALA A O   1 
ATOM   930  C CB  . ALA A 1 116 ? 12.701  9.021   -5.017  1.00 20.98 ? 116 ALA A CB  1 
ATOM   931  N N   . GLY A 1 117 ? 13.995  6.588   -7.263  1.00 23.61 ? 117 GLY A N   1 
ATOM   932  C CA  . GLY A 1 117 ? 14.385  5.189   -7.316  1.00 25.47 ? 117 GLY A CA  1 
ATOM   933  C C   . GLY A 1 117 ? 13.407  4.238   -6.623  1.00 25.27 ? 117 GLY A C   1 
ATOM   934  O O   . GLY A 1 117 ? 13.786  3.142   -6.200  1.00 26.38 ? 117 GLY A O   1 
ATOM   935  N N   . ILE A 1 118 ? 12.146  4.643   -6.504  1.00 23.59 ? 118 ILE A N   1 
ATOM   936  C CA  . ILE A 1 118 ? 11.142  3.808   -5.846  1.00 20.80 ? 118 ILE A CA  1 
ATOM   937  C C   . ILE A 1 118 ? 10.180  3.199   -6.875  1.00 20.30 ? 118 ILE A C   1 
ATOM   938  O O   . ILE A 1 118 ? 9.472   3.925   -7.581  1.00 20.41 ? 118 ILE A O   1 
ATOM   939  C CB  . ILE A 1 118 ? 10.338  4.630   -4.807  1.00 20.65 ? 118 ILE A CB  1 
ATOM   940  C CG1 . ILE A 1 118 ? 11.291  5.179   -3.742  1.00 21.04 ? 118 ILE A CG1 1 
ATOM   941  C CG2 . ILE A 1 118 ? 9.247   3.749   -4.160  1.00 21.72 ? 118 ILE A CG2 1 
ATOM   942  C CD1 . ILE A 1 118 ? 10.663  6.169   -2.774  1.00 20.44 ? 118 ILE A CD1 1 
ATOM   943  N N   . PRO A 1 119 ? 10.152  1.851   -6.978  1.00 17.36 ? 119 PRO A N   1 
ATOM   944  C CA  . PRO A 1 119 ? 9.272   1.163   -7.928  1.00 15.78 ? 119 PRO A CA  1 
ATOM   945  C C   . PRO A 1 119 ? 7.813   1.486   -7.670  1.00 12.82 ? 119 PRO A C   1 
ATOM   946  O O   . PRO A 1 119 ? 7.392   1.631   -6.527  1.00 14.06 ? 119 PRO A O   1 
ATOM   947  C CB  . PRO A 1 119 ? 9.568   -0.319  -7.703  1.00 15.55 ? 119 PRO A CB  1 
ATOM   948  C CG  . PRO A 1 119 ? 10.850  -0.368  -6.975  1.00 18.53 ? 119 PRO A CG  1 
ATOM   949  C CD  . PRO A 1 119 ? 10.956  0.902   -6.191  1.00 17.37 ? 119 PRO A CD  1 
ATOM   950  N N   . VAL A 1 120 ? 7.052   1.599   -8.745  1.00 13.59 ? 120 VAL A N   1 
ATOM   951  C CA  . VAL A 1 120 ? 5.640   1.895   -8.644  1.00 17.41 ? 120 VAL A CA  1 
ATOM   952  C C   . VAL A 1 120 ? 4.808   0.977   -9.532  1.00 17.18 ? 120 VAL A C   1 
ATOM   953  O O   . VAL A 1 120 ? 5.182   0.694   -10.670 1.00 16.53 ? 120 VAL A O   1 
ATOM   954  C CB  . VAL A 1 120 ? 5.346   3.355   -9.074  1.00 17.40 ? 120 VAL A CB  1 
ATOM   955  C CG1 . VAL A 1 120 ? 3.846   3.612   -9.103  1.00 19.12 ? 120 VAL A CG1 1 
ATOM   956  C CG2 . VAL A 1 120 ? 6.023   4.316   -8.120  1.00 23.16 ? 120 VAL A CG2 1 
ATOM   957  N N   . VAL A 1 121 ? 3.694   0.495   -8.990  1.00 16.83 ? 121 VAL A N   1 
ATOM   958  C CA  . VAL A 1 121 ? 2.739   -0.303  -9.758  1.00 17.47 ? 121 VAL A CA  1 
ATOM   959  C C   . VAL A 1 121 ? 1.483   0.554   -9.597  1.00 14.02 ? 121 VAL A C   1 
ATOM   960  O O   . VAL A 1 121 ? 1.129   0.934   -8.479  1.00 15.97 ? 121 VAL A O   1 
ATOM   961  C CB  . VAL A 1 121 ? 2.519   -1.709  -9.161  1.00 19.35 ? 121 VAL A CB  1 
ATOM   962  C CG1 . VAL A 1 121 ? 1.376   -2.397  -9.896  1.00 20.18 ? 121 VAL A CG1 1 
ATOM   963  C CG2 . VAL A 1 121 ? 3.795   -2.534  -9.285  1.00 15.62 ? 121 VAL A CG2 1 
ATOM   964  N N   . ALA A 1 122 ? 0.829   0.902   -10.698 1.00 17.82 ? 122 ALA A N   1 
ATOM   965  C CA  . ALA A 1 122 ? -0.341  1.772   -10.593 1.00 20.38 ? 122 ALA A CA  1 
ATOM   966  C C   . ALA A 1 122 ? -1.616  1.262   -11.248 1.00 22.54 ? 122 ALA A C   1 
ATOM   967  O O   . ALA A 1 122 ? -1.578  0.535   -12.244 1.00 22.89 ? 122 ALA A O   1 
ATOM   968  C CB  . ALA A 1 122 ? 0.004   3.168   -11.147 1.00 20.03 ? 122 ALA A CB  1 
ATOM   969  N N   . ASP A 1 123 ? -2.745  1.677   -10.677 1.00 25.16 ? 123 ASP A N   1 
ATOM   970  C CA  . ASP A 1 123 ? -4.068  1.298   -11.162 1.00 28.35 ? 123 ASP A CA  1 
ATOM   971  C C   . ASP A 1 123 ? -4.280  -0.228  -11.290 1.00 27.24 ? 123 ASP A C   1 
ATOM   972  O O   . ASP A 1 123 ? -4.665  -0.740  -12.348 1.00 25.31 ? 123 ASP A O   1 
ATOM   973  C CB  . ASP A 1 123 ? -4.349  1.996   -12.502 1.00 27.08 ? 123 ASP A CB  1 
ATOM   974  C CG  . ASP A 1 123 ? -5.834  2.249   -12.728 1.00 31.85 ? 123 ASP A CG  1 
ATOM   975  O OD1 . ASP A 1 123 ? -6.178  2.990   -13.674 1.00 35.20 ? 123 ASP A OD1 1 
ATOM   976  O OD2 . ASP A 1 123 ? -6.660  1.707   -11.961 1.00 32.71 ? 123 ASP A OD2 1 
ATOM   977  N N   . ARG A 1 124 ? -4.015  -0.940  -10.198 1.00 26.09 ? 124 ARG A N   1 
ATOM   978  C CA  . ARG A 1 124 ? -4.198  -2.388  -10.137 1.00 25.97 ? 124 ARG A CA  1 
ATOM   979  C C   . ARG A 1 124 ? -4.661  -2.716  -8.726  1.00 22.56 ? 124 ARG A C   1 
ATOM   980  O O   . ARG A 1 124 ? -4.320  -2.015  -7.780  1.00 22.71 ? 124 ARG A O   1 
ATOM   981  C CB  . ARG A 1 124 ? -2.887  -3.120  -10.432 1.00 25.98 ? 124 ARG A CB  1 
ATOM   982  C CG  . ARG A 1 124 ? -2.531  -3.183  -11.901 1.00 29.99 ? 124 ARG A CG  1 
ATOM   983  C CD  . ARG A 1 124 ? -1.754  -4.450  -12.226 1.00 39.73 ? 124 ARG A CD  1 
ATOM   984  N NE  . ARG A 1 124 ? -0.303  -4.258  -12.167 1.00 47.42 ? 124 ARG A NE  1 
ATOM   985  C CZ  . ARG A 1 124 ? 0.600   -5.113  -12.654 1.00 52.05 ? 124 ARG A CZ  1 
ATOM   986  N NH1 . ARG A 1 124 ? 0.214   -6.241  -13.247 1.00 53.71 ? 124 ARG A NH1 1 
ATOM   987  N NH2 . ARG A 1 124 ? 1.896   -4.840  -12.557 1.00 53.29 ? 124 ARG A NH2 1 
ATOM   988  N N   . CYS A 1 125 ? -5.465  -3.763  -8.586  1.00 22.50 ? 125 CYS A N   1 
ATOM   989  C CA  . CYS A 1 125 ? -5.931  -4.172  -7.273  1.00 21.48 ? 125 CYS A CA  1 
ATOM   990  C C   . CYS A 1 125 ? -4.940  -5.213  -6.771  1.00 20.18 ? 125 CYS A C   1 
ATOM   991  O O   . CYS A 1 125 ? -4.798  -6.276  -7.375  1.00 20.62 ? 125 CYS A O   1 
ATOM   992  C CB  . CYS A 1 125 ? -7.334  -4.786  -7.352  1.00 22.42 ? 125 CYS A CB  1 
ATOM   993  S SG  . CYS A 1 125 ? -8.010  -5.223  -5.732  1.00 26.63 ? 125 CYS A SG  1 
ATOM   994  N N   . LEU A 1 126 ? -4.255  -4.903  -5.674  1.00 17.96 ? 126 LEU A N   1 
ATOM   995  C CA  . LEU A 1 126 ? -3.263  -5.812  -5.119  1.00 17.60 ? 126 LEU A CA  1 
ATOM   996  C C   . LEU A 1 126 ? -3.825  -7.216  -4.824  1.00 20.04 ? 126 LEU A C   1 
ATOM   997  O O   . LEU A 1 126 ? -3.134  -8.220  -5.036  1.00 19.59 ? 126 LEU A O   1 
ATOM   998  C CB  . LEU A 1 126 ? -2.641  -5.202  -3.851  1.00 15.58 ? 126 LEU A CB  1 
ATOM   999  C CG  . LEU A 1 126 ? -1.448  -5.933  -3.215  1.00 15.53 ? 126 LEU A CG  1 
ATOM   1000 C CD1 . LEU A 1 126 ? -0.479  -6.422  -4.288  1.00 12.15 ? 126 LEU A CD1 1 
ATOM   1001 C CD2 . LEU A 1 126 ? -0.747  -4.995  -2.234  1.00 11.93 ? 126 LEU A CD2 1 
ATOM   1002 N N   . MET A 1 127 ? -5.062  -7.294  -4.337  1.00 19.82 ? 127 MET A N   1 
ATOM   1003 C CA  . MET A 1 127 ? -5.665  -8.601  -4.042  1.00 22.59 ? 127 MET A CA  1 
ATOM   1004 C C   . MET A 1 127 ? -5.800  -9.408  -5.322  1.00 22.23 ? 127 MET A C   1 
ATOM   1005 O O   . MET A 1 127 ? -5.378  -10.568 -5.401  1.00 22.30 ? 127 MET A O   1 
ATOM   1006 C CB  . MET A 1 127 ? -7.053  -8.442  -3.427  1.00 23.34 ? 127 MET A CB  1 
ATOM   1007 C CG  . MET A 1 127 ? -7.799  -9.778  -3.271  1.00 24.51 ? 127 MET A CG  1 
ATOM   1008 S SD  . MET A 1 127 ? -9.292  -9.561  -2.297  1.00 26.99 ? 127 MET A SD  1 
ATOM   1009 C CE  . MET A 1 127 ? -10.168 -8.382  -3.368  1.00 24.02 ? 127 MET A CE  1 
ATOM   1010 N N   . VAL A 1 128 ? -6.400  -8.780  -6.325  1.00 22.51 ? 128 VAL A N   1 
ATOM   1011 C CA  . VAL A 1 128 ? -6.604  -9.420  -7.604  1.00 22.58 ? 128 VAL A CA  1 
ATOM   1012 C C   . VAL A 1 128 ? -5.275  -9.883  -8.171  1.00 25.50 ? 128 VAL A C   1 
ATOM   1013 O O   . VAL A 1 128 ? -5.138  -11.041 -8.569  1.00 25.34 ? 128 VAL A O   1 
ATOM   1014 C CB  . VAL A 1 128 ? -7.278  -8.457  -8.578  1.00 22.99 ? 128 VAL A CB  1 
ATOM   1015 C CG1 . VAL A 1 128 ? -7.127  -8.952  -10.000 1.00 24.64 ? 128 VAL A CG1 1 
ATOM   1016 C CG2 . VAL A 1 128 ? -8.744  -8.295  -8.197  1.00 19.97 ? 128 VAL A CG2 1 
ATOM   1017 N N   . GLU A 1 129 ? -4.293  -8.985  -8.186  1.00 24.11 ? 129 GLU A N   1 
ATOM   1018 C CA  . GLU A 1 129 ? -2.972  -9.304  -8.717  1.00 21.72 ? 129 GLU A CA  1 
ATOM   1019 C C   . GLU A 1 129 ? -2.286  -10.417 -7.943  1.00 20.34 ? 129 GLU A C   1 
ATOM   1020 O O   . GLU A 1 129 ? -1.599  -11.259 -8.532  1.00 20.79 ? 129 GLU A O   1 
ATOM   1021 C CB  . GLU A 1 129 ? -2.096  -8.056  -8.718  1.00 25.03 ? 129 GLU A CB  1 
ATOM   1022 C CG  . GLU A 1 129 ? -2.459  -7.064  -9.823  1.00 30.00 ? 129 GLU A CG  1 
ATOM   1023 C CD  . GLU A 1 129 ? -2.701  -7.741  -11.167 1.00 33.24 ? 129 GLU A CD  1 
ATOM   1024 O OE1 . GLU A 1 129 ? -3.780  -7.529  -11.761 1.00 33.63 ? 129 GLU A OE1 1 
ATOM   1025 O OE2 . GLU A 1 129 ? -1.811  -8.482  -11.630 1.00 34.82 ? 129 GLU A OE2 1 
ATOM   1026 N N   . HIS A 1 130 ? -2.469  -10.426 -6.628  1.00 18.85 ? 130 HIS A N   1 
ATOM   1027 C CA  . HIS A 1 130 ? -1.869  -11.463 -5.800  1.00 23.04 ? 130 HIS A CA  1 
ATOM   1028 C C   . HIS A 1 130 ? -2.478  -12.825 -6.164  1.00 26.84 ? 130 HIS A C   1 
ATOM   1029 O O   . HIS A 1 130 ? -1.768  -13.837 -6.279  1.00 24.26 ? 130 HIS A O   1 
ATOM   1030 C CB  . HIS A 1 130 ? -2.117  -11.174 -4.323  1.00 20.66 ? 130 HIS A CB  1 
ATOM   1031 C CG  . HIS A 1 130 ? -1.402  -12.113 -3.402  1.00 22.47 ? 130 HIS A CG  1 
ATOM   1032 N ND1 . HIS A 1 130 ? -1.984  -13.263 -2.913  1.00 22.29 ? 130 HIS A ND1 1 
ATOM   1033 C CD2 . HIS A 1 130 ? -0.158  -12.065 -2.869  1.00 22.25 ? 130 HIS A CD2 1 
ATOM   1034 C CE1 . HIS A 1 130 ? -1.130  -13.882 -2.117  1.00 21.81 ? 130 HIS A CE1 1 
ATOM   1035 N NE2 . HIS A 1 130 ? -0.015  -13.175 -2.074  1.00 24.64 ? 130 HIS A NE2 1 
ATOM   1036 N N   . LYS A 1 131 ? -3.797  -12.838 -6.343  1.00 25.56 ? 131 LYS A N   1 
ATOM   1037 C CA  . LYS A 1 131 ? -4.501  -14.059 -6.710  1.00 26.54 ? 131 LYS A CA  1 
ATOM   1038 C C   . LYS A 1 131 ? -4.019  -14.565 -8.056  1.00 24.47 ? 131 LYS A C   1 
ATOM   1039 O O   . LYS A 1 131 ? -3.722  -15.741 -8.196  1.00 25.38 ? 131 LYS A O   1 
ATOM   1040 C CB  . LYS A 1 131 ? -6.001  -13.807 -6.780  1.00 28.31 ? 131 LYS A CB  1 
ATOM   1041 C CG  . LYS A 1 131 ? -6.672  -13.818 -5.439  1.00 33.06 ? 131 LYS A CG  1 
ATOM   1042 C CD  . LYS A 1 131 ? -8.110  -13.360 -5.552  1.00 35.94 ? 131 LYS A CD  1 
ATOM   1043 C CE  . LYS A 1 131 ? -8.820  -13.525 -4.224  1.00 38.89 ? 131 LYS A CE  1 
ATOM   1044 N NZ  . LYS A 1 131 ? -10.290 -13.666 -4.398  1.00 42.96 ? 131 LYS A NZ  1 
ATOM   1045 N N   . ARG A 1 132 ? -3.929  -13.674 -9.039  1.00 22.49 ? 132 ARG A N   1 
ATOM   1046 C CA  . ARG A 1 132 ? -3.500  -14.054 -10.381 1.00 23.57 ? 132 ARG A CA  1 
ATOM   1047 C C   . ARG A 1 132 ? -2.080  -14.590 -10.498 1.00 27.52 ? 132 ARG A C   1 
ATOM   1048 O O   . ARG A 1 132 ? -1.791  -15.424 -11.362 1.00 27.87 ? 132 ARG A O   1 
ATOM   1049 C CB  . ARG A 1 132 ? -3.629  -12.875 -11.331 1.00 23.04 ? 132 ARG A CB  1 
ATOM   1050 C CG  . ARG A 1 132 ? -3.014  -13.130 -12.698 1.00 25.60 ? 132 ARG A CG  1 
ATOM   1051 C CD  . ARG A 1 132 ? -2.995  -11.867 -13.560 1.00 28.74 ? 132 ARG A CD  1 
ATOM   1052 N NE  . ARG A 1 132 ? -1.941  -10.952 -13.136 1.00 33.11 ? 132 ARG A NE  1 
ATOM   1053 C CZ  . ARG A 1 132 ? -0.683  -10.998 -13.570 1.00 35.73 ? 132 ARG A CZ  1 
ATOM   1054 N NH1 . ARG A 1 132 ? 0.207   -10.121 -13.120 1.00 33.85 ? 132 ARG A NH1 1 
ATOM   1055 N NH2 . ARG A 1 132 ? -0.316  -11.910 -14.460 1.00 33.95 ? 132 ARG A NH2 1 
ATOM   1056 N N   . LEU A 1 133 ? -1.191  -14.099 -9.645  1.00 27.69 ? 133 LEU A N   1 
ATOM   1057 C CA  . LEU A 1 133 ? 0.205   -14.510 -9.695  1.00 27.57 ? 133 LEU A CA  1 
ATOM   1058 C C   . LEU A 1 133 ? 0.509   -15.761 -8.885  1.00 28.58 ? 133 LEU A C   1 
ATOM   1059 O O   . LEU A 1 133 ? 1.423   -16.514 -9.230  1.00 27.71 ? 133 LEU A O   1 
ATOM   1060 C CB  . LEU A 1 133 ? 1.106   -13.365 -9.212  1.00 25.68 ? 133 LEU A CB  1 
ATOM   1061 C CG  . LEU A 1 133 ? 1.288   -12.161 -10.142 1.00 24.84 ? 133 LEU A CG  1 
ATOM   1062 C CD1 . LEU A 1 133 ? 1.904   -10.987 -9.365  1.00 21.30 ? 133 LEU A CD1 1 
ATOM   1063 C CD2 . LEU A 1 133 ? 2.165   -12.558 -11.315 1.00 22.91 ? 133 LEU A CD2 1 
ATOM   1064 N N   . PHE A 1 134 ? -0.263  -15.989 -7.825  1.00 27.85 ? 134 PHE A N   1 
ATOM   1065 C CA  . PHE A 1 134 ? -0.026  -17.131 -6.949  1.00 32.71 ? 134 PHE A CA  1 
ATOM   1066 C C   . PHE A 1 134 ? -1.061  -18.248 -6.954  1.00 35.73 ? 134 PHE A C   1 
ATOM   1067 O O   . PHE A 1 134 ? -0.998  -19.151 -6.125  1.00 34.84 ? 134 PHE A O   1 
ATOM   1068 C CB  . PHE A 1 134 ? 0.184   -16.625 -5.518  1.00 30.51 ? 134 PHE A CB  1 
ATOM   1069 C CG  . PHE A 1 134 ? 1.341   -15.677 -5.393  1.00 27.29 ? 134 PHE A CG  1 
ATOM   1070 C CD1 . PHE A 1 134 ? 1.128   -14.329 -5.126  1.00 26.33 ? 134 PHE A CD1 1 
ATOM   1071 C CD2 . PHE A 1 134 ? 2.637   -16.122 -5.630  1.00 23.49 ? 134 PHE A CD2 1 
ATOM   1072 C CE1 . PHE A 1 134 ? 2.190   -13.433 -5.108  1.00 23.18 ? 134 PHE A CE1 1 
ATOM   1073 C CE2 . PHE A 1 134 ? 3.699   -15.238 -5.612  1.00 26.39 ? 134 PHE A CE2 1 
ATOM   1074 C CZ  . PHE A 1 134 ? 3.475   -13.886 -5.352  1.00 23.92 ? 134 PHE A CZ  1 
ATOM   1075 N N   . ARG A 1 135 ? -2.010  -18.183 -7.878  1.00 41.37 ? 135 ARG A N   1 
ATOM   1076 C CA  . ARG A 1 135 ? -3.048  -19.209 -7.982  1.00 47.28 ? 135 ARG A CA  1 
ATOM   1077 C C   . ARG A 1 135 ? -3.388  -19.474 -9.448  1.00 48.30 ? 135 ARG A C   1 
ATOM   1078 O O   . ARG A 1 135 ? -3.787  -20.583 -9.807  1.00 50.52 ? 135 ARG A O   1 
ATOM   1079 C CB  . ARG A 1 135 ? -4.308  -18.782 -7.218  1.00 50.97 ? 135 ARG A CB  1 
ATOM   1080 C CG  . ARG A 1 135 ? -4.064  -17.702 -6.169  1.00 55.25 ? 135 ARG A CG  1 
ATOM   1081 C CD  . ARG A 1 135 ? -4.560  -18.134 -4.801  1.00 59.92 ? 135 ARG A CD  1 
ATOM   1082 N NE  . ARG A 1 135 ? -3.590  -17.845 -3.748  1.00 61.29 ? 135 ARG A NE  1 
ATOM   1083 C CZ  . ARG A 1 135 ? -3.910  -17.669 -2.471  1.00 62.17 ? 135 ARG A CZ  1 
ATOM   1084 N NH1 . ARG A 1 135 ? -5.180  -17.753 -2.091  1.00 60.71 ? 135 ARG A NH1 1 
ATOM   1085 N NH2 . ARG A 1 135 ? -2.961  -17.415 -1.577  1.00 61.39 ? 135 ARG A NH2 1 
ATOM   1086 N N   . GLY A 1 136 ? -3.223  -18.451 -10.288 1.00 48.85 ? 136 GLY A N   1 
ATOM   1087 C CA  . GLY A 1 136 ? -3.501  -18.592 -11.707 1.00 50.04 ? 136 GLY A CA  1 
ATOM   1088 C C   . GLY A 1 136 ? -4.614  -17.711 -12.250 1.00 50.30 ? 136 GLY A C   1 
ATOM   1089 O O   . GLY A 1 136 ? -4.462  -17.183 -13.374 1.00 50.30 ? 136 GLY A O   1 
HETATM 1090 O O   . HOH B 2 .   ? -9.652  4.039   -3.001  1.00 12.89 ? 201 HOH A O   1 
HETATM 1091 O O   . HOH B 2 .   ? -7.861  -8.688  9.467   1.00 16.50 ? 202 HOH A O   1 
HETATM 1092 O O   . HOH B 2 .   ? 10.103  -15.430 -1.783  1.00 17.06 ? 203 HOH A O   1 
HETATM 1093 O O   . HOH B 2 .   ? -0.389  0.733   11.857  1.00 17.68 ? 204 HOH A O   1 
HETATM 1094 O O   . HOH B 2 .   ? -9.419  2.350   -5.263  1.00 18.70 ? 205 HOH A O   1 
HETATM 1095 O O   . HOH B 2 .   ? -8.916  -0.502  -4.710  1.00 18.78 ? 206 HOH A O   1 
HETATM 1096 O O   . HOH B 2 .   ? -14.085 -9.282  3.448   1.00 21.70 ? 207 HOH A O   1 
HETATM 1097 O O   . HOH B 2 .   ? 10.205  1.657   4.674   1.00 21.80 ? 208 HOH A O   1 
HETATM 1098 O O   . HOH B 2 .   ? -10.823 7.586   5.194   1.00 21.86 ? 209 HOH A O   1 
HETATM 1099 O O   . HOH B 2 .   ? -0.559  8.056   14.834  1.00 22.28 ? 210 HOH A O   1 
HETATM 1100 O O   . HOH B 2 .   ? -4.101  8.108   4.834   1.00 22.44 ? 211 HOH A O   1 
HETATM 1101 O O   . HOH B 2 .   ? -6.949  -12.376 -10.003 1.00 22.61 ? 212 HOH A O   1 
HETATM 1102 O O   . HOH B 2 .   ? -2.392  15.274  -5.082  1.00 22.99 ? 213 HOH A O   1 
HETATM 1103 O O   . HOH B 2 .   ? -8.903  16.037  -2.666  1.00 23.05 ? 214 HOH A O   1 
HETATM 1104 O O   . HOH B 2 .   ? 9.485   -16.154 -7.874  1.00 24.82 ? 215 HOH A O   1 
HETATM 1105 O O   . HOH B 2 .   ? -1.648  -7.200  10.306  1.00 24.91 ? 216 HOH A O   1 
HETATM 1106 O O   . HOH B 2 .   ? 12.739  2.169   -2.092  1.00 25.51 ? 217 HOH A O   1 
HETATM 1107 O O   . HOH B 2 .   ? -2.451  16.384  -2.998  1.00 25.51 ? 218 HOH A O   1 
HETATM 1108 O O   . HOH B 2 .   ? -5.806  11.525  13.367  1.00 26.51 ? 219 HOH A O   1 
HETATM 1109 O O   . HOH B 2 .   ? 1.705   -14.711 -0.379  1.00 26.55 ? 220 HOH A O   1 
HETATM 1110 O O   . HOH B 2 .   ? 10.206  -8.097  -1.580  1.00 26.57 ? 221 HOH A O   1 
HETATM 1111 O O   . HOH B 2 .   ? 11.336  12.757  -6.018  1.00 26.73 ? 222 HOH A O   1 
HETATM 1112 O O   . HOH B 2 .   ? -5.794  -5.406  -10.775 1.00 27.12 ? 223 HOH A O   1 
HETATM 1113 O O   . HOH B 2 .   ? -7.506  9.628   4.911   1.00 27.16 ? 224 HOH A O   1 
HETATM 1114 O O   . HOH B 2 .   ? 1.896   0.561   13.121  1.00 27.31 ? 225 HOH A O   1 
HETATM 1115 O O   . HOH B 2 .   ? -1.286  9.416   6.535   1.00 27.43 ? 226 HOH A O   1 
HETATM 1116 O O   . HOH B 2 .   ? -8.837  12.596  10.241  1.00 27.50 ? 227 HOH A O   1 
HETATM 1117 O O   . HOH B 2 .   ? 1.734   0.293   -13.090 1.00 28.14 ? 228 HOH A O   1 
HETATM 1118 O O   . HOH B 2 .   ? 8.518   1.641   -11.457 1.00 28.98 ? 229 HOH A O   1 
HETATM 1119 O O   . HOH B 2 .   ? 9.297   -15.448 -10.046 1.00 29.29 ? 230 HOH A O   1 
HETATM 1120 O O   . HOH B 2 .   ? -21.112 0.827   3.425   1.00 30.15 ? 231 HOH A O   1 
HETATM 1121 O O   . HOH B 2 .   ? -1.854  -18.270 3.933   1.00 30.19 ? 232 HOH A O   1 
HETATM 1122 O O   . HOH B 2 .   ? 14.622  -9.786  -13.001 1.00 30.22 ? 233 HOH A O   1 
HETATM 1123 O O   . HOH B 2 .   ? 4.920   0.065   12.980  1.00 31.56 ? 234 HOH A O   1 
HETATM 1124 O O   . HOH B 2 .   ? 5.302   12.802  9.578   1.00 32.51 ? 235 HOH A O   1 
HETATM 1125 O O   . HOH B 2 .   ? 7.043   -1.340  -12.000 1.00 32.72 ? 236 HOH A O   1 
HETATM 1126 O O   . HOH B 2 .   ? -9.184  12.119  -6.651  1.00 32.81 ? 237 HOH A O   1 
HETATM 1127 O O   . HOH B 2 .   ? -4.596  10.472  4.682   1.00 32.85 ? 238 HOH A O   1 
HETATM 1128 O O   . HOH B 2 .   ? -11.499 -9.882  2.455   1.00 33.10 ? 239 HOH A O   1 
HETATM 1129 O O   . HOH B 2 .   ? 13.439  8.912   -0.380  1.00 33.36 ? 240 HOH A O   1 
HETATM 1130 O O   . HOH B 2 .   ? -13.936 -6.603  4.287   1.00 33.99 ? 241 HOH A O   1 
HETATM 1131 O O   . HOH B 2 .   ? 5.782   -2.468  12.701  1.00 35.26 ? 242 HOH A O   1 
HETATM 1132 O O   . HOH B 2 .   ? -10.237 -10.870 -6.518  1.00 36.26 ? 243 HOH A O   1 
HETATM 1133 O O   . HOH B 2 .   ? 10.924  -7.912  3.023   1.00 36.58 ? 244 HOH A O   1 
HETATM 1134 O O   . HOH B 2 .   ? -10.535 -11.673 -3.004  1.00 36.99 ? 245 HOH A O   1 
HETATM 1135 O O   . HOH B 2 .   ? 11.172  3.318   -10.767 1.00 37.37 ? 246 HOH A O   1 
HETATM 1136 O O   . HOH B 2 .   ? -8.084  -4.948  -10.902 1.00 37.90 ? 247 HOH A O   1 
HETATM 1137 O O   . HOH B 2 .   ? 6.967   9.049   -14.232 1.00 38.12 ? 248 HOH A O   1 
HETATM 1138 O O   . HOH B 2 .   ? 3.683   4.359   -13.084 1.00 38.16 ? 249 HOH A O   1 
HETATM 1139 O O   . HOH B 2 .   ? -6.900  -15.970 -9.865  1.00 38.54 ? 250 HOH A O   1 
HETATM 1140 O O   . HOH B 2 .   ? 4.285   -3.739  -12.409 1.00 38.54 ? 251 HOH A O   1 
HETATM 1141 O O   . HOH B 2 .   ? -11.033 -2.951  -5.337  1.00 39.19 ? 252 HOH A O   1 
HETATM 1142 O O   . HOH B 2 .   ? 3.953   3.193   -15.365 1.00 39.29 ? 253 HOH A O   1 
HETATM 1143 O O   . HOH B 2 .   ? -6.248  14.317  6.697   1.00 39.40 ? 254 HOH A O   1 
HETATM 1144 O O   . HOH B 2 .   ? -16.519 0.378   -1.313  1.00 39.51 ? 255 HOH A O   1 
HETATM 1145 O O   . HOH B 2 .   ? -2.312  5.643   16.651  1.00 41.02 ? 256 HOH A O   1 
HETATM 1146 O O   . HOH B 2 .   ? -10.447 -5.346  -6.805  1.00 41.83 ? 257 HOH A O   1 
HETATM 1147 O O   . HOH B 2 .   ? -4.755  15.812  0.107   1.00 41.96 ? 258 HOH A O   1 
HETATM 1148 O O   . HOH B 2 .   ? 2.743   18.015  3.751   1.00 42.25 ? 259 HOH A O   1 
HETATM 1149 O O   . HOH B 2 .   ? -16.208 -5.097  10.411  1.00 42.27 ? 260 HOH A O   1 
HETATM 1150 O O   . HOH B 2 .   ? -8.755  -6.241  13.904  1.00 43.52 ? 261 HOH A O   1 
HETATM 1151 O O   . HOH B 2 .   ? 7.677   5.564   -11.999 1.00 43.93 ? 262 HOH A O   1 
HETATM 1152 O O   . HOH B 2 .   ? 7.438   -1.556  15.859  1.00 44.13 ? 263 HOH A O   1 
HETATM 1153 O O   . HOH B 2 .   ? 2.985   14.220  3.520   1.00 44.59 ? 264 HOH A O   1 
HETATM 1154 O O   . HOH B 2 .   ? -15.872 -3.084  -4.138  1.00 44.62 ? 265 HOH A O   1 
HETATM 1155 O O   . HOH B 2 .   ? 1.962   -20.664 -6.901  1.00 45.08 ? 266 HOH A O   1 
HETATM 1156 O O   . HOH B 2 .   ? -8.977  -12.013 -9.161  1.00 46.13 ? 267 HOH A O   1 
HETATM 1157 O O   . HOH B 2 .   ? 0.580   17.433  -10.905 1.00 46.23 ? 268 HOH A O   1 
HETATM 1158 O O   . HOH B 2 .   ? -2.308  17.083  -7.642  1.00 46.69 ? 269 HOH A O   1 
HETATM 1159 O O   . HOH B 2 .   ? 5.066   -11.345 6.307   1.00 47.67 ? 270 HOH A O   1 
HETATM 1160 O O   . HOH B 2 .   ? -4.016  -8.182  17.677  1.00 48.13 ? 271 HOH A O   1 
HETATM 1161 O O   . HOH B 2 .   ? -3.402  19.453  -2.641  1.00 48.23 ? 272 HOH A O   1 
HETATM 1162 O O   . HOH B 2 .   ? -6.615  -10.136 15.759  1.00 48.36 ? 273 HOH A O   1 
HETATM 1163 O O   . HOH B 2 .   ? -6.713  14.075  12.247  1.00 50.09 ? 274 HOH A O   1 
HETATM 1164 O O   . HOH B 2 .   ? 7.797   -7.394  14.240  1.00 50.71 ? 275 HOH A O   1 
HETATM 1165 O O   . HOH B 2 .   ? 6.433   -7.573  16.160  1.00 51.12 ? 276 HOH A O   1 
HETATM 1166 O O   . HOH B 2 .   ? 2.388   12.949  7.901   1.00 51.22 ? 277 HOH A O   1 
HETATM 1167 O O   . HOH B 2 .   ? 1.394   12.016  13.986  1.00 51.97 ? 278 HOH A O   1 
HETATM 1168 O O   . HOH B 2 .   ? 6.726   -17.309 -6.306  1.00 54.22 ? 279 HOH A O   1 
HETATM 1169 O O   . HOH B 2 .   ? -11.802 -0.578  14.204  1.00 54.42 ? 280 HOH A O   1 
HETATM 1170 O O   . HOH B 2 .   ? -7.321  -1.045  -13.190 1.00 54.80 ? 281 HOH A O   1 
HETATM 1171 O O   . HOH B 2 .   ? -11.694 -9.956  -10.510 1.00 56.07 ? 282 HOH A O   1 
HETATM 1172 O O   . HOH B 2 .   ? -3.699  13.719  12.721  1.00 56.16 ? 283 HOH A O   1 
HETATM 1173 O O   . HOH B 2 .   ? -9.833  -5.069  10.591  1.00 57.82 ? 284 HOH A O   1 
HETATM 1174 O O   . HOH B 2 .   ? -6.340  -19.989 -14.301 1.00 58.75 ? 285 HOH A O   1 
# 
loop_
_pdbx_poly_seq_scheme.asym_id 
_pdbx_poly_seq_scheme.entity_id 
_pdbx_poly_seq_scheme.seq_id 
_pdbx_poly_seq_scheme.mon_id 
_pdbx_poly_seq_scheme.ndb_seq_num 
_pdbx_poly_seq_scheme.pdb_seq_num 
_pdbx_poly_seq_scheme.auth_seq_num 
_pdbx_poly_seq_scheme.pdb_mon_id 
_pdbx_poly_seq_scheme.auth_mon_id 
_pdbx_poly_seq_scheme.pdb_strand_id 
_pdbx_poly_seq_scheme.pdb_ins_code 
_pdbx_poly_seq_scheme.hetero 
A 1 1   MET 1   1   1   MET MET A . n 
A 1 2   ASN 2   2   2   ASN ASN A . n 
A 1 3   ASP 3   3   3   ASP ASP A . n 
A 1 4   GLN 4   4   4   GLN GLN A . n 
A 1 5   GLU 5   5   5   GLU GLU A . n 
A 1 6   LEU 6   6   6   LEU LEU A . n 
A 1 7   ARG 7   7   7   ARG ARG A . n 
A 1 8   ALA 8   8   8   ALA ALA A . n 
A 1 9   TYR 9   9   9   TYR TYR A . n 
A 1 10  LEU 10  10  10  LEU LEU A . n 
A 1 11  SER 11  11  11  SER SER A . n 
A 1 12  GLN 12  12  12  GLN GLN A . n 
A 1 13  ALA 13  13  13  ALA ALA A . n 
A 1 14  LYS 14  14  14  LYS LYS A . n 
A 1 15  THR 15  15  15  THR THR A . n 
A 1 16  ILE 16  16  16  ILE ILE A . n 
A 1 17  ALA 17  17  17  ALA ALA A . n 
A 1 18  VAL 18  18  18  VAL VAL A . n 
A 1 19  LEU 19  19  19  LEU LEU A . n 
A 1 20  GLY 20  20  20  GLY GLY A . n 
A 1 21  ALA 21  21  21  ALA ALA A . n 
A 1 22  HIS 22  22  22  HIS HIS A . n 
A 1 23  LYS 23  23  23  LYS LYS A . n 
A 1 24  ASP 24  24  24  ASP ASP A . n 
A 1 25  PRO 25  25  25  PRO PRO A . n 
A 1 26  SER 26  26  26  SER SER A . n 
A 1 27  ARG 27  27  27  ARG ARG A . n 
A 1 28  PRO 28  28  28  PRO PRO A . n 
A 1 29  ALA 29  29  29  ALA ALA A . n 
A 1 30  HIS 30  30  30  HIS HIS A . n 
A 1 31  TYR 31  31  31  TYR TYR A . n 
A 1 32  VAL 32  32  32  VAL VAL A . n 
A 1 33  PRO 33  33  33  PRO PRO A . n 
A 1 34  ARG 34  34  34  ARG ARG A . n 
A 1 35  TYR 35  35  35  TYR TYR A . n 
A 1 36  LEU 36  36  36  LEU LEU A . n 
A 1 37  ARG 37  37  37  ARG ARG A . n 
A 1 38  GLU 38  38  38  GLU GLU A . n 
A 1 39  GLN 39  39  39  GLN GLN A . n 
A 1 40  GLY 40  40  40  GLY GLY A . n 
A 1 41  TYR 41  41  41  TYR TYR A . n 
A 1 42  ARG 42  42  42  ARG ARG A . n 
A 1 43  VAL 43  43  43  VAL VAL A . n 
A 1 44  LEU 44  44  44  LEU LEU A . n 
A 1 45  PRO 45  45  45  PRO PRO A . n 
A 1 46  VAL 46  46  46  VAL VAL A . n 
A 1 47  ASN 47  47  47  ASN ASN A . n 
A 1 48  PRO 48  48  48  PRO PRO A . n 
A 1 49  ARG 49  49  49  ARG ARG A . n 
A 1 50  PHE 50  50  50  PHE PHE A . n 
A 1 51  GLN 51  51  51  GLN GLN A . n 
A 1 52  GLY 52  52  52  GLY GLY A . n 
A 1 53  GLU 53  53  53  GLU GLU A . n 
A 1 54  GLU 54  54  54  GLU GLU A . n 
A 1 55  LEU 55  55  55  LEU LEU A . n 
A 1 56  PHE 56  56  56  PHE PHE A . n 
A 1 57  GLY 57  57  57  GLY GLY A . n 
A 1 58  GLU 58  58  58  GLU GLU A . n 
A 1 59  GLU 59  59  59  GLU GLU A . n 
A 1 60  ALA 60  60  60  ALA ALA A . n 
A 1 61  VAL 61  61  61  VAL VAL A . n 
A 1 62  ALA 62  62  62  ALA ALA A . n 
A 1 63  SER 63  63  63  SER SER A . n 
A 1 64  LEU 64  64  64  LEU LEU A . n 
A 1 65  LEU 65  65  65  LEU LEU A . n 
A 1 66  ASP 66  66  66  ASP ASP A . n 
A 1 67  LEU 67  67  67  LEU LEU A . n 
A 1 68  LYS 68  68  68  LYS LYS A . n 
A 1 69  GLU 69  69  69  GLU GLU A . n 
A 1 70  PRO 70  70  70  PRO PRO A . n 
A 1 71  VAL 71  71  71  VAL VAL A . n 
A 1 72  ASP 72  72  72  ASP ASP A . n 
A 1 73  ILE 73  73  73  ILE ILE A . n 
A 1 74  LEU 74  74  74  LEU LEU A . n 
A 1 75  ASP 75  75  75  ASP ASP A . n 
A 1 76  VAL 76  76  76  VAL VAL A . n 
A 1 77  PHE 77  77  77  PHE PHE A . n 
A 1 78  ARG 78  78  78  ARG ARG A . n 
A 1 79  PRO 79  79  79  PRO PRO A . n 
A 1 80  PRO 80  80  80  PRO PRO A . n 
A 1 81  SER 81  81  81  SER SER A . n 
A 1 82  ALA 82  82  82  ALA ALA A . n 
A 1 83  LEU 83  83  83  LEU LEU A . n 
A 1 84  MET 84  84  84  MET MET A . n 
A 1 85  ASP 85  85  85  ASP ASP A . n 
A 1 86  HIS 86  86  86  HIS HIS A . n 
A 1 87  LEU 87  87  87  LEU LEU A . n 
A 1 88  PRO 88  88  88  PRO PRO A . n 
A 1 89  GLU 89  89  89  GLU GLU A . n 
A 1 90  VAL 90  90  90  VAL VAL A . n 
A 1 91  LEU 91  91  91  LEU LEU A . n 
A 1 92  ALA 92  92  92  ALA ALA A . n 
A 1 93  LEU 93  93  93  LEU LEU A . n 
A 1 94  ARG 94  94  94  ARG ARG A . n 
A 1 95  PRO 95  95  95  PRO PRO A . n 
A 1 96  GLY 96  96  96  GLY GLY A . n 
A 1 97  LEU 97  97  97  LEU LEU A . n 
A 1 98  VAL 98  98  98  VAL VAL A . n 
A 1 99  TRP 99  99  99  TRP TRP A . n 
A 1 100 LEU 100 100 100 LEU LEU A . n 
A 1 101 GLN 101 101 101 GLN GLN A . n 
A 1 102 SER 102 102 102 SER SER A . n 
A 1 103 GLY 103 103 103 GLY GLY A . n 
A 1 104 ILE 104 104 104 ILE ILE A . n 
A 1 105 ARG 105 105 105 ARG ARG A . n 
A 1 106 HIS 106 106 106 HIS HIS A . n 
A 1 107 PRO 107 107 107 PRO PRO A . n 
A 1 108 GLU 108 108 108 GLU GLU A . n 
A 1 109 PHE 109 109 109 PHE PHE A . n 
A 1 110 GLU 110 110 110 GLU GLU A . n 
A 1 111 LYS 111 111 111 LYS LYS A . n 
A 1 112 ALA 112 112 112 ALA ALA A . n 
A 1 113 LEU 113 113 113 LEU LEU A . n 
A 1 114 LYS 114 114 114 LYS LYS A . n 
A 1 115 GLU 115 115 115 GLU GLU A . n 
A 1 116 ALA 116 116 116 ALA ALA A . n 
A 1 117 GLY 117 117 117 GLY GLY A . n 
A 1 118 ILE 118 118 118 ILE ILE A . n 
A 1 119 PRO 119 119 119 PRO PRO A . n 
A 1 120 VAL 120 120 120 VAL VAL A . n 
A 1 121 VAL 121 121 121 VAL VAL A . n 
A 1 122 ALA 122 122 122 ALA ALA A . n 
A 1 123 ASP 123 123 123 ASP ASP A . n 
A 1 124 ARG 124 124 124 ARG ARG A . n 
A 1 125 CYS 125 125 125 CYS CYS A . n 
A 1 126 LEU 126 126 126 LEU LEU A . n 
A 1 127 MET 127 127 127 MET MET A . n 
A 1 128 VAL 128 128 128 VAL VAL A . n 
A 1 129 GLU 129 129 129 GLU GLU A . n 
A 1 130 HIS 130 130 130 HIS HIS A . n 
A 1 131 LYS 131 131 131 LYS LYS A . n 
A 1 132 ARG 132 132 132 ARG ARG A . n 
A 1 133 LEU 133 133 133 LEU LEU A . n 
A 1 134 PHE 134 134 134 PHE PHE A . n 
A 1 135 ARG 135 135 135 ARG ARG A . n 
A 1 136 GLY 136 136 136 GLY GLY A . n 
A 1 137 PRO 137 137 ?   ?   ?   A . n 
A 1 138 LEU 138 138 ?   ?   ?   A . n 
A 1 139 PRO 139 139 ?   ?   ?   A . n 
A 1 140 LEU 140 140 ?   ?   ?   A . n 
# 
_pdbx_SG_project.id                    1 
_pdbx_SG_project.project_name          ? 
_pdbx_SG_project.full_name_of_center   'RIKEN Structural Genomics/Proteomics Initiative' 
_pdbx_SG_project.initial_of_center     RSGI 
# 
loop_
_pdbx_nonpoly_scheme.asym_id 
_pdbx_nonpoly_scheme.entity_id 
_pdbx_nonpoly_scheme.mon_id 
_pdbx_nonpoly_scheme.ndb_seq_num 
_pdbx_nonpoly_scheme.pdb_seq_num 
_pdbx_nonpoly_scheme.auth_seq_num 
_pdbx_nonpoly_scheme.pdb_mon_id 
_pdbx_nonpoly_scheme.auth_mon_id 
_pdbx_nonpoly_scheme.pdb_strand_id 
_pdbx_nonpoly_scheme.pdb_ins_code 
B 2 HOH 1  201 201 HOH HOH A . 
B 2 HOH 2  202 202 HOH HOH A . 
B 2 HOH 3  203 203 HOH HOH A . 
B 2 HOH 4  204 204 HOH HOH A . 
B 2 HOH 5  205 205 HOH HOH A . 
B 2 HOH 6  206 206 HOH HOH A . 
B 2 HOH 7  207 207 HOH HOH A . 
B 2 HOH 8  208 208 HOH HOH A . 
B 2 HOH 9  209 209 HOH HOH A . 
B 2 HOH 10 210 210 HOH HOH A . 
B 2 HOH 11 211 211 HOH HOH A . 
B 2 HOH 12 212 212 HOH HOH A . 
B 2 HOH 13 213 213 HOH HOH A . 
B 2 HOH 14 214 214 HOH HOH A . 
B 2 HOH 15 215 215 HOH HOH A . 
B 2 HOH 16 216 216 HOH HOH A . 
B 2 HOH 17 217 217 HOH HOH A . 
B 2 HOH 18 218 218 HOH HOH A . 
B 2 HOH 19 219 219 HOH HOH A . 
B 2 HOH 20 220 220 HOH HOH A . 
B 2 HOH 21 221 221 HOH HOH A . 
B 2 HOH 22 222 222 HOH HOH A . 
B 2 HOH 23 223 223 HOH HOH A . 
B 2 HOH 24 224 224 HOH HOH A . 
B 2 HOH 25 225 225 HOH HOH A . 
B 2 HOH 26 226 226 HOH HOH A . 
B 2 HOH 27 227 227 HOH HOH A . 
B 2 HOH 28 228 228 HOH HOH A . 
B 2 HOH 29 229 229 HOH HOH A . 
B 2 HOH 30 230 230 HOH HOH A . 
B 2 HOH 31 231 231 HOH HOH A . 
B 2 HOH 32 232 232 HOH HOH A . 
B 2 HOH 33 233 233 HOH HOH A . 
B 2 HOH 34 234 234 HOH HOH A . 
B 2 HOH 35 235 235 HOH HOH A . 
B 2 HOH 36 236 236 HOH HOH A . 
B 2 HOH 37 237 237 HOH HOH A . 
B 2 HOH 38 238 238 HOH HOH A . 
B 2 HOH 39 239 239 HOH HOH A . 
B 2 HOH 40 240 240 HOH HOH A . 
B 2 HOH 41 241 241 HOH HOH A . 
B 2 HOH 42 242 242 HOH HOH A . 
B 2 HOH 43 243 243 HOH HOH A . 
B 2 HOH 44 244 244 HOH HOH A . 
B 2 HOH 45 245 245 HOH HOH A . 
B 2 HOH 46 246 246 HOH HOH A . 
B 2 HOH 47 247 247 HOH HOH A . 
B 2 HOH 48 248 248 HOH HOH A . 
B 2 HOH 49 249 249 HOH HOH A . 
B 2 HOH 50 250 250 HOH HOH A . 
B 2 HOH 51 251 251 HOH HOH A . 
B 2 HOH 52 252 252 HOH HOH A . 
B 2 HOH 53 253 253 HOH HOH A . 
B 2 HOH 54 254 254 HOH HOH A . 
B 2 HOH 55 255 255 HOH HOH A . 
B 2 HOH 56 256 256 HOH HOH A . 
B 2 HOH 57 257 257 HOH HOH A . 
B 2 HOH 58 258 258 HOH HOH A . 
B 2 HOH 59 259 259 HOH HOH A . 
B 2 HOH 60 260 260 HOH HOH A . 
B 2 HOH 61 261 261 HOH HOH A . 
B 2 HOH 62 262 262 HOH HOH A . 
B 2 HOH 63 263 263 HOH HOH A . 
B 2 HOH 64 264 264 HOH HOH A . 
B 2 HOH 65 265 265 HOH HOH A . 
B 2 HOH 66 266 266 HOH HOH A . 
B 2 HOH 67 267 267 HOH HOH A . 
B 2 HOH 68 268 268 HOH HOH A . 
B 2 HOH 69 269 269 HOH HOH A . 
B 2 HOH 70 270 270 HOH HOH A . 
B 2 HOH 71 271 271 HOH HOH A . 
B 2 HOH 72 272 272 HOH HOH A . 
B 2 HOH 73 273 273 HOH HOH A . 
B 2 HOH 74 274 274 HOH HOH A . 
B 2 HOH 75 275 275 HOH HOH A . 
B 2 HOH 76 276 276 HOH HOH A . 
B 2 HOH 77 277 277 HOH HOH A . 
B 2 HOH 78 278 278 HOH HOH A . 
B 2 HOH 79 279 279 HOH HOH A . 
B 2 HOH 80 280 280 HOH HOH A . 
B 2 HOH 81 281 281 HOH HOH A . 
B 2 HOH 82 282 282 HOH HOH A . 
B 2 HOH 83 283 283 HOH HOH A . 
B 2 HOH 84 284 284 HOH HOH A . 
B 2 HOH 85 285 285 HOH HOH A . 
# 
_pdbx_struct_assembly.id                   1 
_pdbx_struct_assembly.details              author_defined_assembly 
_pdbx_struct_assembly.method_details       ? 
_pdbx_struct_assembly.oligomeric_details   monomeric 
_pdbx_struct_assembly.oligomeric_count     1 
# 
_pdbx_struct_assembly_gen.assembly_id       1 
_pdbx_struct_assembly_gen.oper_expression   1 
_pdbx_struct_assembly_gen.asym_id_list      A,B 
# 
_pdbx_struct_oper_list.id                   1 
_pdbx_struct_oper_list.type                 'identity operation' 
_pdbx_struct_oper_list.name                 1_555 
_pdbx_struct_oper_list.symmetry_operation   x,y,z 
_pdbx_struct_oper_list.matrix[1][1]         1.0000000000 
_pdbx_struct_oper_list.matrix[1][2]         0.0000000000 
_pdbx_struct_oper_list.matrix[1][3]         0.0000000000 
_pdbx_struct_oper_list.vector[1]            0.0000000000 
_pdbx_struct_oper_list.matrix[2][1]         0.0000000000 
_pdbx_struct_oper_list.matrix[2][2]         1.0000000000 
_pdbx_struct_oper_list.matrix[2][3]         0.0000000000 
_pdbx_struct_oper_list.vector[2]            0.0000000000 
_pdbx_struct_oper_list.matrix[3][1]         0.0000000000 
_pdbx_struct_oper_list.matrix[3][2]         0.0000000000 
_pdbx_struct_oper_list.matrix[3][3]         1.0000000000 
_pdbx_struct_oper_list.vector[3]            0.0000000000 
# 
loop_
_pdbx_audit_revision_history.ordinal 
_pdbx_audit_revision_history.data_content_type 
_pdbx_audit_revision_history.major_revision 
_pdbx_audit_revision_history.minor_revision 
_pdbx_audit_revision_history.revision_date 
1 'Structure model' 1 0 2003-07-15 
2 'Structure model' 1 1 2008-04-27 
3 'Structure model' 1 2 2011-07-13 
4 'Structure model' 1 3 2014-04-16 
5 'Structure model' 1 4 2023-10-25 
# 
_pdbx_audit_revision_details.ordinal             1 
_pdbx_audit_revision_details.revision_ordinal    1 
_pdbx_audit_revision_details.data_content_type   'Structure model' 
_pdbx_audit_revision_details.provider            repository 
_pdbx_audit_revision_details.type                'Initial release' 
_pdbx_audit_revision_details.description         ? 
_pdbx_audit_revision_details.details             ? 
# 
loop_
_pdbx_audit_revision_group.ordinal 
_pdbx_audit_revision_group.revision_ordinal 
_pdbx_audit_revision_group.data_content_type 
_pdbx_audit_revision_group.group 
1 2 'Structure model' 'Version format compliance' 
2 3 'Structure model' 'Version format compliance' 
3 4 'Structure model' Other                       
4 5 'Structure model' 'Data collection'           
5 5 'Structure model' 'Database references'       
6 5 'Structure model' 'Refinement description'    
# 
loop_
_pdbx_audit_revision_category.ordinal 
_pdbx_audit_revision_category.revision_ordinal 
_pdbx_audit_revision_category.data_content_type 
_pdbx_audit_revision_category.category 
1 5 'Structure model' chem_comp_atom                
2 5 'Structure model' chem_comp_bond                
3 5 'Structure model' database_2                    
4 5 'Structure model' pdbx_initial_refinement_model 
# 
loop_
_pdbx_audit_revision_item.ordinal 
_pdbx_audit_revision_item.revision_ordinal 
_pdbx_audit_revision_item.data_content_type 
_pdbx_audit_revision_item.item 
1 5 'Structure model' '_database_2.pdbx_DOI'                
2 5 'Structure model' '_database_2.pdbx_database_accession' 
# 
loop_
_software.name 
_software.classification 
_software.version 
_software.citation_id 
_software.pdbx_ordinal 
HKL-2000  'data collection' .     ? 1 
SCALEPACK 'data scaling'    .     ? 2 
MOLREP    phasing           .     ? 3 
X-PLOR    refinement        3.851 ? 4 
HKL-2000  'data reduction'  .     ? 5 
# 
loop_
_pdbx_validate_torsion.id 
_pdbx_validate_torsion.PDB_model_num 
_pdbx_validate_torsion.auth_comp_id 
_pdbx_validate_torsion.auth_asym_id 
_pdbx_validate_torsion.auth_seq_id 
_pdbx_validate_torsion.PDB_ins_code 
_pdbx_validate_torsion.label_alt_id 
_pdbx_validate_torsion.phi 
_pdbx_validate_torsion.psi 
1 1 LYS A 14  ? ? -121.92 -55.47 
2 1 ASN A 47  ? ? -172.79 115.15 
3 1 HIS A 106 ? ? -165.15 93.54  
4 1 ARG A 135 ? ? -142.85 -29.04 
# 
loop_
_pdbx_unobs_or_zero_occ_residues.id 
_pdbx_unobs_or_zero_occ_residues.PDB_model_num 
_pdbx_unobs_or_zero_occ_residues.polymer_flag 
_pdbx_unobs_or_zero_occ_residues.occupancy_flag 
_pdbx_unobs_or_zero_occ_residues.auth_asym_id 
_pdbx_unobs_or_zero_occ_residues.auth_comp_id 
_pdbx_unobs_or_zero_occ_residues.auth_seq_id 
_pdbx_unobs_or_zero_occ_residues.PDB_ins_code 
_pdbx_unobs_or_zero_occ_residues.label_asym_id 
_pdbx_unobs_or_zero_occ_residues.label_comp_id 
_pdbx_unobs_or_zero_occ_residues.label_seq_id 
1 1 Y 1 A PRO 137 ? A PRO 137 
2 1 Y 1 A LEU 138 ? A LEU 138 
3 1 Y 1 A PRO 139 ? A PRO 139 
4 1 Y 1 A LEU 140 ? A LEU 140 
# 
loop_
_chem_comp_atom.comp_id 
_chem_comp_atom.atom_id 
_chem_comp_atom.type_symbol 
_chem_comp_atom.pdbx_aromatic_flag 
_chem_comp_atom.pdbx_stereo_config 
_chem_comp_atom.pdbx_ordinal 
ALA N    N N N 1   
ALA CA   C N S 2   
ALA C    C N N 3   
ALA O    O N N 4   
ALA CB   C N N 5   
ALA OXT  O N N 6   
ALA H    H N N 7   
ALA H2   H N N 8   
ALA HA   H N N 9   
ALA HB1  H N N 10  
ALA HB2  H N N 11  
ALA HB3  H N N 12  
ALA HXT  H N N 13  
ARG N    N N N 14  
ARG CA   C N S 15  
ARG C    C N N 16  
ARG O    O N N 17  
ARG CB   C N N 18  
ARG CG   C N N 19  
ARG CD   C N N 20  
ARG NE   N N N 21  
ARG CZ   C N N 22  
ARG NH1  N N N 23  
ARG NH2  N N N 24  
ARG OXT  O N N 25  
ARG H    H N N 26  
ARG H2   H N N 27  
ARG HA   H N N 28  
ARG HB2  H N N 29  
ARG HB3  H N N 30  
ARG HG2  H N N 31  
ARG HG3  H N N 32  
ARG HD2  H N N 33  
ARG HD3  H N N 34  
ARG HE   H N N 35  
ARG HH11 H N N 36  
ARG HH12 H N N 37  
ARG HH21 H N N 38  
ARG HH22 H N N 39  
ARG HXT  H N N 40  
ASN N    N N N 41  
ASN CA   C N S 42  
ASN C    C N N 43  
ASN O    O N N 44  
ASN CB   C N N 45  
ASN CG   C N N 46  
ASN OD1  O N N 47  
ASN ND2  N N N 48  
ASN OXT  O N N 49  
ASN H    H N N 50  
ASN H2   H N N 51  
ASN HA   H N N 52  
ASN HB2  H N N 53  
ASN HB3  H N N 54  
ASN HD21 H N N 55  
ASN HD22 H N N 56  
ASN HXT  H N N 57  
ASP N    N N N 58  
ASP CA   C N S 59  
ASP C    C N N 60  
ASP O    O N N 61  
ASP CB   C N N 62  
ASP CG   C N N 63  
ASP OD1  O N N 64  
ASP OD2  O N N 65  
ASP OXT  O N N 66  
ASP H    H N N 67  
ASP H2   H N N 68  
ASP HA   H N N 69  
ASP HB2  H N N 70  
ASP HB3  H N N 71  
ASP HD2  H N N 72  
ASP HXT  H N N 73  
CYS N    N N N 74  
CYS CA   C N R 75  
CYS C    C N N 76  
CYS O    O N N 77  
CYS CB   C N N 78  
CYS SG   S N N 79  
CYS OXT  O N N 80  
CYS H    H N N 81  
CYS H2   H N N 82  
CYS HA   H N N 83  
CYS HB2  H N N 84  
CYS HB3  H N N 85  
CYS HG   H N N 86  
CYS HXT  H N N 87  
GLN N    N N N 88  
GLN CA   C N S 89  
GLN C    C N N 90  
GLN O    O N N 91  
GLN CB   C N N 92  
GLN CG   C N N 93  
GLN CD   C N N 94  
GLN OE1  O N N 95  
GLN NE2  N N N 96  
GLN OXT  O N N 97  
GLN H    H N N 98  
GLN H2   H N N 99  
GLN HA   H N N 100 
GLN HB2  H N N 101 
GLN HB3  H N N 102 
GLN HG2  H N N 103 
GLN HG3  H N N 104 
GLN HE21 H N N 105 
GLN HE22 H N N 106 
GLN HXT  H N N 107 
GLU N    N N N 108 
GLU CA   C N S 109 
GLU C    C N N 110 
GLU O    O N N 111 
GLU CB   C N N 112 
GLU CG   C N N 113 
GLU CD   C N N 114 
GLU OE1  O N N 115 
GLU OE2  O N N 116 
GLU OXT  O N N 117 
GLU H    H N N 118 
GLU H2   H N N 119 
GLU HA   H N N 120 
GLU HB2  H N N 121 
GLU HB3  H N N 122 
GLU HG2  H N N 123 
GLU HG3  H N N 124 
GLU HE2  H N N 125 
GLU HXT  H N N 126 
GLY N    N N N 127 
GLY CA   C N N 128 
GLY C    C N N 129 
GLY O    O N N 130 
GLY OXT  O N N 131 
GLY H    H N N 132 
GLY H2   H N N 133 
GLY HA2  H N N 134 
GLY HA3  H N N 135 
GLY HXT  H N N 136 
HIS N    N N N 137 
HIS CA   C N S 138 
HIS C    C N N 139 
HIS O    O N N 140 
HIS CB   C N N 141 
HIS CG   C Y N 142 
HIS ND1  N Y N 143 
HIS CD2  C Y N 144 
HIS CE1  C Y N 145 
HIS NE2  N Y N 146 
HIS OXT  O N N 147 
HIS H    H N N 148 
HIS H2   H N N 149 
HIS HA   H N N 150 
HIS HB2  H N N 151 
HIS HB3  H N N 152 
HIS HD1  H N N 153 
HIS HD2  H N N 154 
HIS HE1  H N N 155 
HIS HE2  H N N 156 
HIS HXT  H N N 157 
HOH O    O N N 158 
HOH H1   H N N 159 
HOH H2   H N N 160 
ILE N    N N N 161 
ILE CA   C N S 162 
ILE C    C N N 163 
ILE O    O N N 164 
ILE CB   C N S 165 
ILE CG1  C N N 166 
ILE CG2  C N N 167 
ILE CD1  C N N 168 
ILE OXT  O N N 169 
ILE H    H N N 170 
ILE H2   H N N 171 
ILE HA   H N N 172 
ILE HB   H N N 173 
ILE HG12 H N N 174 
ILE HG13 H N N 175 
ILE HG21 H N N 176 
ILE HG22 H N N 177 
ILE HG23 H N N 178 
ILE HD11 H N N 179 
ILE HD12 H N N 180 
ILE HD13 H N N 181 
ILE HXT  H N N 182 
LEU N    N N N 183 
LEU CA   C N S 184 
LEU C    C N N 185 
LEU O    O N N 186 
LEU CB   C N N 187 
LEU CG   C N N 188 
LEU CD1  C N N 189 
LEU CD2  C N N 190 
LEU OXT  O N N 191 
LEU H    H N N 192 
LEU H2   H N N 193 
LEU HA   H N N 194 
LEU HB2  H N N 195 
LEU HB3  H N N 196 
LEU HG   H N N 197 
LEU HD11 H N N 198 
LEU HD12 H N N 199 
LEU HD13 H N N 200 
LEU HD21 H N N 201 
LEU HD22 H N N 202 
LEU HD23 H N N 203 
LEU HXT  H N N 204 
LYS N    N N N 205 
LYS CA   C N S 206 
LYS C    C N N 207 
LYS O    O N N 208 
LYS CB   C N N 209 
LYS CG   C N N 210 
LYS CD   C N N 211 
LYS CE   C N N 212 
LYS NZ   N N N 213 
LYS OXT  O N N 214 
LYS H    H N N 215 
LYS H2   H N N 216 
LYS HA   H N N 217 
LYS HB2  H N N 218 
LYS HB3  H N N 219 
LYS HG2  H N N 220 
LYS HG3  H N N 221 
LYS HD2  H N N 222 
LYS HD3  H N N 223 
LYS HE2  H N N 224 
LYS HE3  H N N 225 
LYS HZ1  H N N 226 
LYS HZ2  H N N 227 
LYS HZ3  H N N 228 
LYS HXT  H N N 229 
MET N    N N N 230 
MET CA   C N S 231 
MET C    C N N 232 
MET O    O N N 233 
MET CB   C N N 234 
MET CG   C N N 235 
MET SD   S N N 236 
MET CE   C N N 237 
MET OXT  O N N 238 
MET H    H N N 239 
MET H2   H N N 240 
MET HA   H N N 241 
MET HB2  H N N 242 
MET HB3  H N N 243 
MET HG2  H N N 244 
MET HG3  H N N 245 
MET HE1  H N N 246 
MET HE2  H N N 247 
MET HE3  H N N 248 
MET HXT  H N N 249 
PHE N    N N N 250 
PHE CA   C N S 251 
PHE C    C N N 252 
PHE O    O N N 253 
PHE CB   C N N 254 
PHE CG   C Y N 255 
PHE CD1  C Y N 256 
PHE CD2  C Y N 257 
PHE CE1  C Y N 258 
PHE CE2  C Y N 259 
PHE CZ   C Y N 260 
PHE OXT  O N N 261 
PHE H    H N N 262 
PHE H2   H N N 263 
PHE HA   H N N 264 
PHE HB2  H N N 265 
PHE HB3  H N N 266 
PHE HD1  H N N 267 
PHE HD2  H N N 268 
PHE HE1  H N N 269 
PHE HE2  H N N 270 
PHE HZ   H N N 271 
PHE HXT  H N N 272 
PRO N    N N N 273 
PRO CA   C N S 274 
PRO C    C N N 275 
PRO O    O N N 276 
PRO CB   C N N 277 
PRO CG   C N N 278 
PRO CD   C N N 279 
PRO OXT  O N N 280 
PRO H    H N N 281 
PRO HA   H N N 282 
PRO HB2  H N N 283 
PRO HB3  H N N 284 
PRO HG2  H N N 285 
PRO HG3  H N N 286 
PRO HD2  H N N 287 
PRO HD3  H N N 288 
PRO HXT  H N N 289 
SER N    N N N 290 
SER CA   C N S 291 
SER C    C N N 292 
SER O    O N N 293 
SER CB   C N N 294 
SER OG   O N N 295 
SER OXT  O N N 296 
SER H    H N N 297 
SER H2   H N N 298 
SER HA   H N N 299 
SER HB2  H N N 300 
SER HB3  H N N 301 
SER HG   H N N 302 
SER HXT  H N N 303 
THR N    N N N 304 
THR CA   C N S 305 
THR C    C N N 306 
THR O    O N N 307 
THR CB   C N R 308 
THR OG1  O N N 309 
THR CG2  C N N 310 
THR OXT  O N N 311 
THR H    H N N 312 
THR H2   H N N 313 
THR HA   H N N 314 
THR HB   H N N 315 
THR HG1  H N N 316 
THR HG21 H N N 317 
THR HG22 H N N 318 
THR HG23 H N N 319 
THR HXT  H N N 320 
TRP N    N N N 321 
TRP CA   C N S 322 
TRP C    C N N 323 
TRP O    O N N 324 
TRP CB   C N N 325 
TRP CG   C Y N 326 
TRP CD1  C Y N 327 
TRP CD2  C Y N 328 
TRP NE1  N Y N 329 
TRP CE2  C Y N 330 
TRP CE3  C Y N 331 
TRP CZ2  C Y N 332 
TRP CZ3  C Y N 333 
TRP CH2  C Y N 334 
TRP OXT  O N N 335 
TRP H    H N N 336 
TRP H2   H N N 337 
TRP HA   H N N 338 
TRP HB2  H N N 339 
TRP HB3  H N N 340 
TRP HD1  H N N 341 
TRP HE1  H N N 342 
TRP HE3  H N N 343 
TRP HZ2  H N N 344 
TRP HZ3  H N N 345 
TRP HH2  H N N 346 
TRP HXT  H N N 347 
TYR N    N N N 348 
TYR CA   C N S 349 
TYR C    C N N 350 
TYR O    O N N 351 
TYR CB   C N N 352 
TYR CG   C Y N 353 
TYR CD1  C Y N 354 
TYR CD2  C Y N 355 
TYR CE1  C Y N 356 
TYR CE2  C Y N 357 
TYR CZ   C Y N 358 
TYR OH   O N N 359 
TYR OXT  O N N 360 
TYR H    H N N 361 
TYR H2   H N N 362 
TYR HA   H N N 363 
TYR HB2  H N N 364 
TYR HB3  H N N 365 
TYR HD1  H N N 366 
TYR HD2  H N N 367 
TYR HE1  H N N 368 
TYR HE2  H N N 369 
TYR HH   H N N 370 
TYR HXT  H N N 371 
VAL N    N N N 372 
VAL CA   C N S 373 
VAL C    C N N 374 
VAL O    O N N 375 
VAL CB   C N N 376 
VAL CG1  C N N 377 
VAL CG2  C N N 378 
VAL OXT  O N N 379 
VAL H    H N N 380 
VAL H2   H N N 381 
VAL HA   H N N 382 
VAL HB   H N N 383 
VAL HG11 H N N 384 
VAL HG12 H N N 385 
VAL HG13 H N N 386 
VAL HG21 H N N 387 
VAL HG22 H N N 388 
VAL HG23 H N N 389 
VAL HXT  H N N 390 
# 
loop_
_chem_comp_bond.comp_id 
_chem_comp_bond.atom_id_1 
_chem_comp_bond.atom_id_2 
_chem_comp_bond.value_order 
_chem_comp_bond.pdbx_aromatic_flag 
_chem_comp_bond.pdbx_stereo_config 
_chem_comp_bond.pdbx_ordinal 
ALA N   CA   sing N N 1   
ALA N   H    sing N N 2   
ALA N   H2   sing N N 3   
ALA CA  C    sing N N 4   
ALA CA  CB   sing N N 5   
ALA CA  HA   sing N N 6   
ALA C   O    doub N N 7   
ALA C   OXT  sing N N 8   
ALA CB  HB1  sing N N 9   
ALA CB  HB2  sing N N 10  
ALA CB  HB3  sing N N 11  
ALA OXT HXT  sing N N 12  
ARG N   CA   sing N N 13  
ARG N   H    sing N N 14  
ARG N   H2   sing N N 15  
ARG CA  C    sing N N 16  
ARG CA  CB   sing N N 17  
ARG CA  HA   sing N N 18  
ARG C   O    doub N N 19  
ARG C   OXT  sing N N 20  
ARG CB  CG   sing N N 21  
ARG CB  HB2  sing N N 22  
ARG CB  HB3  sing N N 23  
ARG CG  CD   sing N N 24  
ARG CG  HG2  sing N N 25  
ARG CG  HG3  sing N N 26  
ARG CD  NE   sing N N 27  
ARG CD  HD2  sing N N 28  
ARG CD  HD3  sing N N 29  
ARG NE  CZ   sing N N 30  
ARG NE  HE   sing N N 31  
ARG CZ  NH1  sing N N 32  
ARG CZ  NH2  doub N N 33  
ARG NH1 HH11 sing N N 34  
ARG NH1 HH12 sing N N 35  
ARG NH2 HH21 sing N N 36  
ARG NH2 HH22 sing N N 37  
ARG OXT HXT  sing N N 38  
ASN N   CA   sing N N 39  
ASN N   H    sing N N 40  
ASN N   H2   sing N N 41  
ASN CA  C    sing N N 42  
ASN CA  CB   sing N N 43  
ASN CA  HA   sing N N 44  
ASN C   O    doub N N 45  
ASN C   OXT  sing N N 46  
ASN CB  CG   sing N N 47  
ASN CB  HB2  sing N N 48  
ASN CB  HB3  sing N N 49  
ASN CG  OD1  doub N N 50  
ASN CG  ND2  sing N N 51  
ASN ND2 HD21 sing N N 52  
ASN ND2 HD22 sing N N 53  
ASN OXT HXT  sing N N 54  
ASP N   CA   sing N N 55  
ASP N   H    sing N N 56  
ASP N   H2   sing N N 57  
ASP CA  C    sing N N 58  
ASP CA  CB   sing N N 59  
ASP CA  HA   sing N N 60  
ASP C   O    doub N N 61  
ASP C   OXT  sing N N 62  
ASP CB  CG   sing N N 63  
ASP CB  HB2  sing N N 64  
ASP CB  HB3  sing N N 65  
ASP CG  OD1  doub N N 66  
ASP CG  OD2  sing N N 67  
ASP OD2 HD2  sing N N 68  
ASP OXT HXT  sing N N 69  
CYS N   CA   sing N N 70  
CYS N   H    sing N N 71  
CYS N   H2   sing N N 72  
CYS CA  C    sing N N 73  
CYS CA  CB   sing N N 74  
CYS CA  HA   sing N N 75  
CYS C   O    doub N N 76  
CYS C   OXT  sing N N 77  
CYS CB  SG   sing N N 78  
CYS CB  HB2  sing N N 79  
CYS CB  HB3  sing N N 80  
CYS SG  HG   sing N N 81  
CYS OXT HXT  sing N N 82  
GLN N   CA   sing N N 83  
GLN N   H    sing N N 84  
GLN N   H2   sing N N 85  
GLN CA  C    sing N N 86  
GLN CA  CB   sing N N 87  
GLN CA  HA   sing N N 88  
GLN C   O    doub N N 89  
GLN C   OXT  sing N N 90  
GLN CB  CG   sing N N 91  
GLN CB  HB2  sing N N 92  
GLN CB  HB3  sing N N 93  
GLN CG  CD   sing N N 94  
GLN CG  HG2  sing N N 95  
GLN CG  HG3  sing N N 96  
GLN CD  OE1  doub N N 97  
GLN CD  NE2  sing N N 98  
GLN NE2 HE21 sing N N 99  
GLN NE2 HE22 sing N N 100 
GLN OXT HXT  sing N N 101 
GLU N   CA   sing N N 102 
GLU N   H    sing N N 103 
GLU N   H2   sing N N 104 
GLU CA  C    sing N N 105 
GLU CA  CB   sing N N 106 
GLU CA  HA   sing N N 107 
GLU C   O    doub N N 108 
GLU C   OXT  sing N N 109 
GLU CB  CG   sing N N 110 
GLU CB  HB2  sing N N 111 
GLU CB  HB3  sing N N 112 
GLU CG  CD   sing N N 113 
GLU CG  HG2  sing N N 114 
GLU CG  HG3  sing N N 115 
GLU CD  OE1  doub N N 116 
GLU CD  OE2  sing N N 117 
GLU OE2 HE2  sing N N 118 
GLU OXT HXT  sing N N 119 
GLY N   CA   sing N N 120 
GLY N   H    sing N N 121 
GLY N   H2   sing N N 122 
GLY CA  C    sing N N 123 
GLY CA  HA2  sing N N 124 
GLY CA  HA3  sing N N 125 
GLY C   O    doub N N 126 
GLY C   OXT  sing N N 127 
GLY OXT HXT  sing N N 128 
HIS N   CA   sing N N 129 
HIS N   H    sing N N 130 
HIS N   H2   sing N N 131 
HIS CA  C    sing N N 132 
HIS CA  CB   sing N N 133 
HIS CA  HA   sing N N 134 
HIS C   O    doub N N 135 
HIS C   OXT  sing N N 136 
HIS CB  CG   sing N N 137 
HIS CB  HB2  sing N N 138 
HIS CB  HB3  sing N N 139 
HIS CG  ND1  sing Y N 140 
HIS CG  CD2  doub Y N 141 
HIS ND1 CE1  doub Y N 142 
HIS ND1 HD1  sing N N 143 
HIS CD2 NE2  sing Y N 144 
HIS CD2 HD2  sing N N 145 
HIS CE1 NE2  sing Y N 146 
HIS CE1 HE1  sing N N 147 
HIS NE2 HE2  sing N N 148 
HIS OXT HXT  sing N N 149 
HOH O   H1   sing N N 150 
HOH O   H2   sing N N 151 
ILE N   CA   sing N N 152 
ILE N   H    sing N N 153 
ILE N   H2   sing N N 154 
ILE CA  C    sing N N 155 
ILE CA  CB   sing N N 156 
ILE CA  HA   sing N N 157 
ILE C   O    doub N N 158 
ILE C   OXT  sing N N 159 
ILE CB  CG1  sing N N 160 
ILE CB  CG2  sing N N 161 
ILE CB  HB   sing N N 162 
ILE CG1 CD1  sing N N 163 
ILE CG1 HG12 sing N N 164 
ILE CG1 HG13 sing N N 165 
ILE CG2 HG21 sing N N 166 
ILE CG2 HG22 sing N N 167 
ILE CG2 HG23 sing N N 168 
ILE CD1 HD11 sing N N 169 
ILE CD1 HD12 sing N N 170 
ILE CD1 HD13 sing N N 171 
ILE OXT HXT  sing N N 172 
LEU N   CA   sing N N 173 
LEU N   H    sing N N 174 
LEU N   H2   sing N N 175 
LEU CA  C    sing N N 176 
LEU CA  CB   sing N N 177 
LEU CA  HA   sing N N 178 
LEU C   O    doub N N 179 
LEU C   OXT  sing N N 180 
LEU CB  CG   sing N N 181 
LEU CB  HB2  sing N N 182 
LEU CB  HB3  sing N N 183 
LEU CG  CD1  sing N N 184 
LEU CG  CD2  sing N N 185 
LEU CG  HG   sing N N 186 
LEU CD1 HD11 sing N N 187 
LEU CD1 HD12 sing N N 188 
LEU CD1 HD13 sing N N 189 
LEU CD2 HD21 sing N N 190 
LEU CD2 HD22 sing N N 191 
LEU CD2 HD23 sing N N 192 
LEU OXT HXT  sing N N 193 
LYS N   CA   sing N N 194 
LYS N   H    sing N N 195 
LYS N   H2   sing N N 196 
LYS CA  C    sing N N 197 
LYS CA  CB   sing N N 198 
LYS CA  HA   sing N N 199 
LYS C   O    doub N N 200 
LYS C   OXT  sing N N 201 
LYS CB  CG   sing N N 202 
LYS CB  HB2  sing N N 203 
LYS CB  HB3  sing N N 204 
LYS CG  CD   sing N N 205 
LYS CG  HG2  sing N N 206 
LYS CG  HG3  sing N N 207 
LYS CD  CE   sing N N 208 
LYS CD  HD2  sing N N 209 
LYS CD  HD3  sing N N 210 
LYS CE  NZ   sing N N 211 
LYS CE  HE2  sing N N 212 
LYS CE  HE3  sing N N 213 
LYS NZ  HZ1  sing N N 214 
LYS NZ  HZ2  sing N N 215 
LYS NZ  HZ3  sing N N 216 
LYS OXT HXT  sing N N 217 
MET N   CA   sing N N 218 
MET N   H    sing N N 219 
MET N   H2   sing N N 220 
MET CA  C    sing N N 221 
MET CA  CB   sing N N 222 
MET CA  HA   sing N N 223 
MET C   O    doub N N 224 
MET C   OXT  sing N N 225 
MET CB  CG   sing N N 226 
MET CB  HB2  sing N N 227 
MET CB  HB3  sing N N 228 
MET CG  SD   sing N N 229 
MET CG  HG2  sing N N 230 
MET CG  HG3  sing N N 231 
MET SD  CE   sing N N 232 
MET CE  HE1  sing N N 233 
MET CE  HE2  sing N N 234 
MET CE  HE3  sing N N 235 
MET OXT HXT  sing N N 236 
PHE N   CA   sing N N 237 
PHE N   H    sing N N 238 
PHE N   H2   sing N N 239 
PHE CA  C    sing N N 240 
PHE CA  CB   sing N N 241 
PHE CA  HA   sing N N 242 
PHE C   O    doub N N 243 
PHE C   OXT  sing N N 244 
PHE CB  CG   sing N N 245 
PHE CB  HB2  sing N N 246 
PHE CB  HB3  sing N N 247 
PHE CG  CD1  doub Y N 248 
PHE CG  CD2  sing Y N 249 
PHE CD1 CE1  sing Y N 250 
PHE CD1 HD1  sing N N 251 
PHE CD2 CE2  doub Y N 252 
PHE CD2 HD2  sing N N 253 
PHE CE1 CZ   doub Y N 254 
PHE CE1 HE1  sing N N 255 
PHE CE2 CZ   sing Y N 256 
PHE CE2 HE2  sing N N 257 
PHE CZ  HZ   sing N N 258 
PHE OXT HXT  sing N N 259 
PRO N   CA   sing N N 260 
PRO N   CD   sing N N 261 
PRO N   H    sing N N 262 
PRO CA  C    sing N N 263 
PRO CA  CB   sing N N 264 
PRO CA  HA   sing N N 265 
PRO C   O    doub N N 266 
PRO C   OXT  sing N N 267 
PRO CB  CG   sing N N 268 
PRO CB  HB2  sing N N 269 
PRO CB  HB3  sing N N 270 
PRO CG  CD   sing N N 271 
PRO CG  HG2  sing N N 272 
PRO CG  HG3  sing N N 273 
PRO CD  HD2  sing N N 274 
PRO CD  HD3  sing N N 275 
PRO OXT HXT  sing N N 276 
SER N   CA   sing N N 277 
SER N   H    sing N N 278 
SER N   H2   sing N N 279 
SER CA  C    sing N N 280 
SER CA  CB   sing N N 281 
SER CA  HA   sing N N 282 
SER C   O    doub N N 283 
SER C   OXT  sing N N 284 
SER CB  OG   sing N N 285 
SER CB  HB2  sing N N 286 
SER CB  HB3  sing N N 287 
SER OG  HG   sing N N 288 
SER OXT HXT  sing N N 289 
THR N   CA   sing N N 290 
THR N   H    sing N N 291 
THR N   H2   sing N N 292 
THR CA  C    sing N N 293 
THR CA  CB   sing N N 294 
THR CA  HA   sing N N 295 
THR C   O    doub N N 296 
THR C   OXT  sing N N 297 
THR CB  OG1  sing N N 298 
THR CB  CG2  sing N N 299 
THR CB  HB   sing N N 300 
THR OG1 HG1  sing N N 301 
THR CG2 HG21 sing N N 302 
THR CG2 HG22 sing N N 303 
THR CG2 HG23 sing N N 304 
THR OXT HXT  sing N N 305 
TRP N   CA   sing N N 306 
TRP N   H    sing N N 307 
TRP N   H2   sing N N 308 
TRP CA  C    sing N N 309 
TRP CA  CB   sing N N 310 
TRP CA  HA   sing N N 311 
TRP C   O    doub N N 312 
TRP C   OXT  sing N N 313 
TRP CB  CG   sing N N 314 
TRP CB  HB2  sing N N 315 
TRP CB  HB3  sing N N 316 
TRP CG  CD1  doub Y N 317 
TRP CG  CD2  sing Y N 318 
TRP CD1 NE1  sing Y N 319 
TRP CD1 HD1  sing N N 320 
TRP CD2 CE2  doub Y N 321 
TRP CD2 CE3  sing Y N 322 
TRP NE1 CE2  sing Y N 323 
TRP NE1 HE1  sing N N 324 
TRP CE2 CZ2  sing Y N 325 
TRP CE3 CZ3  doub Y N 326 
TRP CE3 HE3  sing N N 327 
TRP CZ2 CH2  doub Y N 328 
TRP CZ2 HZ2  sing N N 329 
TRP CZ3 CH2  sing Y N 330 
TRP CZ3 HZ3  sing N N 331 
TRP CH2 HH2  sing N N 332 
TRP OXT HXT  sing N N 333 
TYR N   CA   sing N N 334 
TYR N   H    sing N N 335 
TYR N   H2   sing N N 336 
TYR CA  C    sing N N 337 
TYR CA  CB   sing N N 338 
TYR CA  HA   sing N N 339 
TYR C   O    doub N N 340 
TYR C   OXT  sing N N 341 
TYR CB  CG   sing N N 342 
TYR CB  HB2  sing N N 343 
TYR CB  HB3  sing N N 344 
TYR CG  CD1  doub Y N 345 
TYR CG  CD2  sing Y N 346 
TYR CD1 CE1  sing Y N 347 
TYR CD1 HD1  sing N N 348 
TYR CD2 CE2  doub Y N 349 
TYR CD2 HD2  sing N N 350 
TYR CE1 CZ   doub Y N 351 
TYR CE1 HE1  sing N N 352 
TYR CE2 CZ   sing Y N 353 
TYR CE2 HE2  sing N N 354 
TYR CZ  OH   sing N N 355 
TYR OH  HH   sing N N 356 
TYR OXT HXT  sing N N 357 
VAL N   CA   sing N N 358 
VAL N   H    sing N N 359 
VAL N   H2   sing N N 360 
VAL CA  C    sing N N 361 
VAL CA  CB   sing N N 362 
VAL CA  HA   sing N N 363 
VAL C   O    doub N N 364 
VAL C   OXT  sing N N 365 
VAL CB  CG1  sing N N 366 
VAL CB  CG2  sing N N 367 
VAL CB  HB   sing N N 368 
VAL CG1 HG11 sing N N 369 
VAL CG1 HG12 sing N N 370 
VAL CG1 HG13 sing N N 371 
VAL CG2 HG21 sing N N 372 
VAL CG2 HG22 sing N N 373 
VAL CG2 HG23 sing N N 374 
VAL OXT HXT  sing N N 375 
# 
_pdbx_entity_nonpoly.entity_id   2 
_pdbx_entity_nonpoly.name        water 
_pdbx_entity_nonpoly.comp_id     HOH 
# 
_pdbx_initial_refinement_model.id               1 
_pdbx_initial_refinement_model.entity_id_list   ? 
_pdbx_initial_refinement_model.type             'experimental model' 
_pdbx_initial_refinement_model.source_name      PDB 
_pdbx_initial_refinement_model.accession_code   1IUL 
_pdbx_initial_refinement_model.details          'PDB ENTRY 1IUL' 
# 
